data_7AUW
#
_entry.id   7AUW
#
_cell.length_a   126.66
_cell.length_b   88.24
_cell.length_c   156.66
_cell.angle_alpha   90
_cell.angle_beta   113.82
_cell.angle_gamma   90
#
_symmetry.space_group_name_H-M   'P 1 21 1'
#
loop_
_entity.id
_entity.type
_entity.pdbx_description
1 polymer 'Meprin A subunit beta'
2 polymer Fetuin-B
3 branched alpha-D-mannopyranose-(1-3)-[alpha-D-mannopyranose-(1-6)]beta-D-mannopyranose-(1-4)-2-acetamido-2-deoxy-beta-D-glucopyranose-(1-4)-[alpha-L-fucopyranose-(1-3)][alpha-L-fucopyranose-(1-6)]2-acetamido-2-deoxy-beta-D-glucopyranose
4 branched beta-D-mannopyranose-(1-4)-2-acetamido-2-deoxy-beta-D-glucopyranose-(1-4)-2-acetamido-2-deoxy-beta-D-glucopyranose
5 branched alpha-D-mannopyranose-(1-6)-beta-D-mannopyranose-(1-4)-2-acetamido-2-deoxy-beta-D-glucopyranose-(1-4)-[alpha-L-fucopyranose-(1-3)][alpha-L-fucopyranose-(1-6)]2-acetamido-2-deoxy-beta-D-glucopyranose
6 branched 2-acetamido-2-deoxy-beta-D-glucopyranose-(1-4)-[alpha-L-fucopyranose-(1-6)]2-acetamido-2-deoxy-beta-D-glucopyranose
7 branched alpha-D-glucopyranose-(1-3)-alpha-D-mannopyranose-(1-2)-alpha-D-mannopyranose-(1-2)-alpha-D-mannopyranose-(1-3)-[alpha-D-mannopyranose-(1-2)-alpha-D-mannopyranose-(1-3)-[alpha-D-mannopyranose-(1-2)-alpha-D-mannopyranose-(1-6)]alpha-D-mannopyranose-(1-6)]beta-D-mannopyranose-(1-4)-2-acetamido-2-deoxy-beta-D-glucopyranose-(1-4)-2-acetamido-2-deoxy-beta-D-glucopyranose
8 branched alpha-L-fucopyranose-(1-3)-[alpha-L-fucopyranose-(1-6)]2-acetamido-2-deoxy-beta-D-glucopyranose
9 branched beta-D-mannopyranose-(1-4)-2-acetamido-2-deoxy-beta-D-glucopyranose-(1-4)-[alpha-L-fucopyranose-(1-3)]2-acetamido-2-deoxy-beta-D-glucopyranose
10 branched alpha-L-fucopyranose-(1-3)-[2-acetamido-2-deoxy-beta-D-glucopyranose-(1-4)]2-acetamido-2-deoxy-beta-D-glucopyranose
11 non-polymer 'SODIUM ION'
12 non-polymer 'ZINC ION'
13 non-polymer 'SULFATE ION'
14 non-polymer 2-acetamido-2-deoxy-beta-D-glucopyranose
15 water water
#
loop_
_entity_poly.entity_id
_entity_poly.type
_entity_poly.pdbx_seq_one_letter_code
_entity_poly.pdbx_strand_id
1 'polypeptide(L)'
;NSIIGEKYRWPHTIPYVLEDSLEMNAKGVILNAFERYRLKTCIDFKPWAGETNYISVFKGSGCWSSVGNRRVGKQELSIG
ANCDRIATVQHEFLHALGFWHEQSRSDRDDYVRIMWDRILSGREHNFNTYSDDISDSLNVPYDYTSVMHYSKTAFQNGTE
PTIVTRISDFEDVIGQRMDFSDSDLLKLNQLYNCSSSLSFMDSCSFELENVCGMIQSSGDNADWQRVSQVPRGPESDHSN
MGQCQGSGFFMHFDSSSVNVGATAVLESRTLYPKRGFQCLQFYLYNSGSESDQLNIYIREYSADNVDGNLTLVEEIKEIP
TGSWQLYHVTLKVTKKFRVVFEGRKGSGASLGGLSIDDINLSETRCPHHIWHIRNFTQFIGSPNGTLYSPPFYSSKGYAF
QIYLNLAHVTNAGIYFHLISGANDDQLQWPCPWQQATMTLLDQNPDIRQRMSNQRSITTDPFMTTDNGNYFWDRPSKVGT
VALFSNGTQFRRGGGYGTSAFITHERLKSRDFIKGDDVYILLTVEDISHLNSTQIQLTPAPSVQDLCPSK
;
A,C
2 'polypeptide(L)'
;MGLLRLLVLCTLAACCMARSPPAPPLPQRPLSPLHPLGCNDSEVLAVAGFALQNINRDQKDGYMLSLNRVHDVREHYQED
MGSLFYLTLDVLETDCHVLSRKAQKDCKPRMFYESVYGQCKAMFHINKPRRVLYLPAYNCTLRPVSKRKTHTTCPDCPSP
IDLSNPSALEAATESLAKFNSKSPSKKYELVKVTKAMNQWVSGPAYYVEYLIKEAPCTKSQASCSLQHSDSEPVGICQGS
TVQSSLRHVPLIQPVEKSVTVTCEFFESQAQVPGDENPAVTQGPQKLPQKNTAPTSSPSVTAPRGSIQHLPELDDEKPEE
SKGGSPEEAFPVQLDLTTNPQGDTLDVSFLYLEPGDKKLVVLPFPGKEQRSAECPGPEKENNPLVLPPHHHHHH
;
B,D
#
# COMPACT_ATOMS: atom_id res chain seq x y z
N ASN A 1 -6.14 -4.43 -16.94
CA ASN A 1 -5.63 -5.67 -16.37
C ASN A 1 -6.52 -6.09 -15.23
N SER A 2 -6.70 -5.21 -14.21
CA SER A 2 -7.57 -5.53 -13.09
C SER A 2 -9.03 -5.30 -13.46
N ILE A 3 -9.96 -6.09 -12.92
CA ILE A 3 -11.38 -5.93 -13.21
C ILE A 3 -11.94 -4.77 -12.35
N ILE A 4 -12.84 -3.98 -12.95
CA ILE A 4 -13.39 -2.82 -12.29
C ILE A 4 -14.72 -3.15 -11.60
N GLY A 5 -14.72 -2.99 -10.29
CA GLY A 5 -15.89 -3.23 -9.45
C GLY A 5 -15.47 -3.65 -8.06
N GLU A 6 -16.09 -3.04 -7.04
CA GLU A 6 -15.82 -3.35 -5.63
C GLU A 6 -16.24 -4.80 -5.29
N LYS A 7 -17.26 -5.31 -5.97
CA LYS A 7 -17.76 -6.66 -5.73
C LYS A 7 -16.78 -7.74 -6.17
N TYR A 8 -15.83 -7.44 -7.07
CA TYR A 8 -14.87 -8.46 -7.53
C TYR A 8 -13.62 -8.57 -6.64
N ARG A 9 -13.74 -8.12 -5.37
CA ARG A 9 -12.67 -8.15 -4.39
C ARG A 9 -12.90 -9.23 -3.37
N TRP A 10 -11.85 -9.96 -3.05
CA TRP A 10 -11.91 -10.98 -2.01
C TRP A 10 -11.49 -10.38 -0.67
N PRO A 11 -11.93 -10.92 0.48
CA PRO A 11 -11.39 -10.45 1.76
C PRO A 11 -9.91 -10.85 1.81
N HIS A 12 -9.05 -10.00 2.37
CA HIS A 12 -7.61 -10.24 2.40
C HIS A 12 -7.19 -11.67 2.78
N THR A 13 -7.95 -12.31 3.66
CA THR A 13 -7.69 -13.70 4.05
C THR A 13 -8.81 -14.58 3.43
N ILE A 14 -8.48 -15.19 2.26
CA ILE A 14 -9.34 -16.00 1.40
C ILE A 14 -9.55 -17.41 1.93
N PRO A 15 -10.82 -17.82 2.10
CA PRO A 15 -11.09 -19.18 2.55
C PRO A 15 -10.94 -20.17 1.38
N TYR A 16 -10.19 -21.25 1.58
CA TYR A 16 -9.93 -22.22 0.53
C TYR A 16 -10.22 -23.65 0.99
N VAL A 17 -10.44 -24.56 0.04
CA VAL A 17 -10.61 -26.00 0.26
C VAL A 17 -9.77 -26.72 -0.78
N LEU A 18 -8.86 -27.58 -0.34
CA LEU A 18 -7.99 -28.33 -1.25
C LEU A 18 -8.59 -29.71 -1.46
N GLU A 19 -9.59 -29.77 -2.36
CA GLU A 19 -10.36 -30.96 -2.70
C GLU A 19 -9.52 -32.21 -2.91
N ASP A 20 -10.07 -33.37 -2.53
CA ASP A 20 -9.44 -34.68 -2.58
C ASP A 20 -9.03 -35.12 -3.98
N SER A 21 -9.63 -34.53 -5.02
CA SER A 21 -9.32 -34.86 -6.40
C SER A 21 -7.90 -34.43 -6.79
N LEU A 22 -7.33 -33.40 -6.13
CA LEU A 22 -5.99 -32.89 -6.41
C LEU A 22 -4.89 -33.93 -6.26
N GLU A 23 -3.82 -33.81 -7.05
CA GLU A 23 -2.67 -34.72 -6.97
C GLU A 23 -1.88 -34.42 -5.68
N MET A 24 -1.05 -35.37 -5.19
CA MET A 24 -0.27 -35.10 -3.98
C MET A 24 0.74 -33.98 -4.24
N ASN A 25 1.38 -34.01 -5.40
CA ASN A 25 2.33 -32.96 -5.76
C ASN A 25 1.64 -31.62 -5.86
N ALA A 26 0.46 -31.57 -6.52
CA ALA A 26 -0.34 -30.37 -6.66
C ALA A 26 -0.71 -29.79 -5.29
N LYS A 27 -1.20 -30.64 -4.35
CA LYS A 27 -1.56 -30.18 -2.99
C LYS A 27 -0.37 -29.48 -2.33
N GLY A 28 0.79 -30.13 -2.38
CA GLY A 28 2.05 -29.61 -1.88
C GLY A 28 2.44 -28.31 -2.55
N VAL A 29 2.42 -28.24 -3.89
CA VAL A 29 2.79 -27.06 -4.68
C VAL A 29 1.90 -25.85 -4.30
N ILE A 30 0.58 -26.04 -4.22
CA ILE A 30 -0.40 -25.01 -3.85
C ILE A 30 0.00 -24.32 -2.56
N LEU A 31 0.41 -25.10 -1.56
CA LEU A 31 0.75 -24.53 -0.26
C LEU A 31 2.00 -23.73 -0.37
N ASN A 32 3.00 -24.15 -1.18
CA ASN A 32 4.20 -23.34 -1.36
C ASN A 32 3.88 -22.02 -2.08
N ALA A 33 2.88 -22.04 -2.99
CA ALA A 33 2.44 -20.83 -3.68
C ALA A 33 1.80 -19.88 -2.67
N PHE A 34 0.96 -20.39 -1.73
CA PHE A 34 0.37 -19.56 -0.68
C PHE A 34 1.47 -18.83 0.12
N GLU A 35 2.64 -19.45 0.28
CA GLU A 35 3.74 -18.83 1.00
C GLU A 35 4.38 -17.67 0.23
N ARG A 36 4.42 -17.72 -1.10
CA ARG A 36 4.93 -16.60 -1.90
C ARG A 36 3.99 -15.39 -1.76
N TYR A 37 2.68 -15.64 -1.63
CA TYR A 37 1.68 -14.61 -1.41
C TYR A 37 1.92 -14.00 -0.02
N ARG A 38 2.03 -14.86 1.01
CA ARG A 38 2.28 -14.40 2.37
C ARG A 38 3.56 -13.59 2.49
N LEU A 39 4.60 -13.95 1.73
CA LEU A 39 5.86 -13.23 1.80
C LEU A 39 5.80 -11.89 1.05
N LYS A 40 5.14 -11.83 -0.12
CA LYS A 40 5.20 -10.63 -0.94
C LYS A 40 3.91 -9.75 -0.98
N THR A 41 2.78 -10.22 -0.47
CA THR A 41 1.53 -9.47 -0.51
C THR A 41 0.82 -9.43 0.86
N CYS A 42 -0.28 -8.65 0.98
CA CYS A 42 -1.12 -8.67 2.17
C CYS A 42 -2.29 -9.70 2.00
N ILE A 43 -2.24 -10.57 0.97
CA ILE A 43 -3.23 -11.61 0.73
C ILE A 43 -2.83 -12.84 1.53
N ASP A 44 -3.79 -13.42 2.28
CA ASP A 44 -3.59 -14.62 3.09
C ASP A 44 -4.65 -15.65 2.73
N PHE A 45 -4.42 -16.90 3.12
CA PHE A 45 -5.31 -18.00 2.80
C PHE A 45 -5.57 -18.79 4.05
N LYS A 46 -6.83 -19.02 4.39
CA LYS A 46 -7.20 -19.75 5.59
C LYS A 46 -8.16 -20.89 5.22
N PRO A 47 -7.99 -22.12 5.77
CA PRO A 47 -8.93 -23.20 5.41
C PRO A 47 -10.37 -22.86 5.74
N TRP A 48 -11.25 -22.98 4.73
CA TRP A 48 -12.67 -22.68 4.81
C TRP A 48 -13.33 -23.26 6.06
N ALA A 49 -14.08 -22.42 6.77
CA ALA A 49 -14.77 -22.80 7.98
C ALA A 49 -16.21 -22.27 8.02
N GLY A 50 -16.86 -22.21 6.86
CA GLY A 50 -18.25 -21.77 6.77
C GLY A 50 -18.50 -20.43 6.11
N GLU A 51 -17.45 -19.72 5.66
CA GLU A 51 -17.60 -18.42 4.98
C GLU A 51 -18.43 -18.59 3.70
N THR A 52 -19.40 -17.68 3.45
CA THR A 52 -20.29 -17.78 2.28
C THR A 52 -19.52 -18.05 0.95
N ASN A 53 -18.58 -17.17 0.53
CA ASN A 53 -17.81 -17.43 -0.70
C ASN A 53 -16.43 -17.93 -0.35
N TYR A 54 -15.95 -18.94 -1.08
CA TYR A 54 -14.62 -19.49 -0.85
C TYR A 54 -14.07 -20.16 -2.12
N ILE A 55 -12.74 -20.13 -2.29
CA ILE A 55 -12.12 -20.79 -3.43
C ILE A 55 -12.04 -22.28 -3.13
N SER A 56 -12.15 -23.10 -4.15
CA SER A 56 -12.13 -24.55 -4.01
C SER A 56 -11.22 -25.12 -5.08
N VAL A 57 -9.99 -25.45 -4.68
CA VAL A 57 -8.98 -25.95 -5.62
C VAL A 57 -9.24 -27.40 -5.87
N PHE A 58 -9.39 -27.80 -7.13
CA PHE A 58 -9.70 -29.19 -7.46
C PHE A 58 -9.01 -29.62 -8.76
N LYS A 59 -8.87 -30.94 -8.98
CA LYS A 59 -8.23 -31.44 -10.18
C LYS A 59 -9.26 -31.50 -11.29
N GLY A 60 -9.33 -30.44 -12.10
CA GLY A 60 -10.27 -30.36 -13.21
C GLY A 60 -9.59 -30.47 -14.55
N SER A 61 -10.28 -30.02 -15.63
CA SER A 61 -9.68 -30.06 -16.95
C SER A 61 -8.64 -28.97 -17.05
N GLY A 62 -7.39 -29.29 -16.74
CA GLY A 62 -6.29 -28.33 -16.80
C GLY A 62 -6.32 -27.24 -15.74
N CYS A 63 -5.73 -26.10 -16.05
CA CYS A 63 -5.57 -24.96 -15.11
C CYS A 63 -6.43 -23.79 -15.55
N TRP A 64 -7.38 -23.37 -14.70
CA TRP A 64 -8.28 -22.24 -14.96
C TRP A 64 -8.88 -21.68 -13.67
N SER A 65 -9.39 -20.46 -13.73
CA SER A 65 -10.07 -19.77 -12.63
C SER A 65 -10.93 -18.66 -13.16
N SER A 66 -11.95 -18.28 -12.38
CA SER A 66 -12.75 -17.10 -12.75
C SER A 66 -11.98 -15.84 -12.35
N VAL A 67 -12.28 -14.70 -12.98
CA VAL A 67 -11.58 -13.44 -12.65
C VAL A 67 -12.35 -12.75 -11.55
N GLY A 68 -11.72 -12.57 -10.39
CA GLY A 68 -12.31 -11.89 -9.25
C GLY A 68 -13.27 -12.71 -8.41
N ASN A 69 -13.73 -12.15 -7.30
CA ASN A 69 -14.70 -12.80 -6.43
C ASN A 69 -16.05 -12.81 -7.12
N ARG A 70 -16.49 -13.96 -7.65
CA ARG A 70 -17.77 -13.99 -8.34
C ARG A 70 -18.99 -14.05 -7.40
N ARG A 71 -18.77 -14.14 -6.07
CA ARG A 71 -19.81 -14.16 -5.03
C ARG A 71 -20.92 -15.18 -5.37
N VAL A 72 -20.45 -16.34 -5.81
CA VAL A 72 -21.24 -17.50 -6.21
C VAL A 72 -21.53 -18.40 -4.97
N GLY A 73 -20.51 -18.56 -4.14
CA GLY A 73 -20.49 -19.38 -2.95
C GLY A 73 -19.24 -20.22 -3.10
N LYS A 74 -19.40 -21.51 -3.43
CA LYS A 74 -18.24 -22.33 -3.74
C LYS A 74 -17.76 -21.90 -5.12
N GLN A 75 -16.60 -21.24 -5.15
CA GLN A 75 -16.04 -20.79 -6.42
C GLN A 75 -14.96 -21.76 -6.78
N GLU A 76 -14.97 -22.30 -8.01
CA GLU A 76 -13.97 -23.28 -8.39
C GLU A 76 -12.73 -22.70 -9.05
N LEU A 77 -11.61 -23.31 -8.69
CA LEU A 77 -10.29 -23.05 -9.24
C LEU A 77 -9.73 -24.41 -9.56
N SER A 78 -9.28 -24.62 -10.81
CA SER A 78 -8.79 -25.93 -11.21
C SER A 78 -7.28 -25.99 -11.35
N ILE A 79 -6.67 -26.89 -10.59
CA ILE A 79 -5.25 -27.22 -10.69
C ILE A 79 -5.22 -28.69 -11.04
N GLY A 80 -5.44 -29.01 -12.31
CA GLY A 80 -5.45 -30.38 -12.75
C GLY A 80 -4.08 -30.86 -13.20
N ALA A 81 -4.06 -31.94 -14.00
CA ALA A 81 -2.85 -32.54 -14.56
C ALA A 81 -1.93 -31.52 -15.23
N ASN A 82 -0.65 -31.51 -14.84
CA ASN A 82 0.35 -30.60 -15.42
C ASN A 82 0.14 -29.11 -15.01
N CYS A 83 -0.63 -28.85 -13.95
CA CYS A 83 -0.80 -27.50 -13.41
C CYS A 83 -0.05 -27.33 -12.07
N ASP A 84 0.70 -28.35 -11.63
CA ASP A 84 1.43 -28.37 -10.37
C ASP A 84 2.76 -27.62 -10.46
N ARG A 85 2.70 -26.39 -10.93
CA ARG A 85 3.86 -25.53 -10.92
C ARG A 85 3.53 -24.32 -10.06
N ILE A 86 4.44 -23.90 -9.18
CA ILE A 86 4.17 -22.82 -8.25
C ILE A 86 3.66 -21.53 -8.95
N ALA A 87 4.32 -21.08 -10.03
CA ALA A 87 3.87 -19.88 -10.72
C ALA A 87 2.56 -20.06 -11.47
N THR A 88 2.21 -21.31 -11.81
CA THR A 88 0.92 -21.61 -12.44
C THR A 88 -0.16 -21.39 -11.37
N VAL A 89 0.08 -21.84 -10.12
CA VAL A 89 -0.84 -21.61 -9.01
C VAL A 89 -0.92 -20.10 -8.67
N GLN A 90 0.25 -19.42 -8.59
CA GLN A 90 0.30 -17.97 -8.34
C GLN A 90 -0.47 -17.18 -9.43
N HIS A 91 -0.48 -17.71 -10.69
CA HIS A 91 -1.14 -17.15 -11.87
C HIS A 91 -2.65 -17.36 -11.76
N GLU A 92 -3.09 -18.59 -11.51
CA GLU A 92 -4.53 -18.86 -11.38
C GLU A 92 -5.13 -18.15 -10.17
N PHE A 93 -4.32 -17.85 -9.15
CA PHE A 93 -4.81 -17.13 -7.98
C PHE A 93 -4.86 -15.63 -8.26
N LEU A 94 -3.98 -15.11 -9.14
CA LEU A 94 -4.08 -13.72 -9.56
C LEU A 94 -5.33 -13.49 -10.39
N HIS A 95 -5.84 -14.52 -11.10
CA HIS A 95 -7.11 -14.40 -11.82
C HIS A 95 -8.22 -14.22 -10.78
N ALA A 96 -8.25 -15.11 -9.79
CA ALA A 96 -9.20 -15.10 -8.68
C ALA A 96 -9.23 -13.76 -7.95
N LEU A 97 -8.08 -13.12 -7.76
CA LEU A 97 -7.99 -11.82 -7.06
C LEU A 97 -8.52 -10.64 -7.92
N GLY A 98 -8.64 -10.85 -9.23
CA GLY A 98 -9.23 -9.86 -10.12
C GLY A 98 -8.41 -9.46 -11.31
N PHE A 99 -7.47 -10.31 -11.75
CA PHE A 99 -6.64 -9.93 -12.87
C PHE A 99 -6.83 -10.77 -14.13
N TRP A 100 -6.92 -10.06 -15.24
CA TRP A 100 -6.91 -10.65 -16.55
C TRP A 100 -5.45 -10.83 -16.99
N HIS A 101 -5.21 -11.27 -18.23
CA HIS A 101 -3.84 -11.43 -18.69
C HIS A 101 -3.23 -10.08 -19.04
N GLU A 102 -1.90 -9.98 -19.06
CA GLU A 102 -1.23 -8.74 -19.41
C GLU A 102 -1.58 -8.27 -20.84
N GLN A 103 -1.53 -9.19 -21.83
CA GLN A 103 -1.85 -8.83 -23.21
C GLN A 103 -3.34 -8.58 -23.43
N SER A 104 -4.18 -8.62 -22.37
CA SER A 104 -5.58 -8.27 -22.51
C SER A 104 -5.86 -6.81 -22.06
N ARG A 105 -4.80 -5.98 -21.91
CA ARG A 105 -4.93 -4.58 -21.55
C ARG A 105 -5.48 -3.80 -22.74
N SER A 106 -6.01 -2.62 -22.47
CA SER A 106 -6.54 -1.76 -23.53
C SER A 106 -5.43 -1.26 -24.46
N ASP A 107 -4.24 -0.98 -23.87
CA ASP A 107 -3.07 -0.45 -24.56
C ASP A 107 -2.19 -1.52 -25.25
N ARG A 108 -2.48 -2.81 -25.01
CA ARG A 108 -1.68 -3.95 -25.46
C ARG A 108 -1.17 -3.85 -26.90
N ASP A 109 -1.98 -3.29 -27.82
CA ASP A 109 -1.61 -3.24 -29.23
C ASP A 109 -0.38 -2.37 -29.51
N ASP A 110 -0.07 -1.42 -28.61
CA ASP A 110 1.11 -0.57 -28.79
C ASP A 110 2.41 -1.30 -28.41
N TYR A 111 2.31 -2.40 -27.63
CA TYR A 111 3.47 -3.12 -27.11
C TYR A 111 3.65 -4.46 -27.80
N VAL A 112 2.57 -5.24 -27.97
CA VAL A 112 2.62 -6.52 -28.66
C VAL A 112 1.74 -6.47 -29.92
N ARG A 113 1.93 -7.45 -30.81
CA ARG A 113 1.17 -7.60 -32.02
C ARG A 113 0.58 -9.00 -32.04
N ILE A 114 -0.73 -9.14 -32.32
CA ILE A 114 -1.36 -10.47 -32.35
C ILE A 114 -1.43 -10.96 -33.78
N MET A 115 -0.69 -12.01 -34.09
CA MET A 115 -0.65 -12.60 -35.42
C MET A 115 -1.80 -13.58 -35.60
N TRP A 116 -3.02 -13.05 -35.75
CA TRP A 116 -4.29 -13.73 -35.87
C TRP A 116 -4.34 -14.96 -36.79
N ASP A 117 -3.65 -14.93 -37.94
CA ASP A 117 -3.65 -16.06 -38.89
C ASP A 117 -2.86 -17.28 -38.35
N ARG A 118 -1.92 -17.05 -37.40
CA ARG A 118 -1.12 -18.13 -36.84
C ARG A 118 -1.79 -18.79 -35.63
N ILE A 119 -2.97 -18.31 -35.18
CA ILE A 119 -3.63 -18.89 -34.02
C ILE A 119 -4.55 -20.04 -34.47
N LEU A 120 -4.71 -21.06 -33.61
CA LEU A 120 -5.58 -22.21 -33.88
C LEU A 120 -7.00 -21.72 -34.17
N SER A 121 -7.67 -22.37 -35.13
CA SER A 121 -9.02 -21.98 -35.53
C SER A 121 -10.01 -22.00 -34.33
N GLY A 122 -10.65 -20.84 -34.12
CA GLY A 122 -11.64 -20.65 -33.06
C GLY A 122 -11.09 -20.21 -31.72
N ARG A 123 -9.77 -20.03 -31.62
CA ARG A 123 -9.11 -19.66 -30.37
C ARG A 123 -8.86 -18.16 -30.28
N GLU A 124 -9.76 -17.36 -30.84
CA GLU A 124 -9.63 -15.90 -30.90
C GLU A 124 -9.90 -15.29 -29.53
N HIS A 125 -10.87 -15.85 -28.79
CA HIS A 125 -11.26 -15.34 -27.49
C HIS A 125 -10.19 -15.50 -26.43
N ASN A 126 -9.17 -16.31 -26.66
CA ASN A 126 -8.03 -16.39 -25.73
C ASN A 126 -7.12 -15.16 -25.86
N PHE A 127 -7.36 -14.28 -26.84
CA PHE A 127 -6.59 -13.07 -27.10
C PHE A 127 -7.49 -11.83 -26.99
N ASN A 128 -8.40 -11.83 -26.01
CA ASN A 128 -9.31 -10.73 -25.78
C ASN A 128 -8.57 -9.46 -25.33
N THR A 129 -9.21 -8.29 -25.48
CA THR A 129 -8.71 -7.00 -25.04
C THR A 129 -9.88 -6.32 -24.37
N TYR A 130 -9.64 -5.72 -23.20
CA TYR A 130 -10.71 -5.11 -22.44
C TYR A 130 -10.54 -3.61 -22.35
N SER A 131 -11.64 -2.90 -22.62
CA SER A 131 -11.81 -1.46 -22.61
C SER A 131 -11.46 -0.87 -21.26
N ASP A 132 -10.97 0.38 -21.24
CA ASP A 132 -10.57 1.01 -19.98
C ASP A 132 -11.74 1.22 -19.01
N ASP A 133 -13.00 0.98 -19.44
CA ASP A 133 -14.17 1.13 -18.57
C ASP A 133 -14.55 -0.22 -17.86
N ILE A 134 -13.87 -1.32 -18.16
CA ILE A 134 -14.10 -2.61 -17.48
C ILE A 134 -12.77 -3.13 -16.88
N SER A 135 -11.61 -2.72 -17.43
CA SER A 135 -10.31 -3.11 -16.92
C SER A 135 -9.46 -1.84 -16.58
N ASP A 136 -8.93 -1.79 -15.36
CA ASP A 136 -8.07 -0.71 -14.82
C ASP A 136 -6.60 -1.19 -14.77
N SER A 137 -5.72 -0.52 -15.54
CA SER A 137 -4.30 -0.90 -15.56
C SER A 137 -3.51 -0.37 -14.34
N LEU A 138 -4.20 0.35 -13.42
CA LEU A 138 -3.69 0.87 -12.16
C LEU A 138 -2.44 1.74 -12.33
N ASN A 139 -2.32 2.45 -13.46
CA ASN A 139 -1.22 3.38 -13.73
C ASN A 139 0.16 2.69 -13.74
N VAL A 140 0.21 1.42 -14.08
CA VAL A 140 1.47 0.70 -14.19
C VAL A 140 1.76 0.50 -15.68
N PRO A 141 3.00 0.74 -16.18
CA PRO A 141 3.25 0.56 -17.62
C PRO A 141 3.08 -0.90 -18.09
N TYR A 142 3.15 -1.15 -19.41
CA TYR A 142 2.99 -2.50 -19.94
C TYR A 142 4.16 -3.34 -19.52
N ASP A 143 3.86 -4.47 -18.92
CA ASP A 143 4.83 -5.37 -18.36
C ASP A 143 4.99 -6.68 -19.18
N TYR A 144 6.10 -6.80 -19.90
CA TYR A 144 6.41 -8.02 -20.64
C TYR A 144 6.75 -9.18 -19.71
N THR A 145 7.39 -8.88 -18.56
CA THR A 145 7.84 -9.90 -17.58
C THR A 145 6.73 -10.42 -16.65
N SER A 146 5.48 -10.09 -16.92
CA SER A 146 4.35 -10.44 -16.06
C SER A 146 4.15 -11.91 -15.99
N VAL A 147 3.84 -12.42 -14.79
CA VAL A 147 3.45 -13.82 -14.59
C VAL A 147 2.02 -14.07 -15.16
N MET A 148 1.33 -13.02 -15.64
CA MET A 148 0.02 -13.11 -16.26
C MET A 148 0.09 -12.86 -17.79
N HIS A 149 1.28 -12.90 -18.40
CA HIS A 149 1.41 -12.69 -19.84
C HIS A 149 1.65 -14.03 -20.57
N TYR A 150 0.91 -14.27 -21.66
CA TYR A 150 1.11 -15.45 -22.50
C TYR A 150 2.50 -15.46 -23.13
N SER A 151 2.99 -16.65 -23.48
CA SER A 151 4.25 -16.79 -24.18
C SER A 151 4.06 -16.45 -25.69
N LYS A 152 5.16 -16.31 -26.46
CA LYS A 152 5.03 -16.03 -27.89
C LYS A 152 4.31 -17.15 -28.65
N THR A 153 4.26 -18.37 -28.10
CA THR A 153 3.66 -19.51 -28.79
C THR A 153 2.25 -19.89 -28.38
N ALA A 154 1.63 -19.16 -27.44
CA ALA A 154 0.27 -19.49 -26.98
C ALA A 154 -0.74 -19.61 -28.14
N PHE A 155 -1.39 -20.78 -28.22
CA PHE A 155 -2.38 -21.19 -29.22
C PHE A 155 -1.85 -21.24 -30.67
N GLN A 156 -0.53 -21.38 -30.88
CA GLN A 156 0.04 -21.41 -32.24
C GLN A 156 -0.38 -22.65 -33.01
N ASN A 157 -0.53 -22.49 -34.35
CA ASN A 157 -0.87 -23.53 -35.31
C ASN A 157 0.35 -23.59 -36.21
N GLY A 158 1.42 -24.20 -35.72
CA GLY A 158 2.65 -24.29 -36.48
C GLY A 158 3.85 -23.97 -35.61
N THR A 159 4.96 -23.54 -36.22
CA THR A 159 6.15 -23.18 -35.44
C THR A 159 6.36 -21.67 -35.34
N GLU A 160 5.33 -20.87 -35.62
CA GLU A 160 5.45 -19.43 -35.68
C GLU A 160 4.72 -18.74 -34.54
N PRO A 161 5.33 -17.69 -33.96
CA PRO A 161 4.76 -17.07 -32.74
C PRO A 161 3.49 -16.30 -32.97
N THR A 162 2.47 -16.54 -32.14
CA THR A 162 1.21 -15.84 -32.27
C THR A 162 1.22 -14.45 -31.63
N ILE A 163 2.15 -14.19 -30.66
CA ILE A 163 2.29 -12.90 -29.98
C ILE A 163 3.68 -12.33 -30.25
N VAL A 164 3.82 -11.47 -31.27
CA VAL A 164 5.12 -10.89 -31.58
C VAL A 164 5.26 -9.58 -30.86
N THR A 165 6.13 -9.46 -29.83
CA THR A 165 6.29 -8.18 -29.13
C THR A 165 6.96 -7.22 -30.08
N ARG A 166 6.42 -5.99 -30.19
CA ARG A 166 6.92 -4.99 -31.13
C ARG A 166 8.41 -4.70 -30.90
N ILE A 167 8.89 -4.74 -29.64
CA ILE A 167 10.34 -4.63 -29.41
C ILE A 167 10.91 -6.05 -29.40
N SER A 168 11.82 -6.35 -30.35
CA SER A 168 12.44 -7.66 -30.58
C SER A 168 13.11 -8.31 -29.35
N ASP A 169 13.76 -7.51 -28.50
CA ASP A 169 14.46 -8.03 -27.33
C ASP A 169 13.52 -8.75 -26.36
N PHE A 170 12.23 -8.37 -26.33
CA PHE A 170 11.29 -8.97 -25.38
C PHE A 170 10.43 -10.06 -25.97
N GLU A 171 10.74 -10.59 -27.16
CA GLU A 171 9.86 -11.61 -27.76
C GLU A 171 9.90 -12.94 -27.02
N ASP A 172 11.01 -13.24 -26.36
CA ASP A 172 11.11 -14.47 -25.57
C ASP A 172 10.85 -14.19 -24.07
N VAL A 173 11.06 -12.95 -23.60
CA VAL A 173 10.81 -12.51 -22.24
C VAL A 173 9.37 -12.78 -21.81
N ILE A 174 8.42 -12.48 -22.70
CA ILE A 174 7.01 -12.70 -22.42
C ILE A 174 6.72 -14.19 -22.17
N GLY A 175 5.89 -14.44 -21.17
CA GLY A 175 5.49 -15.79 -20.84
C GLY A 175 6.13 -16.37 -19.60
N GLN A 176 7.11 -15.67 -18.98
CA GLN A 176 7.79 -16.19 -17.79
C GLN A 176 6.83 -16.72 -16.71
N ARG A 177 7.20 -17.85 -16.14
CA ARG A 177 6.41 -18.46 -15.09
C ARG A 177 7.34 -18.93 -13.98
N MET A 178 8.14 -17.99 -13.44
CA MET A 178 9.10 -18.17 -12.35
C MET A 178 8.54 -17.63 -11.02
N ASP A 179 8.04 -16.41 -10.99
CA ASP A 179 7.42 -15.80 -9.81
C ASP A 179 6.65 -14.54 -10.24
N PHE A 180 6.07 -13.77 -9.29
CA PHE A 180 5.41 -12.54 -9.65
C PHE A 180 6.46 -11.53 -10.14
N SER A 181 6.11 -10.72 -11.13
CA SER A 181 6.99 -9.65 -11.56
C SER A 181 6.84 -8.50 -10.56
N ASP A 182 7.73 -7.50 -10.62
CA ASP A 182 7.62 -6.37 -9.69
C ASP A 182 6.31 -5.58 -9.96
N SER A 183 5.86 -5.54 -11.23
CA SER A 183 4.62 -4.86 -11.60
C SER A 183 3.40 -5.69 -11.15
N ASP A 184 3.51 -7.04 -11.15
CA ASP A 184 2.43 -7.91 -10.69
C ASP A 184 2.07 -7.62 -9.24
N LEU A 185 3.09 -7.37 -8.41
CA LEU A 185 2.85 -7.07 -7.01
C LEU A 185 2.40 -5.62 -6.86
N LEU A 186 3.00 -4.71 -7.64
CA LEU A 186 2.65 -3.29 -7.65
C LEU A 186 1.14 -3.09 -7.84
N LYS A 187 0.51 -3.85 -8.77
CA LYS A 187 -0.92 -3.73 -9.02
C LYS A 187 -1.76 -4.44 -7.98
N LEU A 188 -1.32 -5.62 -7.52
CA LEU A 188 -2.06 -6.41 -6.53
C LEU A 188 -2.14 -5.69 -5.20
N ASN A 189 -1.01 -5.22 -4.70
CA ASN A 189 -0.93 -4.51 -3.43
C ASN A 189 -1.62 -3.12 -3.51
N GLN A 190 -1.74 -2.54 -4.72
CA GLN A 190 -2.49 -1.31 -4.89
C GLN A 190 -3.97 -1.64 -4.81
N LEU A 191 -4.39 -2.71 -5.51
CA LEU A 191 -5.76 -3.18 -5.53
C LEU A 191 -6.26 -3.51 -4.14
N TYR A 192 -5.45 -4.22 -3.35
CA TYR A 192 -5.89 -4.64 -2.03
C TYR A 192 -5.31 -3.81 -0.89
N ASN A 193 -4.79 -2.60 -1.16
CA ASN A 193 -4.30 -1.67 -0.16
C ASN A 193 -3.27 -2.29 0.76
N CYS A 194 -2.41 -3.14 0.20
CA CYS A 194 -1.39 -3.84 0.97
C CYS A 194 -0.31 -2.89 1.42
N SER A 195 -0.21 -2.74 2.74
CA SER A 195 0.83 -1.94 3.38
C SER A 195 1.87 -2.86 4.05
N SER A 196 1.48 -4.08 4.48
CA SER A 196 2.45 -5.00 5.10
C SER A 196 2.13 -6.46 4.75
N SER A 197 3.14 -7.34 4.88
CA SER A 197 3.00 -8.76 4.58
C SER A 197 3.11 -9.62 5.85
N LEU A 198 2.79 -10.92 5.75
CA LEU A 198 2.83 -11.81 6.89
C LEU A 198 4.25 -12.27 7.22
N SER A 199 5.04 -12.59 6.19
CA SER A 199 6.35 -13.19 6.41
C SER A 199 7.51 -12.23 6.38
N PHE A 200 7.42 -11.09 5.71
CA PHE A 200 8.60 -10.24 5.61
C PHE A 200 8.99 -9.61 6.98
N MET A 201 10.28 -9.70 7.35
CA MET A 201 10.77 -9.13 8.60
C MET A 201 11.83 -8.09 8.35
N ASP A 202 12.89 -8.44 7.60
CA ASP A 202 13.98 -7.50 7.37
C ASP A 202 14.84 -7.81 6.17
N SER A 203 15.39 -6.77 5.52
CA SER A 203 16.36 -6.90 4.43
C SER A 203 17.40 -5.81 4.61
N CYS A 204 18.69 -6.20 4.70
CA CYS A 204 19.77 -5.26 4.94
C CYS A 204 20.93 -5.46 3.97
N SER A 205 21.15 -4.46 3.14
CA SER A 205 22.25 -4.45 2.18
C SER A 205 23.34 -3.41 2.55
N PHE A 206 23.14 -2.63 3.65
CA PHE A 206 24.05 -1.61 4.20
C PHE A 206 24.33 -0.48 3.24
N GLU A 207 23.46 -0.25 2.25
CA GLU A 207 23.68 0.86 1.32
C GLU A 207 23.29 2.22 1.92
N LEU A 208 23.05 2.29 3.23
CA LEU A 208 22.71 3.52 3.93
C LEU A 208 23.51 3.60 5.24
N GLU A 209 23.87 4.81 5.65
CA GLU A 209 24.68 5.10 6.84
C GLU A 209 24.03 4.62 8.15
N ASN A 210 22.69 4.62 8.23
CA ASN A 210 21.98 4.18 9.42
C ASN A 210 22.00 2.66 9.63
N VAL A 211 22.54 1.90 8.63
CA VAL A 211 22.72 0.45 8.50
C VAL A 211 21.55 -0.34 9.07
N CYS A 212 20.34 -0.02 8.60
CA CYS A 212 19.11 -0.73 8.98
C CYS A 212 18.84 -0.70 10.49
N GLY A 213 19.37 0.29 11.18
CA GLY A 213 19.19 0.40 12.63
C GLY A 213 20.02 -0.58 13.43
N MET A 214 21.09 -1.13 12.84
CA MET A 214 21.93 -2.09 13.55
C MET A 214 22.91 -1.39 14.50
N ILE A 215 22.75 -1.67 15.78
CA ILE A 215 23.59 -1.10 16.81
C ILE A 215 24.76 -2.06 17.09
N GLN A 216 25.77 -1.62 17.87
CA GLN A 216 26.92 -2.47 18.18
C GLN A 216 27.27 -2.53 19.66
N SER A 217 26.40 -1.98 20.55
CA SER A 217 26.60 -1.95 22.01
C SER A 217 28.01 -1.33 22.32
N SER A 218 28.65 -1.74 23.43
CA SER A 218 30.02 -1.32 23.73
C SER A 218 30.98 -2.42 23.22
N GLY A 219 30.90 -2.71 21.89
CA GLY A 219 31.69 -3.71 21.13
C GLY A 219 33.07 -3.95 21.70
N ASP A 220 33.28 -5.15 22.26
CA ASP A 220 34.53 -5.44 22.96
C ASP A 220 35.71 -5.55 22.00
N ASN A 221 36.74 -4.68 22.24
CA ASN A 221 38.02 -4.53 21.52
C ASN A 221 37.84 -4.02 20.06
N ALA A 222 36.95 -4.64 19.28
CA ALA A 222 36.70 -4.34 17.89
C ALA A 222 35.20 -4.10 17.59
N ASP A 223 34.95 -3.40 16.46
CA ASP A 223 33.64 -3.05 15.93
C ASP A 223 33.57 -3.45 14.44
N TRP A 224 32.36 -3.71 13.95
CA TRP A 224 32.15 -3.94 12.53
C TRP A 224 32.13 -2.57 11.84
N GLN A 225 32.76 -2.43 10.67
CA GLN A 225 32.82 -1.15 9.98
C GLN A 225 32.18 -1.20 8.63
N ARG A 226 31.38 -0.17 8.30
CA ARG A 226 30.73 -0.06 7.00
C ARG A 226 31.75 0.38 5.99
N VAL A 227 32.22 -0.57 5.17
CA VAL A 227 33.22 -0.31 4.16
C VAL A 227 32.70 -0.71 2.78
N SER A 228 33.34 -0.23 1.69
CA SER A 228 32.94 -0.60 0.34
C SER A 228 33.97 -1.55 -0.34
N GLN A 229 35.08 -1.86 0.35
CA GLN A 229 36.15 -2.75 -0.10
C GLN A 229 37.15 -3.00 1.02
N VAL A 230 37.77 -4.18 1.01
CA VAL A 230 38.82 -4.54 1.96
C VAL A 230 40.04 -4.93 1.12
N PRO A 231 41.22 -4.36 1.41
CA PRO A 231 42.39 -4.62 0.57
C PRO A 231 42.64 -6.09 0.27
N ARG A 232 42.63 -6.97 1.28
CA ARG A 232 42.84 -8.40 1.04
C ARG A 232 41.62 -9.03 0.35
N GLY A 233 40.43 -8.58 0.69
CA GLY A 233 39.21 -9.08 0.09
C GLY A 233 37.97 -8.83 0.92
N PRO A 234 36.82 -8.54 0.29
CA PRO A 234 36.55 -8.47 -1.15
C PRO A 234 36.83 -7.10 -1.77
N GLU A 235 36.92 -7.05 -3.11
CA GLU A 235 37.13 -5.79 -3.83
C GLU A 235 35.85 -4.91 -3.84
N SER A 236 34.68 -5.53 -3.69
CA SER A 236 33.38 -4.85 -3.69
C SER A 236 32.40 -5.55 -2.76
N ASP A 237 31.22 -4.97 -2.54
CA ASP A 237 30.18 -5.59 -1.72
C ASP A 237 29.49 -6.76 -2.49
N HIS A 238 28.42 -7.31 -1.94
CA HIS A 238 27.69 -8.38 -2.61
C HIS A 238 26.49 -7.85 -3.36
N SER A 239 25.81 -6.81 -2.84
CA SER A 239 24.63 -6.22 -3.48
C SER A 239 24.92 -5.69 -4.89
N ASN A 240 26.07 -5.06 -5.11
CA ASN A 240 26.46 -4.58 -6.44
C ASN A 240 27.89 -5.05 -6.69
N MET A 241 28.14 -5.74 -7.80
CA MET A 241 29.50 -6.19 -8.08
C MET A 241 29.99 -5.64 -9.44
N GLY A 242 29.58 -6.27 -10.56
CA GLY A 242 29.96 -5.85 -11.90
C GLY A 242 29.31 -4.56 -12.39
N GLN A 243 28.36 -4.02 -11.60
CA GLN A 243 27.71 -2.77 -11.96
C GLN A 243 28.50 -1.61 -11.31
N CYS A 244 28.40 -1.47 -9.99
CA CYS A 244 29.10 -0.42 -9.28
C CYS A 244 29.87 -1.03 -8.09
N GLN A 245 31.09 -0.55 -7.89
CA GLN A 245 32.03 -1.03 -6.89
C GLN A 245 31.87 -0.26 -5.53
N GLY A 246 32.20 1.03 -5.51
CA GLY A 246 32.15 1.89 -4.34
C GLY A 246 30.75 2.35 -3.94
N SER A 247 29.75 2.09 -4.79
CA SER A 247 28.37 2.44 -4.47
C SER A 247 27.80 1.45 -3.41
N GLY A 248 28.30 0.22 -3.39
CA GLY A 248 27.85 -0.77 -2.44
C GLY A 248 28.71 -0.94 -1.22
N PHE A 249 28.06 -0.91 -0.05
CA PHE A 249 28.75 -1.06 1.23
C PHE A 249 28.40 -2.39 1.92
N PHE A 250 29.15 -2.73 2.98
CA PHE A 250 29.00 -3.96 3.76
C PHE A 250 29.72 -3.84 5.11
N MET A 251 29.35 -4.66 6.10
CA MET A 251 30.01 -4.62 7.40
C MET A 251 31.24 -5.49 7.39
N HIS A 252 32.35 -4.99 7.99
CA HIS A 252 33.58 -5.76 8.03
C HIS A 252 34.20 -5.82 9.43
N PHE A 253 34.70 -7.02 9.77
CA PHE A 253 35.36 -7.32 11.03
C PHE A 253 36.86 -7.56 10.77
N ASP A 254 37.71 -6.54 10.97
CA ASP A 254 39.15 -6.72 10.72
C ASP A 254 39.79 -7.52 11.83
N SER A 255 40.07 -8.78 11.52
CA SER A 255 40.72 -9.70 12.42
C SER A 255 42.25 -9.61 12.34
N SER A 256 42.82 -9.12 11.22
CA SER A 256 44.26 -9.01 11.03
C SER A 256 44.96 -8.17 12.10
N SER A 257 44.29 -7.12 12.60
CA SER A 257 44.94 -6.21 13.55
C SER A 257 44.50 -6.37 15.03
N VAL A 258 43.72 -7.42 15.37
CA VAL A 258 43.35 -7.66 16.77
C VAL A 258 44.01 -8.97 17.28
N ASN A 259 43.98 -9.25 18.62
CA ASN A 259 44.64 -10.48 19.12
C ASN A 259 43.65 -11.67 19.17
N VAL A 260 44.18 -12.87 19.39
CA VAL A 260 43.46 -14.14 19.44
C VAL A 260 42.37 -14.08 20.49
N GLY A 261 41.16 -14.47 20.10
CA GLY A 261 40.01 -14.47 20.99
C GLY A 261 39.14 -13.23 20.87
N ALA A 262 39.65 -12.15 20.26
CA ALA A 262 38.90 -10.90 20.14
C ALA A 262 37.61 -11.08 19.40
N THR A 263 36.51 -10.52 19.94
CA THR A 263 35.19 -10.63 19.29
C THR A 263 34.61 -9.26 18.99
N ALA A 264 33.86 -9.14 17.88
CA ALA A 264 33.13 -7.94 17.48
C ALA A 264 31.68 -8.34 17.21
N VAL A 265 30.74 -7.59 17.80
CA VAL A 265 29.32 -7.87 17.73
C VAL A 265 28.56 -6.81 16.95
N LEU A 266 27.54 -7.24 16.21
CA LEU A 266 26.62 -6.38 15.48
C LEU A 266 25.20 -6.85 15.75
N GLU A 267 24.48 -6.08 16.54
CA GLU A 267 23.14 -6.41 16.99
C GLU A 267 22.07 -5.69 16.19
N SER A 268 21.15 -6.43 15.59
CA SER A 268 20.04 -5.84 14.85
C SER A 268 19.09 -5.01 15.75
N ARG A 269 18.12 -4.37 15.12
CA ARG A 269 17.08 -3.65 15.85
C ARG A 269 16.03 -4.69 16.31
N THR A 270 15.06 -4.26 17.12
CA THR A 270 14.03 -5.18 17.60
C THR A 270 13.09 -5.62 16.46
N LEU A 271 12.91 -6.94 16.36
CA LEU A 271 12.07 -7.59 15.38
C LEU A 271 10.92 -8.28 16.10
N TYR A 272 9.74 -8.27 15.50
CA TYR A 272 8.56 -8.86 16.13
C TYR A 272 8.03 -10.01 15.30
N PRO A 273 8.33 -11.26 15.70
CA PRO A 273 7.83 -12.39 14.92
C PRO A 273 6.33 -12.57 15.10
N LYS A 274 5.65 -12.95 14.01
CA LYS A 274 4.21 -13.24 14.01
C LYS A 274 3.93 -14.65 13.52
N ARG A 275 4.90 -15.58 13.58
CA ARG A 275 4.69 -16.94 13.09
C ARG A 275 5.37 -17.99 13.98
N GLY A 276 6.57 -17.68 14.45
CA GLY A 276 7.31 -18.62 15.27
C GLY A 276 8.33 -19.46 14.53
N PHE A 277 8.55 -19.19 13.24
CA PHE A 277 9.61 -19.85 12.48
C PHE A 277 10.21 -18.83 11.50
N GLN A 278 11.53 -18.80 11.39
CA GLN A 278 12.21 -17.81 10.55
C GLN A 278 13.38 -18.39 9.79
N CYS A 279 13.77 -17.75 8.69
CA CYS A 279 14.98 -18.11 7.98
C CYS A 279 15.88 -16.88 7.86
N LEU A 280 16.97 -16.88 8.62
CA LEU A 280 17.95 -15.80 8.55
C LEU A 280 18.99 -16.18 7.53
N GLN A 281 19.19 -15.40 6.48
CA GLN A 281 20.19 -15.72 5.45
C GLN A 281 21.13 -14.55 5.22
N PHE A 282 22.30 -14.81 4.64
CA PHE A 282 23.29 -13.76 4.42
C PHE A 282 24.50 -14.25 3.63
N TYR A 283 25.25 -13.31 3.04
CA TYR A 283 26.46 -13.66 2.31
C TYR A 283 27.71 -13.29 3.12
N LEU A 284 28.58 -14.28 3.36
CA LEU A 284 29.79 -14.12 4.15
C LEU A 284 31.05 -14.25 3.32
N TYR A 285 31.95 -13.26 3.41
CA TYR A 285 33.24 -13.35 2.75
C TYR A 285 34.32 -13.54 3.82
N ASN A 286 35.21 -14.52 3.61
CA ASN A 286 36.31 -14.73 4.55
C ASN A 286 37.60 -14.29 3.89
N SER A 287 38.25 -13.30 4.48
CA SER A 287 39.51 -12.79 3.98
C SER A 287 40.71 -13.13 4.90
N GLY A 288 40.41 -13.52 6.15
CA GLY A 288 41.43 -13.93 7.12
C GLY A 288 41.67 -15.42 7.01
N SER A 289 42.02 -16.07 8.14
CA SER A 289 42.30 -17.51 8.12
C SER A 289 41.00 -18.35 8.35
N GLU A 290 41.08 -19.67 8.17
CA GLU A 290 39.96 -20.59 8.41
C GLU A 290 39.60 -20.69 9.93
N SER A 291 40.49 -20.19 10.84
CA SER A 291 40.33 -20.24 12.30
C SER A 291 39.32 -19.22 12.81
N ASP A 292 39.16 -18.10 12.11
CA ASP A 292 38.15 -17.11 12.51
C ASP A 292 36.73 -17.73 12.35
N GLN A 293 35.78 -17.29 13.18
CA GLN A 293 34.41 -17.83 13.12
C GLN A 293 33.34 -16.75 13.33
N LEU A 294 32.09 -17.01 12.90
CA LEU A 294 31.00 -16.06 13.07
C LEU A 294 29.87 -16.73 13.82
N ASN A 295 29.77 -16.51 15.13
CA ASN A 295 28.70 -17.11 15.92
C ASN A 295 27.45 -16.26 15.79
N ILE A 296 26.27 -16.87 15.87
CA ILE A 296 24.99 -16.14 15.80
C ILE A 296 24.18 -16.39 17.06
N TYR A 297 23.66 -15.33 17.66
CA TYR A 297 22.85 -15.39 18.87
C TYR A 297 21.48 -14.79 18.61
N ILE A 298 20.53 -15.06 19.49
CA ILE A 298 19.21 -14.49 19.42
C ILE A 298 18.92 -13.87 20.79
N ARG A 299 18.77 -12.54 20.87
CA ARG A 299 18.47 -11.91 22.15
C ARG A 299 16.98 -11.73 22.23
N GLU A 300 16.30 -12.63 22.95
CA GLU A 300 14.84 -12.63 23.06
C GLU A 300 14.41 -11.86 24.29
N TYR A 301 13.40 -10.98 24.17
CA TYR A 301 13.00 -10.16 25.32
C TYR A 301 11.72 -10.63 25.99
N SER A 302 11.85 -11.29 27.15
CA SER A 302 10.70 -11.73 27.94
C SER A 302 10.33 -10.62 28.96
N ALA A 303 9.06 -10.60 29.41
CA ALA A 303 8.59 -9.57 30.34
C ALA A 303 9.24 -9.70 31.74
N ASP A 304 9.73 -10.89 32.11
CA ASP A 304 10.36 -11.11 33.41
C ASP A 304 11.76 -10.46 33.47
N ASN A 305 12.55 -10.58 32.39
CA ASN A 305 13.85 -9.95 32.28
C ASN A 305 13.87 -9.05 31.06
N VAL A 306 13.84 -7.74 31.29
CA VAL A 306 13.81 -6.72 30.24
C VAL A 306 15.17 -6.56 29.49
N ASP A 307 16.24 -7.27 29.94
CA ASP A 307 17.57 -7.23 29.31
C ASP A 307 17.83 -8.38 28.31
N GLY A 308 16.80 -9.17 28.02
CA GLY A 308 16.91 -10.26 27.07
C GLY A 308 17.57 -11.52 27.58
N ASN A 309 17.32 -12.61 26.84
CA ASN A 309 17.85 -13.94 27.05
C ASN A 309 18.70 -14.28 25.83
N LEU A 310 19.99 -13.97 25.91
CA LEU A 310 20.91 -14.23 24.82
C LEU A 310 21.10 -15.73 24.68
N THR A 311 20.91 -16.30 23.49
CA THR A 311 21.10 -17.74 23.30
C THR A 311 21.78 -18.03 21.98
N LEU A 312 22.93 -18.70 22.03
CA LEU A 312 23.72 -19.04 20.85
C LEU A 312 22.95 -20.00 19.96
N VAL A 313 22.50 -19.53 18.78
CA VAL A 313 21.69 -20.37 17.89
C VAL A 313 22.55 -21.15 16.88
N GLU A 314 23.59 -20.54 16.30
CA GLU A 314 24.44 -21.24 15.34
C GLU A 314 25.87 -20.71 15.41
N GLU A 315 26.88 -21.55 15.19
CA GLU A 315 28.28 -21.13 15.18
C GLU A 315 28.90 -21.50 13.83
N ILE A 316 29.28 -20.50 13.01
CA ILE A 316 29.81 -20.78 11.67
C ILE A 316 31.34 -20.83 11.67
N LYS A 317 31.91 -22.01 11.51
CA LYS A 317 33.37 -22.20 11.50
C LYS A 317 33.85 -22.55 10.10
N GLU A 318 35.21 -22.64 9.89
CA GLU A 318 35.83 -23.02 8.63
C GLU A 318 35.13 -22.42 7.38
N ILE A 319 35.10 -21.07 7.31
CA ILE A 319 34.48 -20.40 6.18
C ILE A 319 35.47 -20.41 5.03
N PRO A 320 35.08 -20.91 3.83
CA PRO A 320 36.02 -20.90 2.70
C PRO A 320 36.47 -19.47 2.37
N THR A 321 37.74 -19.31 2.01
CA THR A 321 38.33 -17.98 1.83
C THR A 321 38.41 -17.48 0.41
N GLY A 322 38.00 -16.23 0.19
CA GLY A 322 38.10 -15.61 -1.12
C GLY A 322 36.89 -15.76 -2.01
N SER A 323 35.71 -15.88 -1.41
CA SER A 323 34.44 -16.05 -2.10
C SER A 323 33.27 -15.74 -1.15
N TRP A 324 32.22 -15.11 -1.66
CA TRP A 324 31.02 -14.83 -0.87
C TRP A 324 30.24 -16.11 -0.77
N GLN A 325 29.80 -16.47 0.44
CA GLN A 325 29.07 -17.71 0.63
C GLN A 325 27.69 -17.44 1.22
N LEU A 326 26.66 -18.13 0.70
CA LEU A 326 25.31 -17.98 1.22
C LEU A 326 25.12 -18.92 2.40
N TYR A 327 24.60 -18.38 3.51
CA TYR A 327 24.33 -19.17 4.70
C TYR A 327 22.88 -19.04 5.14
N HIS A 328 22.26 -20.12 5.57
CA HIS A 328 20.89 -20.10 6.08
C HIS A 328 20.84 -20.59 7.55
N VAL A 329 20.27 -19.78 8.45
CA VAL A 329 20.13 -20.17 9.85
C VAL A 329 18.66 -20.33 10.16
N THR A 330 18.28 -21.45 10.77
CA THR A 330 16.90 -21.68 11.14
C THR A 330 16.63 -21.19 12.54
N LEU A 331 15.66 -20.29 12.65
CA LEU A 331 15.22 -19.76 13.93
C LEU A 331 13.81 -20.29 14.27
N LYS A 332 13.36 -20.06 15.49
CA LYS A 332 12.04 -20.45 15.99
C LYS A 332 11.74 -19.53 17.15
N VAL A 333 11.67 -18.22 16.89
CA VAL A 333 11.45 -17.23 17.95
C VAL A 333 10.00 -16.80 17.99
N THR A 334 9.45 -16.73 19.20
CA THR A 334 8.07 -16.40 19.48
C THR A 334 7.87 -14.98 20.07
N LYS A 335 8.90 -14.42 20.72
CA LYS A 335 8.81 -13.10 21.34
C LYS A 335 9.63 -12.04 20.58
N LYS A 336 9.50 -10.73 20.94
CA LYS A 336 10.28 -9.68 20.29
C LYS A 336 11.77 -9.96 20.52
N PHE A 337 12.55 -10.02 19.43
CA PHE A 337 13.95 -10.42 19.52
C PHE A 337 14.90 -9.56 18.67
N ARG A 338 16.21 -9.75 18.87
CA ARG A 338 17.30 -9.14 18.11
C ARG A 338 18.23 -10.23 17.61
N VAL A 339 18.83 -10.06 16.44
CA VAL A 339 19.80 -11.04 15.93
C VAL A 339 21.20 -10.48 16.24
N VAL A 340 22.06 -11.26 16.88
CA VAL A 340 23.37 -10.82 17.29
C VAL A 340 24.45 -11.52 16.47
N PHE A 341 25.20 -10.77 15.67
CA PHE A 341 26.27 -11.30 14.79
C PHE A 341 27.62 -11.12 15.45
N GLU A 342 28.30 -12.20 15.82
CA GLU A 342 29.59 -12.08 16.49
C GLU A 342 30.74 -12.68 15.72
N GLY A 343 31.59 -11.82 15.19
CA GLY A 343 32.82 -12.27 14.54
C GLY A 343 33.85 -12.58 15.62
N ARG A 344 34.70 -13.59 15.43
CA ARG A 344 35.69 -13.94 16.48
C ARG A 344 37.02 -14.39 15.89
N LYS A 345 38.10 -13.62 16.15
CA LYS A 345 39.41 -13.97 15.62
C LYS A 345 39.95 -15.23 16.26
N GLY A 346 40.16 -16.25 15.43
CA GLY A 346 40.75 -17.51 15.89
C GLY A 346 42.25 -17.39 16.10
N SER A 347 42.92 -18.50 16.39
CA SER A 347 44.36 -18.47 16.59
C SER A 347 45.10 -18.80 15.31
N GLY A 348 44.97 -17.93 14.32
CA GLY A 348 45.62 -18.11 13.04
C GLY A 348 46.00 -16.80 12.39
N ALA A 349 47.18 -16.76 11.76
CA ALA A 349 47.67 -15.55 11.10
C ALA A 349 46.69 -15.11 9.99
N SER A 350 45.92 -14.05 10.27
CA SER A 350 44.93 -13.47 9.36
C SER A 350 45.43 -12.17 8.74
N LEU A 351 45.18 -12.01 7.44
CA LEU A 351 45.55 -10.77 6.75
C LEU A 351 44.32 -9.99 6.24
N GLY A 352 43.12 -10.33 6.76
CA GLY A 352 41.89 -9.65 6.38
C GLY A 352 40.86 -9.68 7.50
N GLY A 353 39.74 -10.32 7.24
CA GLY A 353 38.67 -10.43 8.23
C GLY A 353 37.36 -10.95 7.65
N LEU A 354 36.29 -10.87 8.45
CA LEU A 354 34.98 -11.33 8.04
C LEU A 354 34.13 -10.21 7.49
N SER A 355 33.58 -10.42 6.29
CA SER A 355 32.76 -9.40 5.63
C SER A 355 31.33 -9.94 5.51
N ILE A 356 30.32 -9.15 5.88
CA ILE A 356 28.93 -9.60 5.77
C ILE A 356 28.08 -8.58 5.00
N ASP A 357 27.21 -9.07 4.10
CA ASP A 357 26.32 -8.25 3.29
C ASP A 357 25.04 -9.03 2.95
N ASP A 358 24.03 -8.34 2.39
CA ASP A 358 22.78 -8.95 1.90
C ASP A 358 22.14 -9.89 2.91
N ILE A 359 21.71 -9.33 4.02
CA ILE A 359 21.07 -10.07 5.09
C ILE A 359 19.59 -10.03 4.86
N ASN A 360 18.92 -11.18 4.87
CA ASN A 360 17.46 -11.22 4.74
C ASN A 360 16.87 -12.09 5.87
N LEU A 361 15.74 -11.68 6.42
CA LEU A 361 15.05 -12.40 7.49
C LEU A 361 13.58 -12.44 7.17
N SER A 362 13.05 -13.62 7.03
CA SER A 362 11.66 -13.84 6.67
C SER A 362 11.05 -14.87 7.61
N GLU A 363 9.72 -15.06 7.61
CA GLU A 363 9.10 -16.07 8.45
C GLU A 363 8.71 -17.24 7.58
N THR A 364 9.74 -17.82 6.98
CA THR A 364 9.71 -18.90 6.03
C THR A 364 10.57 -20.07 6.49
N ARG A 365 10.43 -21.22 5.84
CA ARG A 365 11.20 -22.39 6.23
C ARG A 365 12.45 -22.47 5.36
N CYS A 366 13.62 -22.54 6.03
CA CYS A 366 14.94 -22.64 5.40
C CYS A 366 14.99 -23.84 4.49
N PRO A 367 15.80 -23.79 3.42
CA PRO A 367 15.96 -24.99 2.60
C PRO A 367 16.63 -26.12 3.42
N HIS A 368 16.26 -27.36 3.13
CA HIS A 368 16.83 -28.50 3.84
C HIS A 368 18.31 -28.64 3.46
N HIS A 369 18.64 -28.42 2.18
CA HIS A 369 20.01 -28.47 1.65
C HIS A 369 20.22 -27.43 0.57
N ILE A 370 21.48 -27.08 0.27
CA ILE A 370 21.78 -26.11 -0.78
C ILE A 370 22.92 -26.66 -1.67
N TRP A 371 22.86 -26.42 -2.99
CA TRP A 371 23.87 -26.85 -3.94
C TRP A 371 24.53 -25.59 -4.52
N HIS A 372 25.79 -25.34 -4.17
CA HIS A 372 26.54 -24.18 -4.65
C HIS A 372 27.38 -24.57 -5.87
N ILE A 373 26.99 -24.12 -7.08
CA ILE A 373 27.75 -24.43 -8.28
C ILE A 373 28.63 -23.24 -8.67
N ARG A 374 29.93 -23.45 -8.65
CA ARG A 374 30.88 -22.39 -8.99
C ARG A 374 31.24 -22.45 -10.47
N ASN A 375 31.81 -21.37 -11.03
CA ASN A 375 32.24 -21.31 -12.44
C ASN A 375 31.13 -21.80 -13.40
N PHE A 376 29.95 -21.24 -13.23
CA PHE A 376 28.72 -21.62 -13.87
C PHE A 376 28.59 -21.27 -15.33
N THR A 377 28.94 -20.05 -15.72
CA THR A 377 28.74 -19.57 -17.08
C THR A 377 29.21 -20.52 -18.19
N GLN A 378 30.34 -21.22 -18.02
CA GLN A 378 30.86 -22.08 -19.09
C GLN A 378 30.06 -23.37 -19.29
N PHE A 379 29.28 -23.83 -18.30
CA PHE A 379 28.51 -25.06 -18.47
C PHE A 379 27.28 -24.91 -19.38
N ILE A 380 26.75 -23.68 -19.48
CA ILE A 380 25.53 -23.39 -20.25
C ILE A 380 25.72 -23.58 -21.74
N GLY A 381 24.92 -24.47 -22.33
CA GLY A 381 24.96 -24.78 -23.75
C GLY A 381 26.10 -25.68 -24.19
N SER A 382 26.90 -26.17 -23.24
CA SER A 382 28.05 -27.03 -23.49
C SER A 382 27.68 -28.48 -23.31
N PRO A 383 28.16 -29.36 -24.21
CA PRO A 383 27.87 -30.80 -24.08
C PRO A 383 28.41 -31.43 -22.80
N ASN A 384 29.35 -30.76 -22.11
CA ASN A 384 29.90 -31.23 -20.83
C ASN A 384 29.24 -30.47 -19.64
N GLY A 385 27.99 -30.08 -19.79
CA GLY A 385 27.25 -29.38 -18.76
C GLY A 385 26.32 -30.32 -18.04
N THR A 386 26.84 -31.49 -17.69
CA THR A 386 26.10 -32.53 -16.96
C THR A 386 26.58 -32.53 -15.52
N LEU A 387 25.99 -31.64 -14.70
CA LEU A 387 26.39 -31.47 -13.31
C LEU A 387 25.63 -32.38 -12.38
N TYR A 388 26.34 -33.00 -11.44
CA TYR A 388 25.70 -33.85 -10.45
C TYR A 388 25.96 -33.25 -9.08
N SER A 389 24.92 -33.18 -8.26
CA SER A 389 24.97 -32.57 -6.95
C SER A 389 25.66 -33.47 -5.98
N PRO A 390 26.16 -32.91 -4.86
CA PRO A 390 26.68 -33.78 -3.79
C PRO A 390 25.55 -34.67 -3.23
N PRO A 391 25.88 -35.82 -2.66
CA PRO A 391 24.82 -36.67 -2.07
C PRO A 391 24.23 -36.02 -0.82
N PHE A 392 22.92 -36.13 -0.62
CA PHE A 392 22.25 -35.54 0.56
C PHE A 392 21.31 -36.53 1.23
N TYR A 393 20.95 -36.29 2.50
CA TYR A 393 19.97 -37.16 3.16
C TYR A 393 18.70 -36.39 3.44
N SER A 394 17.56 -36.95 3.03
CA SER A 394 16.24 -36.42 3.31
C SER A 394 16.02 -36.42 4.83
N SER A 395 14.99 -35.72 5.32
CA SER A 395 14.68 -35.73 6.77
C SER A 395 14.28 -37.16 7.24
N LYS A 396 13.86 -38.04 6.31
CA LYS A 396 13.49 -39.42 6.58
C LYS A 396 14.60 -40.44 6.27
N GLY A 397 15.84 -40.00 6.08
CA GLY A 397 16.96 -40.89 5.81
C GLY A 397 17.08 -41.34 4.36
N TYR A 398 16.30 -40.75 3.44
CA TYR A 398 16.38 -41.13 2.01
C TYR A 398 17.53 -40.39 1.36
N ALA A 399 18.53 -41.10 0.84
CA ALA A 399 19.66 -40.46 0.16
C ALA A 399 19.26 -40.07 -1.25
N PHE A 400 19.72 -38.93 -1.71
CA PHE A 400 19.36 -38.45 -3.04
C PHE A 400 20.51 -37.65 -3.65
N GLN A 401 20.36 -37.33 -4.92
CA GLN A 401 21.32 -36.58 -5.70
C GLN A 401 20.56 -35.88 -6.80
N ILE A 402 20.91 -34.61 -7.07
CA ILE A 402 20.26 -33.76 -8.08
C ILE A 402 21.11 -33.73 -9.36
N TYR A 403 20.46 -33.69 -10.54
CA TYR A 403 21.14 -33.67 -11.83
C TYR A 403 20.76 -32.43 -12.61
N LEU A 404 21.74 -31.60 -12.96
CA LEU A 404 21.48 -30.40 -13.75
C LEU A 404 22.05 -30.60 -15.12
N ASN A 405 21.20 -30.61 -16.14
CA ASN A 405 21.64 -30.81 -17.50
C ASN A 405 21.50 -29.50 -18.25
N LEU A 406 22.62 -28.99 -18.77
CA LEU A 406 22.62 -27.73 -19.52
C LEU A 406 23.20 -27.90 -20.92
N ALA A 407 23.15 -29.12 -21.50
CA ALA A 407 23.72 -29.40 -22.81
C ALA A 407 22.85 -28.96 -23.99
N HIS A 408 21.56 -28.67 -23.74
CA HIS A 408 20.64 -28.28 -24.82
C HIS A 408 20.90 -26.86 -25.27
N VAL A 409 20.79 -26.57 -26.57
CA VAL A 409 20.99 -25.22 -27.08
C VAL A 409 20.08 -24.16 -26.44
N THR A 410 18.95 -24.57 -25.83
CA THR A 410 17.99 -23.58 -25.35
C THR A 410 17.53 -23.81 -23.95
N ASN A 411 17.23 -25.05 -23.53
CA ASN A 411 16.70 -25.27 -22.19
C ASN A 411 17.68 -25.94 -21.24
N ALA A 412 17.40 -25.73 -19.96
CA ALA A 412 18.13 -26.30 -18.85
C ALA A 412 17.19 -27.22 -18.07
N GLY A 413 17.63 -28.43 -17.73
CA GLY A 413 16.78 -29.39 -17.04
C GLY A 413 17.28 -29.86 -15.70
N ILE A 414 16.37 -30.12 -14.75
CA ILE A 414 16.76 -30.57 -13.40
C ILE A 414 16.08 -31.91 -13.10
N TYR A 415 16.80 -32.86 -12.46
CA TYR A 415 16.23 -34.18 -12.17
C TYR A 415 16.55 -34.60 -10.78
N PHE A 416 15.59 -35.25 -10.14
CA PHE A 416 15.74 -35.76 -8.81
C PHE A 416 16.04 -37.23 -8.90
N HIS A 417 17.11 -37.67 -8.26
CA HIS A 417 17.48 -39.07 -8.25
C HIS A 417 17.56 -39.57 -6.85
N LEU A 418 16.95 -40.71 -6.52
CA LEU A 418 17.21 -41.32 -5.22
C LEU A 418 18.52 -42.10 -5.37
N ILE A 419 19.27 -42.35 -4.27
CA ILE A 419 20.53 -43.11 -4.33
C ILE A 419 20.64 -44.00 -3.08
N SER A 420 21.55 -45.01 -3.11
CA SER A 420 21.73 -45.88 -1.94
C SER A 420 22.39 -45.09 -0.78
N GLY A 421 21.72 -45.15 0.37
CA GLY A 421 22.14 -44.48 1.60
C GLY A 421 22.31 -45.44 2.76
N ALA A 422 22.74 -44.92 3.90
CA ALA A 422 23.02 -45.72 5.08
C ALA A 422 21.75 -46.31 5.71
N ASN A 423 20.61 -45.64 5.56
CA ASN A 423 19.36 -46.11 6.17
C ASN A 423 18.52 -47.02 5.27
N ASP A 424 18.99 -47.37 4.09
CA ASP A 424 18.20 -48.16 3.14
C ASP A 424 17.61 -49.44 3.71
N ASP A 425 18.34 -50.15 4.59
CA ASP A 425 17.81 -51.38 5.17
C ASP A 425 16.63 -51.13 6.15
N GLN A 426 16.35 -49.86 6.51
CA GLN A 426 15.29 -49.45 7.46
C GLN A 426 14.18 -48.58 6.79
N LEU A 427 14.33 -48.22 5.52
CA LEU A 427 13.35 -47.35 4.86
C LEU A 427 12.22 -48.12 4.20
N GLN A 428 11.12 -47.42 3.86
CA GLN A 428 9.97 -47.99 3.19
C GLN A 428 10.16 -47.91 1.69
N TRP A 429 10.10 -49.06 1.03
CA TRP A 429 10.25 -49.11 -0.42
C TRP A 429 8.99 -49.68 -1.04
N PRO A 430 8.51 -49.09 -2.13
CA PRO A 430 9.03 -47.91 -2.82
C PRO A 430 8.82 -46.67 -2.00
N CYS A 431 9.62 -45.66 -2.27
CA CYS A 431 9.63 -44.37 -1.61
C CYS A 431 8.25 -43.73 -1.60
N PRO A 432 7.59 -43.65 -0.45
CA PRO A 432 6.22 -43.13 -0.44
C PRO A 432 6.05 -41.65 -0.15
N TRP A 433 5.60 -40.91 -1.16
CA TRP A 433 5.17 -39.52 -1.11
C TRP A 433 6.17 -38.53 -0.46
N GLN A 434 7.40 -38.51 -0.97
CA GLN A 434 8.40 -37.54 -0.55
C GLN A 434 8.45 -36.48 -1.65
N GLN A 435 8.06 -35.24 -1.34
CA GLN A 435 8.04 -34.15 -2.30
C GLN A 435 9.38 -33.46 -2.35
N ALA A 436 10.06 -33.53 -3.48
CA ALA A 436 11.34 -32.87 -3.65
C ALA A 436 11.19 -31.55 -4.39
N THR A 437 11.50 -30.42 -3.75
CA THR A 437 11.42 -29.11 -4.39
C THR A 437 12.82 -28.61 -4.69
N MET A 438 13.08 -28.25 -5.95
CA MET A 438 14.37 -27.70 -6.35
C MET A 438 14.19 -26.28 -6.77
N THR A 439 14.90 -25.33 -6.16
CA THR A 439 14.75 -23.93 -6.53
C THR A 439 16.06 -23.30 -6.99
N LEU A 440 16.02 -22.64 -8.14
CA LEU A 440 17.14 -21.91 -8.70
C LEU A 440 17.05 -20.49 -8.18
N LEU A 441 17.84 -20.19 -7.14
CA LEU A 441 17.82 -18.90 -6.46
C LEU A 441 18.19 -17.70 -7.35
N ASP A 442 17.30 -16.70 -7.40
CA ASP A 442 17.58 -15.40 -8.00
C ASP A 442 18.25 -14.64 -6.91
N GLN A 443 19.58 -14.51 -6.93
CA GLN A 443 20.41 -13.93 -5.87
C GLN A 443 20.26 -12.40 -5.64
N ASN A 444 19.05 -11.85 -5.75
CA ASN A 444 18.81 -10.42 -5.53
C ASN A 444 19.04 -10.01 -4.10
N PRO A 445 19.62 -8.83 -3.85
CA PRO A 445 19.80 -8.38 -2.45
C PRO A 445 18.49 -8.46 -1.62
N ASP A 446 17.36 -7.97 -2.16
CA ASP A 446 16.07 -8.01 -1.47
C ASP A 446 15.36 -9.31 -1.74
N ILE A 447 14.95 -10.02 -0.67
CA ILE A 447 14.21 -11.28 -0.76
C ILE A 447 12.80 -10.99 -1.33
N ARG A 448 12.22 -9.80 -1.07
CA ARG A 448 10.93 -9.45 -1.67
C ARG A 448 11.01 -9.24 -3.22
N GLN A 449 12.21 -9.29 -3.79
CA GLN A 449 12.40 -9.03 -5.21
C GLN A 449 13.04 -10.19 -5.95
N ARG A 450 12.94 -11.41 -5.40
CA ARG A 450 13.49 -12.57 -6.03
C ARG A 450 12.40 -13.34 -6.75
N MET A 451 12.67 -13.68 -8.02
CA MET A 451 11.79 -14.48 -8.85
C MET A 451 12.51 -15.78 -9.08
N SER A 452 12.81 -16.47 -7.98
CA SER A 452 13.50 -17.76 -8.03
C SER A 452 12.62 -18.77 -8.72
N ASN A 453 13.23 -19.68 -9.53
CA ASN A 453 12.54 -20.73 -10.33
C ASN A 453 12.36 -22.01 -9.50
N GLN A 454 11.11 -22.40 -9.19
CA GLN A 454 10.88 -23.56 -8.31
C GLN A 454 10.08 -24.74 -8.92
N ARG A 455 10.64 -25.97 -8.82
CA ARG A 455 9.95 -27.17 -9.30
C ARG A 455 9.85 -28.24 -8.21
N SER A 456 8.75 -29.02 -8.21
CA SER A 456 8.51 -30.07 -7.23
C SER A 456 8.02 -31.35 -7.90
N ILE A 457 8.51 -32.50 -7.40
CA ILE A 457 8.12 -33.85 -7.79
C ILE A 457 7.82 -34.64 -6.50
N THR A 458 6.79 -35.49 -6.52
CA THR A 458 6.46 -36.30 -5.35
C THR A 458 6.60 -37.74 -5.72
N THR A 459 7.48 -38.47 -4.99
CA THR A 459 7.72 -39.89 -5.25
C THR A 459 6.43 -40.68 -5.08
N ASP A 460 5.93 -41.26 -6.19
CA ASP A 460 4.74 -42.07 -6.18
C ASP A 460 5.20 -43.51 -5.98
N PRO A 461 4.82 -44.13 -4.84
CA PRO A 461 5.24 -45.52 -4.59
C PRO A 461 4.61 -46.54 -5.56
N PHE A 462 3.65 -46.13 -6.39
CA PHE A 462 2.99 -47.05 -7.32
C PHE A 462 3.48 -46.87 -8.77
N MET A 463 4.40 -45.91 -9.04
CA MET A 463 4.92 -45.71 -10.38
C MET A 463 5.85 -46.84 -10.79
N THR A 464 5.62 -47.39 -11.98
CA THR A 464 6.40 -48.50 -12.54
C THR A 464 7.16 -48.09 -13.82
N THR A 465 8.20 -48.83 -14.17
CA THR A 465 8.98 -48.60 -15.37
C THR A 465 8.61 -49.68 -16.43
N ASP A 466 9.15 -49.59 -17.66
CA ASP A 466 8.80 -50.56 -18.72
C ASP A 466 9.13 -52.01 -18.36
N ASN A 467 10.04 -52.22 -17.38
CA ASN A 467 10.40 -53.59 -16.96
C ASN A 467 9.48 -54.14 -15.84
N GLY A 468 8.52 -53.33 -15.37
CA GLY A 468 7.59 -53.72 -14.33
C GLY A 468 8.08 -53.46 -12.93
N ASN A 469 9.25 -52.80 -12.81
CA ASN A 469 9.86 -52.46 -11.53
C ASN A 469 9.32 -51.17 -11.02
N TYR A 470 9.35 -50.94 -9.70
CA TYR A 470 8.89 -49.67 -9.16
C TYR A 470 9.96 -48.62 -9.41
N PHE A 471 9.57 -47.42 -9.89
CA PHE A 471 10.51 -46.36 -10.21
C PHE A 471 11.23 -45.87 -8.97
N TRP A 472 10.51 -45.74 -7.86
CA TRP A 472 11.10 -45.28 -6.61
C TRP A 472 11.40 -46.41 -5.63
N ASP A 473 11.68 -47.61 -6.16
CA ASP A 473 12.08 -48.74 -5.33
C ASP A 473 13.52 -48.50 -4.84
N ARG A 474 14.05 -49.38 -4.00
CA ARG A 474 15.41 -49.29 -3.48
C ARG A 474 16.44 -49.14 -4.58
N PRO A 475 17.29 -48.12 -4.52
CA PRO A 475 18.30 -47.92 -5.58
C PRO A 475 19.21 -49.13 -5.82
N SER A 476 19.42 -49.98 -4.81
CA SER A 476 20.24 -51.17 -4.97
C SER A 476 19.50 -52.29 -5.76
N LYS A 477 18.18 -52.16 -5.99
CA LYS A 477 17.38 -53.12 -6.72
C LYS A 477 17.23 -52.69 -8.20
N VAL A 478 16.74 -51.48 -8.42
CA VAL A 478 16.41 -50.92 -9.73
C VAL A 478 17.42 -49.85 -10.23
N GLY A 479 18.52 -49.63 -9.52
CA GLY A 479 19.45 -48.57 -9.87
C GLY A 479 20.70 -48.93 -10.66
N THR A 480 21.27 -47.90 -11.32
CA THR A 480 22.48 -47.96 -12.13
C THR A 480 23.71 -47.56 -11.30
N VAL A 481 24.90 -48.16 -11.57
CA VAL A 481 26.08 -47.84 -10.77
C VAL A 481 26.70 -46.50 -11.25
N ALA A 482 26.88 -45.59 -10.28
CA ALA A 482 27.42 -44.25 -10.44
C ALA A 482 28.65 -44.04 -9.53
N LEU A 483 29.46 -42.98 -9.74
CA LEU A 483 30.62 -42.73 -8.90
C LEU A 483 30.48 -41.46 -8.09
N PHE A 484 30.96 -41.51 -6.86
CA PHE A 484 31.02 -40.32 -6.02
C PHE A 484 32.27 -39.53 -6.42
N SER A 485 32.41 -38.29 -5.93
CA SER A 485 33.59 -37.46 -6.24
C SER A 485 34.90 -38.15 -5.84
N ASN A 486 34.86 -39.00 -4.81
CA ASN A 486 36.03 -39.72 -4.36
C ASN A 486 36.28 -41.06 -5.10
N GLY A 487 35.46 -41.39 -6.10
CA GLY A 487 35.63 -42.63 -6.85
C GLY A 487 34.99 -43.86 -6.25
N THR A 488 34.19 -43.70 -5.19
CA THR A 488 33.49 -44.84 -4.59
C THR A 488 32.21 -45.07 -5.41
N GLN A 489 31.94 -46.32 -5.76
CA GLN A 489 30.75 -46.65 -6.51
C GLN A 489 29.52 -46.56 -5.59
N PHE A 490 28.40 -46.17 -6.17
CA PHE A 490 27.12 -46.13 -5.49
C PHE A 490 26.03 -46.47 -6.51
N ARG A 491 24.78 -46.66 -6.05
CA ARG A 491 23.68 -46.96 -6.95
C ARG A 491 22.80 -45.76 -7.02
N ARG A 492 22.42 -45.37 -8.23
CA ARG A 492 21.58 -44.21 -8.47
C ARG A 492 20.27 -44.61 -9.17
N GLY A 493 19.17 -44.37 -8.48
CA GLY A 493 17.83 -44.62 -9.01
C GLY A 493 17.48 -43.62 -10.08
N GLY A 494 16.48 -43.94 -10.88
CA GLY A 494 16.02 -43.10 -11.99
C GLY A 494 15.78 -41.65 -11.65
N GLY A 495 16.07 -40.78 -12.61
CA GLY A 495 15.86 -39.34 -12.47
C GLY A 495 14.44 -38.94 -12.78
N TYR A 496 14.00 -37.80 -12.28
CA TYR A 496 12.61 -37.38 -12.49
C TYR A 496 12.50 -35.95 -12.17
N GLY A 497 12.13 -35.17 -13.18
CA GLY A 497 11.99 -33.74 -13.06
C GLY A 497 11.45 -33.16 -14.34
N THR A 498 12.22 -32.25 -14.94
CA THR A 498 11.79 -31.57 -16.16
C THR A 498 12.95 -31.22 -17.07
N SER A 499 12.68 -31.32 -18.35
CA SER A 499 13.65 -30.99 -19.38
C SER A 499 13.74 -29.48 -19.58
N ALA A 500 12.67 -28.71 -19.25
CA ALA A 500 12.59 -27.26 -19.36
C ALA A 500 12.40 -26.57 -17.97
N PHE A 501 13.40 -26.72 -17.09
CA PHE A 501 13.38 -26.11 -15.79
C PHE A 501 13.50 -24.59 -15.97
N ILE A 502 14.44 -24.14 -16.83
CA ILE A 502 14.63 -22.73 -17.14
C ILE A 502 15.29 -22.56 -18.53
N THR A 503 14.89 -21.57 -19.38
CA THR A 503 15.63 -21.37 -20.64
C THR A 503 17.02 -20.79 -20.31
N HIS A 504 18.00 -20.95 -21.21
CA HIS A 504 19.35 -20.44 -20.96
C HIS A 504 19.34 -18.91 -20.89
N GLU A 505 18.45 -18.26 -21.64
CA GLU A 505 18.30 -16.82 -21.61
C GLU A 505 17.72 -16.37 -20.28
N ARG A 506 16.78 -17.12 -19.67
CA ARG A 506 16.21 -16.74 -18.39
C ARG A 506 17.21 -16.93 -17.27
N LEU A 507 17.99 -18.03 -17.34
CA LEU A 507 19.06 -18.34 -16.39
C LEU A 507 20.10 -17.19 -16.38
N LYS A 508 20.44 -16.67 -17.57
CA LYS A 508 21.35 -15.55 -17.72
C LYS A 508 20.69 -14.18 -17.38
N SER A 509 19.40 -14.17 -17.00
CA SER A 509 18.71 -12.95 -16.63
C SER A 509 18.65 -12.82 -15.13
N ARG A 510 18.22 -11.65 -14.64
CA ARG A 510 18.09 -11.33 -13.21
C ARG A 510 19.45 -11.59 -12.49
N ASP A 511 19.48 -12.32 -11.34
CA ASP A 511 20.71 -12.57 -10.60
C ASP A 511 20.94 -14.03 -10.27
N PHE A 512 20.24 -14.98 -10.93
CA PHE A 512 20.45 -16.42 -10.72
C PHE A 512 21.93 -16.79 -10.70
N ILE A 513 22.71 -16.13 -11.56
CA ILE A 513 24.16 -16.27 -11.68
C ILE A 513 24.83 -15.00 -11.18
N LYS A 514 25.30 -14.99 -9.95
CA LYS A 514 25.99 -13.84 -9.39
C LYS A 514 27.38 -14.29 -8.99
N GLY A 515 28.41 -13.53 -9.38
CA GLY A 515 29.80 -13.89 -9.13
C GLY A 515 30.17 -15.25 -9.73
N ASP A 516 29.53 -15.58 -10.87
CA ASP A 516 29.66 -16.85 -11.58
C ASP A 516 29.21 -18.04 -10.74
N ASP A 517 28.48 -17.80 -9.64
CA ASP A 517 28.00 -18.89 -8.80
C ASP A 517 26.49 -19.02 -8.93
N VAL A 518 26.00 -20.24 -8.73
CA VAL A 518 24.56 -20.53 -8.78
C VAL A 518 24.20 -21.33 -7.48
N TYR A 519 22.96 -21.21 -7.00
CA TYR A 519 22.53 -21.91 -5.80
C TYR A 519 21.21 -22.64 -6.03
N ILE A 520 21.19 -23.95 -5.78
CA ILE A 520 19.99 -24.75 -5.90
C ILE A 520 19.52 -25.12 -4.49
N LEU A 521 18.46 -24.48 -4.01
CA LEU A 521 17.88 -24.69 -2.68
C LEU A 521 16.93 -25.89 -2.73
N LEU A 522 17.26 -26.94 -1.95
CA LEU A 522 16.60 -28.26 -1.93
C LEU A 522 15.80 -28.54 -0.65
N THR A 523 14.56 -29.00 -0.83
CA THR A 523 13.69 -29.39 0.26
C THR A 523 12.92 -30.65 -0.12
N VAL A 524 13.21 -31.72 0.56
CA VAL A 524 12.56 -33.01 0.41
C VAL A 524 11.73 -33.23 1.63
N GLU A 525 10.40 -33.34 1.49
CA GLU A 525 9.57 -33.52 2.68
C GLU A 525 8.42 -34.52 2.46
N ASP A 526 8.11 -35.30 3.50
CA ASP A 526 7.03 -36.27 3.48
C ASP A 526 5.71 -35.53 3.48
N ILE A 527 4.99 -35.59 2.36
CA ILE A 527 3.69 -34.92 2.27
C ILE A 527 2.52 -35.92 2.34
N SER A 528 2.78 -37.17 2.77
CA SER A 528 1.76 -38.22 2.86
C SER A 528 0.50 -37.78 3.65
N HIS A 529 0.65 -36.82 4.58
CA HIS A 529 -0.42 -36.32 5.43
C HIS A 529 -1.45 -35.44 4.69
N LEU A 530 -1.17 -35.06 3.45
CA LEU A 530 -2.04 -34.15 2.72
C LEU A 530 -3.30 -34.76 2.14
N ASN A 531 -3.35 -36.09 1.87
CA ASN A 531 -4.52 -36.63 1.19
C ASN A 531 -5.81 -36.58 2.03
N SER A 532 -5.90 -37.33 3.15
CA SER A 532 -7.13 -37.29 3.94
C SER A 532 -7.11 -36.10 4.89
N PRO B 30 -61.57 -14.68 -22.00
CA PRO B 30 -61.14 -15.09 -23.34
C PRO B 30 -61.78 -16.40 -23.80
N LEU B 31 -61.82 -16.64 -25.12
CA LEU B 31 -62.39 -17.87 -25.67
C LEU B 31 -61.33 -18.97 -25.86
N SER B 32 -60.22 -18.90 -25.11
CA SER B 32 -59.15 -19.86 -25.19
C SER B 32 -59.48 -21.13 -24.42
N PRO B 33 -59.55 -22.29 -25.10
CA PRO B 33 -59.81 -23.54 -24.38
C PRO B 33 -58.63 -23.92 -23.47
N LEU B 34 -57.41 -23.47 -23.79
CA LEU B 34 -56.22 -23.71 -22.99
C LEU B 34 -56.11 -22.66 -21.89
N HIS B 35 -56.21 -23.09 -20.63
CA HIS B 35 -56.15 -22.20 -19.48
C HIS B 35 -54.71 -21.89 -19.10
N PRO B 36 -54.39 -20.62 -18.80
CA PRO B 36 -53.01 -20.30 -18.40
C PRO B 36 -52.74 -20.72 -16.97
N LEU B 37 -51.90 -21.75 -16.79
CA LEU B 37 -51.57 -22.26 -15.46
C LEU B 37 -50.19 -21.79 -14.98
N GLY B 38 -49.99 -21.83 -13.66
CA GLY B 38 -48.73 -21.44 -13.03
C GLY B 38 -47.58 -22.36 -13.39
N CYS B 39 -46.34 -21.93 -13.08
CA CYS B 39 -45.16 -22.72 -13.45
C CYS B 39 -44.59 -23.52 -12.26
N ASN B 40 -44.99 -23.21 -11.01
CA ASN B 40 -44.53 -23.97 -9.84
C ASN B 40 -45.56 -25.02 -9.39
N ASP B 41 -46.63 -25.26 -10.18
CA ASP B 41 -47.67 -26.23 -9.83
C ASP B 41 -47.09 -27.64 -9.77
N SER B 42 -47.59 -28.45 -8.83
CA SER B 42 -47.12 -29.83 -8.68
C SER B 42 -47.39 -30.64 -9.94
N GLU B 43 -48.51 -30.37 -10.61
CA GLU B 43 -48.88 -31.08 -11.82
C GLU B 43 -48.02 -30.61 -13.02
N VAL B 44 -47.85 -29.29 -13.21
CA VAL B 44 -47.07 -28.79 -14.35
C VAL B 44 -45.60 -29.20 -14.23
N LEU B 45 -45.07 -29.34 -13.00
CA LEU B 45 -43.67 -29.74 -12.81
C LEU B 45 -43.46 -31.25 -13.05
N ALA B 46 -44.50 -32.07 -12.85
CA ALA B 46 -44.40 -33.50 -13.07
C ALA B 46 -44.62 -33.86 -14.54
N VAL B 47 -45.56 -33.18 -15.21
CA VAL B 47 -45.85 -33.45 -16.62
C VAL B 47 -44.70 -32.95 -17.51
N ALA B 48 -44.01 -31.86 -17.12
CA ALA B 48 -42.86 -31.37 -17.87
C ALA B 48 -41.71 -32.39 -17.84
N GLY B 49 -41.56 -33.09 -16.72
CA GLY B 49 -40.55 -34.13 -16.56
C GLY B 49 -40.83 -35.30 -17.48
N PHE B 50 -42.10 -35.69 -17.58
CA PHE B 50 -42.52 -36.77 -18.47
C PHE B 50 -42.33 -36.37 -19.94
N ALA B 51 -42.55 -35.09 -20.26
CA ALA B 51 -42.36 -34.56 -21.61
C ALA B 51 -40.88 -34.54 -21.97
N LEU B 52 -40.03 -34.17 -21.02
CA LEU B 52 -38.59 -34.16 -21.24
C LEU B 52 -38.06 -35.59 -21.43
N GLN B 53 -38.68 -36.59 -20.79
CA GLN B 53 -38.30 -38.00 -20.93
C GLN B 53 -38.55 -38.50 -22.34
N ASN B 54 -39.67 -38.09 -22.95
CA ASN B 54 -40.01 -38.52 -24.31
C ASN B 54 -39.16 -37.80 -25.36
N ILE B 55 -38.77 -36.54 -25.10
CA ILE B 55 -37.93 -35.77 -26.03
C ILE B 55 -36.53 -36.39 -26.09
N ASN B 56 -35.99 -36.77 -24.92
CA ASN B 56 -34.68 -37.41 -24.82
C ASN B 56 -34.73 -38.82 -25.43
N ARG B 57 -35.86 -39.53 -25.31
CA ARG B 57 -36.03 -40.86 -25.89
C ARG B 57 -36.19 -40.80 -27.41
N ASP B 58 -36.69 -39.68 -27.96
CA ASP B 58 -36.83 -39.55 -29.42
C ASP B 58 -35.49 -39.21 -30.09
N GLN B 59 -34.54 -38.62 -29.36
CA GLN B 59 -33.25 -38.27 -29.93
C GLN B 59 -32.33 -39.48 -30.05
N LYS B 60 -31.71 -39.65 -31.21
CA LYS B 60 -30.76 -40.74 -31.46
C LYS B 60 -29.30 -40.22 -31.61
N ASP B 61 -29.08 -38.90 -31.51
CA ASP B 61 -27.77 -38.27 -31.62
C ASP B 61 -27.69 -37.09 -30.68
N GLY B 62 -26.60 -36.98 -29.94
CA GLY B 62 -26.41 -35.86 -29.03
C GLY B 62 -26.51 -36.19 -27.56
N TYR B 63 -26.62 -35.15 -26.72
CA TYR B 63 -26.69 -35.34 -25.29
C TYR B 63 -28.06 -34.95 -24.74
N MET B 64 -28.49 -35.65 -23.69
CA MET B 64 -29.80 -35.46 -23.06
C MET B 64 -29.98 -34.07 -22.44
N LEU B 65 -31.21 -33.58 -22.38
CA LEU B 65 -31.50 -32.28 -21.83
C LEU B 65 -31.98 -32.37 -20.38
N SER B 66 -32.08 -31.23 -19.68
CA SER B 66 -32.53 -31.16 -18.29
C SER B 66 -33.49 -30.01 -18.11
N LEU B 67 -34.57 -30.24 -17.37
CA LEU B 67 -35.56 -29.20 -17.13
C LEU B 67 -35.09 -28.22 -16.06
N ASN B 68 -34.75 -26.99 -16.47
CA ASN B 68 -34.31 -25.98 -15.52
C ASN B 68 -35.56 -25.33 -14.90
N ARG B 69 -36.43 -24.79 -15.76
CA ARG B 69 -37.66 -24.12 -15.34
C ARG B 69 -38.68 -24.14 -16.48
N VAL B 70 -39.96 -23.96 -16.14
CA VAL B 70 -41.00 -23.92 -17.16
C VAL B 70 -41.30 -22.45 -17.47
N HIS B 71 -41.09 -22.04 -18.74
CA HIS B 71 -41.32 -20.66 -19.13
C HIS B 71 -42.81 -20.35 -19.23
N ASP B 72 -43.61 -21.27 -19.79
CA ASP B 72 -45.04 -21.05 -19.91
C ASP B 72 -45.80 -22.38 -19.92
N VAL B 73 -47.04 -22.39 -19.41
CA VAL B 73 -47.85 -23.62 -19.37
C VAL B 73 -49.32 -23.31 -19.64
N ARG B 74 -49.93 -24.04 -20.60
CA ARG B 74 -51.35 -23.94 -20.98
C ARG B 74 -52.00 -25.32 -20.89
N GLU B 75 -53.15 -25.45 -20.22
CA GLU B 75 -53.80 -26.75 -20.06
C GLU B 75 -55.21 -26.77 -20.67
N HIS B 76 -55.41 -27.57 -21.73
CA HIS B 76 -56.72 -27.70 -22.36
C HIS B 76 -57.48 -28.85 -21.71
N TYR B 77 -58.26 -28.55 -20.67
CA TYR B 77 -58.99 -29.57 -19.91
C TYR B 77 -60.28 -30.04 -20.62
N GLN B 78 -60.12 -30.85 -21.68
CA GLN B 78 -61.26 -31.43 -22.40
C GLN B 78 -61.86 -32.58 -21.59
N GLU B 79 -63.10 -32.98 -21.89
CA GLU B 79 -63.73 -34.10 -21.17
C GLU B 79 -62.96 -35.43 -21.40
N ASP B 80 -63.30 -36.50 -20.63
CA ASP B 80 -62.70 -37.84 -20.68
C ASP B 80 -61.14 -37.81 -20.58
N MET B 81 -60.60 -36.74 -19.96
CA MET B 81 -59.18 -36.48 -19.75
C MET B 81 -58.43 -36.12 -21.04
N GLY B 82 -58.96 -35.14 -21.76
CA GLY B 82 -58.30 -34.62 -22.94
C GLY B 82 -57.33 -33.51 -22.57
N SER B 83 -56.27 -33.84 -21.82
CA SER B 83 -55.32 -32.82 -21.39
C SER B 83 -54.27 -32.53 -22.46
N LEU B 84 -54.46 -31.47 -23.24
CA LEU B 84 -53.47 -31.08 -24.26
C LEU B 84 -52.57 -29.99 -23.68
N PHE B 85 -51.59 -30.38 -22.87
CA PHE B 85 -50.70 -29.43 -22.22
C PHE B 85 -49.68 -28.82 -23.19
N TYR B 86 -49.92 -27.58 -23.64
CA TYR B 86 -49.01 -26.87 -24.54
C TYR B 86 -48.01 -26.05 -23.72
N LEU B 87 -46.86 -26.65 -23.36
CA LEU B 87 -45.88 -25.99 -22.50
C LEU B 87 -44.61 -25.53 -23.24
N THR B 88 -44.05 -24.39 -22.79
CA THR B 88 -42.79 -23.82 -23.28
C THR B 88 -41.75 -24.02 -22.19
N LEU B 89 -40.74 -24.84 -22.45
CA LEU B 89 -39.75 -25.20 -21.44
C LEU B 89 -38.37 -24.59 -21.66
N ASP B 90 -37.62 -24.33 -20.57
CA ASP B 90 -36.25 -23.80 -20.59
C ASP B 90 -35.33 -24.93 -20.16
N VAL B 91 -34.47 -25.41 -21.07
CA VAL B 91 -33.64 -26.58 -20.80
C VAL B 91 -32.11 -26.33 -20.79
N LEU B 92 -31.34 -27.30 -20.25
CA LEU B 92 -29.88 -27.25 -20.19
C LEU B 92 -29.33 -28.64 -20.49
N GLU B 93 -28.36 -28.75 -21.41
CA GLU B 93 -27.77 -30.04 -21.81
C GLU B 93 -26.97 -30.67 -20.66
N THR B 94 -27.01 -32.02 -20.53
CA THR B 94 -26.30 -32.76 -19.48
C THR B 94 -25.09 -33.54 -20.06
N ASP B 95 -24.34 -34.29 -19.22
CA ASP B 95 -23.18 -35.05 -19.64
C ASP B 95 -23.51 -36.50 -20.09
N CYS B 96 -24.80 -36.85 -20.25
CA CYS B 96 -25.16 -38.20 -20.69
C CYS B 96 -25.60 -38.17 -22.13
N HIS B 97 -25.05 -39.05 -22.96
CA HIS B 97 -25.47 -39.16 -24.35
C HIS B 97 -26.88 -39.77 -24.40
N VAL B 98 -27.68 -39.41 -25.41
CA VAL B 98 -29.03 -39.95 -25.52
C VAL B 98 -29.03 -41.50 -25.63
N LEU B 99 -27.95 -42.10 -26.14
CA LEU B 99 -27.84 -43.55 -26.27
C LEU B 99 -27.54 -44.24 -24.94
N SER B 100 -27.00 -43.51 -23.94
CA SER B 100 -26.71 -44.07 -22.63
C SER B 100 -27.99 -44.45 -21.89
N ARG B 101 -29.08 -43.68 -22.13
CA ARG B 101 -30.41 -43.88 -21.54
C ARG B 101 -30.32 -43.93 -20.01
N LYS B 102 -29.53 -43.01 -19.44
CA LYS B 102 -29.36 -42.93 -17.98
C LYS B 102 -30.49 -42.12 -17.34
N ALA B 103 -30.69 -42.31 -16.04
CA ALA B 103 -31.71 -41.56 -15.32
C ALA B 103 -31.27 -40.09 -15.16
N GLN B 104 -32.24 -39.18 -15.04
CA GLN B 104 -31.97 -37.75 -14.87
C GLN B 104 -31.16 -37.47 -13.57
N LYS B 105 -31.29 -38.36 -12.55
CA LYS B 105 -30.58 -38.26 -11.29
C LYS B 105 -29.07 -38.46 -11.48
N ASP B 106 -28.69 -39.40 -12.36
CA ASP B 106 -27.27 -39.68 -12.62
C ASP B 106 -26.69 -38.81 -13.75
N CYS B 107 -27.38 -37.74 -14.17
CA CYS B 107 -26.89 -36.89 -15.24
C CYS B 107 -26.71 -35.45 -14.77
N LYS B 108 -25.47 -35.09 -14.45
CA LYS B 108 -25.09 -33.75 -14.01
C LYS B 108 -25.05 -32.81 -15.22
N PRO B 109 -25.35 -31.51 -15.03
CA PRO B 109 -25.30 -30.58 -16.16
C PRO B 109 -23.86 -30.23 -16.56
N ARG B 110 -23.69 -29.68 -17.76
CA ARG B 110 -22.39 -29.28 -18.26
C ARG B 110 -21.83 -28.10 -17.46
N MET B 111 -20.48 -28.00 -17.43
CA MET B 111 -19.80 -26.87 -16.79
C MET B 111 -20.14 -25.55 -17.54
N PHE B 112 -19.89 -24.41 -16.91
CA PHE B 112 -20.23 -23.11 -17.48
C PHE B 112 -19.48 -22.79 -18.78
N TYR B 113 -18.23 -23.25 -18.92
CA TYR B 113 -17.44 -22.95 -20.12
C TYR B 113 -17.84 -23.76 -21.35
N GLU B 114 -18.63 -24.82 -21.16
CA GLU B 114 -19.08 -25.74 -22.20
C GLU B 114 -20.61 -25.90 -22.23
N SER B 115 -21.36 -25.00 -21.57
CA SER B 115 -22.80 -25.12 -21.49
C SER B 115 -23.47 -25.00 -22.85
N VAL B 116 -24.60 -25.69 -23.00
CA VAL B 116 -25.46 -25.66 -24.17
C VAL B 116 -26.89 -25.59 -23.64
N TYR B 117 -27.57 -24.46 -23.84
CA TYR B 117 -28.91 -24.25 -23.29
C TYR B 117 -29.86 -23.66 -24.33
N GLY B 118 -31.17 -23.73 -24.05
CA GLY B 118 -32.17 -23.20 -24.95
C GLY B 118 -33.61 -23.45 -24.53
N GLN B 119 -34.54 -23.36 -25.50
CA GLN B 119 -35.96 -23.56 -25.24
C GLN B 119 -36.50 -24.76 -25.99
N CYS B 120 -37.52 -25.40 -25.41
CA CYS B 120 -38.15 -26.56 -26.01
C CYS B 120 -39.64 -26.43 -25.90
N LYS B 121 -40.30 -26.03 -27.00
CA LYS B 121 -41.75 -25.96 -27.01
C LYS B 121 -42.27 -27.37 -27.27
N ALA B 122 -43.22 -27.82 -26.45
CA ALA B 122 -43.76 -29.17 -26.60
C ALA B 122 -45.25 -29.23 -26.28
N MET B 123 -45.93 -30.19 -26.91
CA MET B 123 -47.35 -30.47 -26.69
C MET B 123 -47.48 -31.88 -26.15
N PHE B 124 -48.14 -32.06 -25.00
CA PHE B 124 -48.22 -33.36 -24.35
C PHE B 124 -49.63 -33.73 -23.97
N HIS B 125 -50.08 -34.90 -24.41
CA HIS B 125 -51.40 -35.41 -24.05
C HIS B 125 -51.27 -36.43 -22.91
N ILE B 126 -52.17 -36.35 -21.90
CA ILE B 126 -52.14 -37.26 -20.76
C ILE B 126 -53.57 -37.60 -20.35
N ASN B 127 -53.90 -38.89 -20.31
CA ASN B 127 -55.24 -39.34 -19.90
C ASN B 127 -55.15 -40.01 -18.54
N LYS B 128 -55.44 -39.26 -17.46
CA LYS B 128 -55.35 -39.78 -16.08
C LYS B 128 -56.23 -41.02 -15.81
N PRO B 129 -57.54 -41.06 -16.17
CA PRO B 129 -58.34 -42.26 -15.86
C PRO B 129 -57.93 -43.51 -16.65
N ARG B 130 -57.34 -43.33 -17.84
CA ARG B 130 -56.94 -44.48 -18.66
C ARG B 130 -55.45 -44.84 -18.52
N ARG B 131 -54.68 -44.09 -17.69
CA ARG B 131 -53.25 -44.28 -17.45
C ARG B 131 -52.45 -44.19 -18.77
N VAL B 132 -52.52 -43.04 -19.45
CA VAL B 132 -51.84 -42.84 -20.74
C VAL B 132 -51.03 -41.54 -20.76
N LEU B 133 -49.83 -41.59 -21.34
CA LEU B 133 -48.94 -40.44 -21.51
C LEU B 133 -48.40 -40.46 -22.95
N TYR B 134 -48.39 -39.31 -23.65
CA TYR B 134 -47.94 -39.26 -25.05
C TYR B 134 -47.50 -37.84 -25.48
N LEU B 135 -46.42 -37.75 -26.27
CA LEU B 135 -45.93 -36.46 -26.78
C LEU B 135 -46.13 -36.40 -28.29
N PRO B 136 -47.23 -35.79 -28.77
CA PRO B 136 -47.48 -35.78 -30.23
C PRO B 136 -46.46 -35.00 -31.06
N ALA B 137 -45.92 -33.89 -30.51
CA ALA B 137 -44.94 -33.07 -31.22
C ALA B 137 -44.14 -32.20 -30.27
N TYR B 138 -42.89 -31.96 -30.65
CA TYR B 138 -41.93 -31.13 -29.90
C TYR B 138 -40.97 -30.43 -30.85
N ASN B 139 -40.38 -29.34 -30.42
CA ASN B 139 -39.39 -28.63 -31.22
C ASN B 139 -38.46 -27.89 -30.32
N CYS B 140 -37.16 -28.05 -30.54
CA CYS B 140 -36.17 -27.45 -29.65
C CYS B 140 -35.20 -26.55 -30.40
N THR B 141 -34.70 -25.55 -29.68
CA THR B 141 -33.73 -24.60 -30.19
C THR B 141 -32.67 -24.37 -29.13
N LEU B 142 -31.45 -24.86 -29.34
CA LEU B 142 -30.38 -24.68 -28.35
C LEU B 142 -29.23 -23.87 -28.94
N ARG B 143 -28.50 -23.18 -28.06
CA ARG B 143 -27.34 -22.39 -28.45
C ARG B 143 -26.20 -22.61 -27.48
N PRO B 144 -24.96 -22.77 -27.97
CA PRO B 144 -23.83 -22.88 -27.04
C PRO B 144 -23.53 -21.54 -26.39
N VAL B 145 -23.03 -21.55 -25.16
CA VAL B 145 -22.71 -20.31 -24.43
C VAL B 145 -21.62 -19.54 -25.20
N SER B 146 -21.75 -18.19 -25.28
CA SER B 146 -20.80 -17.34 -26.01
C SER B 146 -19.38 -17.53 -25.51
N LYS B 147 -18.48 -17.98 -26.39
CA LYS B 147 -17.09 -18.18 -26.06
C LYS B 147 -16.43 -16.87 -25.59
N ARG B 148 -16.93 -15.70 -26.01
CA ARG B 148 -16.39 -14.42 -25.55
C ARG B 148 -16.71 -14.25 -24.08
N LYS B 149 -17.96 -14.53 -23.67
CA LYS B 149 -18.42 -14.38 -22.29
C LYS B 149 -17.70 -15.34 -21.36
N THR B 150 -17.40 -16.57 -21.82
CA THR B 150 -16.72 -17.53 -20.96
C THR B 150 -15.23 -17.19 -20.80
N HIS B 151 -14.61 -16.41 -21.71
CA HIS B 151 -13.20 -16.04 -21.54
C HIS B 151 -13.02 -14.71 -20.82
N THR B 152 -14.04 -13.87 -20.78
CA THR B 152 -13.98 -12.67 -19.94
C THR B 152 -14.17 -13.16 -18.49
N THR B 153 -15.03 -14.17 -18.26
CA THR B 153 -15.29 -14.69 -16.92
C THR B 153 -14.32 -15.79 -16.50
N CYS B 154 -13.56 -16.37 -17.43
CA CYS B 154 -12.59 -17.44 -17.13
C CYS B 154 -11.58 -17.53 -18.26
N PRO B 155 -10.52 -16.72 -18.21
CA PRO B 155 -9.56 -16.69 -19.32
C PRO B 155 -8.83 -18.01 -19.65
N ASP B 156 -8.49 -18.78 -18.64
CA ASP B 156 -7.74 -20.01 -18.86
C ASP B 156 -8.65 -21.28 -19.02
N CYS B 157 -9.99 -21.08 -19.07
CA CYS B 157 -10.96 -22.16 -19.20
C CYS B 157 -10.88 -22.82 -20.58
N PRO B 158 -11.20 -24.12 -20.68
CA PRO B 158 -11.23 -24.75 -22.00
C PRO B 158 -12.51 -24.33 -22.72
N SER B 159 -12.41 -24.03 -24.03
CA SER B 159 -13.59 -23.66 -24.80
C SER B 159 -13.77 -24.67 -25.92
N PRO B 160 -15.04 -24.95 -26.30
CA PRO B 160 -15.27 -25.97 -27.33
C PRO B 160 -14.79 -25.61 -28.72
N ILE B 161 -14.42 -26.63 -29.50
CA ILE B 161 -13.98 -26.50 -30.87
C ILE B 161 -14.93 -27.29 -31.79
N ASP B 162 -14.77 -27.13 -33.14
CA ASP B 162 -15.57 -27.85 -34.13
C ASP B 162 -15.41 -29.34 -33.98
N LEU B 163 -16.49 -30.11 -34.10
CA LEU B 163 -16.41 -31.56 -33.96
C LEU B 163 -15.57 -32.18 -35.08
N SER B 164 -15.57 -31.55 -36.27
CA SER B 164 -14.79 -31.96 -37.43
C SER B 164 -13.33 -31.43 -37.39
N ASN B 165 -12.84 -30.95 -36.22
CA ASN B 165 -11.46 -30.45 -36.10
C ASN B 165 -10.48 -31.60 -36.23
N PRO B 166 -9.48 -31.48 -37.12
CA PRO B 166 -8.51 -32.58 -37.28
C PRO B 166 -7.77 -32.94 -36.00
N SER B 167 -7.49 -31.93 -35.17
CA SER B 167 -6.82 -32.13 -33.90
C SER B 167 -7.70 -32.80 -32.89
N ALA B 168 -9.03 -32.56 -32.95
CA ALA B 168 -9.95 -33.24 -32.05
C ALA B 168 -10.03 -34.71 -32.46
N LEU B 169 -10.09 -34.97 -33.79
CA LEU B 169 -10.09 -36.32 -34.35
C LEU B 169 -8.82 -37.08 -33.97
N GLU B 170 -7.67 -36.39 -33.96
CA GLU B 170 -6.40 -36.99 -33.60
C GLU B 170 -6.42 -37.33 -32.13
N ALA B 171 -6.92 -36.43 -31.28
CA ALA B 171 -7.01 -36.71 -29.85
C ALA B 171 -7.94 -37.89 -29.56
N ALA B 172 -9.01 -38.02 -30.36
CA ALA B 172 -9.94 -39.12 -30.23
C ALA B 172 -9.28 -40.44 -30.59
N THR B 173 -8.55 -40.53 -31.72
CA THR B 173 -7.84 -41.76 -32.08
C THR B 173 -6.72 -42.11 -31.10
N GLU B 174 -5.95 -41.10 -30.65
CA GLU B 174 -4.84 -41.33 -29.73
C GLU B 174 -5.32 -41.88 -28.39
N SER B 175 -6.48 -41.42 -27.93
CA SER B 175 -7.04 -41.87 -26.67
C SER B 175 -7.65 -43.24 -26.82
N LEU B 176 -8.32 -43.49 -27.96
CA LEU B 176 -8.91 -44.79 -28.24
C LEU B 176 -7.82 -45.86 -28.38
N ALA B 177 -6.64 -45.48 -28.89
CA ALA B 177 -5.51 -46.42 -29.00
C ALA B 177 -5.04 -46.85 -27.61
N LYS B 178 -5.06 -45.92 -26.63
CA LYS B 178 -4.68 -46.22 -25.25
C LYS B 178 -5.65 -47.22 -24.64
N PHE B 179 -6.96 -47.00 -24.80
CA PHE B 179 -7.96 -47.92 -24.26
C PHE B 179 -7.86 -49.30 -24.93
N ASN B 180 -7.60 -49.32 -26.23
CA ASN B 180 -7.45 -50.57 -26.97
C ASN B 180 -6.15 -51.26 -26.59
N SER B 181 -5.10 -50.52 -26.20
CA SER B 181 -3.85 -51.14 -25.75
C SER B 181 -4.08 -51.86 -24.39
N LYS B 182 -4.99 -51.33 -23.55
CA LYS B 182 -5.33 -51.95 -22.29
C LYS B 182 -6.24 -53.15 -22.51
N SER B 183 -7.14 -53.09 -23.53
CA SER B 183 -8.04 -54.21 -23.82
C SER B 183 -7.29 -55.44 -24.37
N PRO B 184 -7.44 -56.59 -23.70
CA PRO B 184 -6.69 -57.79 -24.10
C PRO B 184 -7.40 -58.77 -25.02
N SER B 185 -8.62 -58.44 -25.49
CA SER B 185 -9.33 -59.31 -26.43
C SER B 185 -10.43 -58.58 -27.22
N LYS B 186 -10.71 -57.33 -26.87
CA LYS B 186 -11.70 -56.53 -27.55
C LYS B 186 -11.02 -55.34 -28.20
N LYS B 187 -11.51 -54.97 -29.36
CA LYS B 187 -11.03 -53.81 -30.08
C LYS B 187 -12.23 -52.95 -30.39
N TYR B 188 -12.05 -51.64 -30.33
CA TYR B 188 -13.13 -50.72 -30.58
C TYR B 188 -12.72 -49.69 -31.60
N GLU B 189 -13.59 -49.46 -32.56
CA GLU B 189 -13.39 -48.46 -33.61
C GLU B 189 -13.98 -47.12 -33.19
N LEU B 190 -13.62 -46.04 -33.88
CA LEU B 190 -14.23 -44.77 -33.60
C LEU B 190 -15.43 -44.60 -34.50
N VAL B 191 -16.54 -44.11 -33.96
CA VAL B 191 -17.74 -43.88 -34.74
C VAL B 191 -17.73 -42.38 -35.16
N LYS B 192 -17.89 -41.47 -34.19
CA LYS B 192 -17.93 -40.04 -34.47
C LYS B 192 -17.52 -39.28 -33.23
N VAL B 193 -17.08 -38.03 -33.40
CA VAL B 193 -16.73 -37.17 -32.27
C VAL B 193 -18.01 -36.49 -31.82
N THR B 194 -18.41 -36.66 -30.57
CA THR B 194 -19.66 -36.10 -30.07
C THR B 194 -19.45 -34.72 -29.39
N LYS B 195 -18.32 -34.52 -28.68
CA LYS B 195 -18.00 -33.24 -28.03
C LYS B 195 -16.51 -32.96 -28.19
N ALA B 196 -16.13 -31.71 -28.44
CA ALA B 196 -14.72 -31.37 -28.62
C ALA B 196 -14.41 -30.05 -27.96
N MET B 197 -13.23 -29.97 -27.33
CA MET B 197 -12.81 -28.82 -26.55
C MET B 197 -11.29 -28.60 -26.65
N ASN B 198 -10.84 -27.37 -26.38
CA ASN B 198 -9.41 -27.08 -26.43
C ASN B 198 -9.04 -26.04 -25.39
N GLN B 199 -7.82 -26.16 -24.86
CA GLN B 199 -7.26 -25.18 -23.95
C GLN B 199 -5.72 -25.29 -23.98
N TRP B 200 -5.04 -24.47 -23.19
CA TRP B 200 -3.60 -24.45 -23.14
C TRP B 200 -3.12 -24.77 -21.74
N VAL B 201 -2.64 -25.99 -21.50
CA VAL B 201 -2.11 -26.35 -20.16
C VAL B 201 -0.69 -25.80 -20.04
N SER B 202 0.11 -26.08 -21.05
CA SER B 202 1.45 -25.56 -21.32
C SER B 202 1.84 -26.13 -22.67
N GLY B 203 0.96 -25.88 -23.61
CA GLY B 203 0.94 -26.45 -24.93
C GLY B 203 -0.46 -26.96 -25.21
N PRO B 204 -0.67 -27.46 -26.43
CA PRO B 204 -2.00 -27.92 -26.83
C PRO B 204 -2.67 -28.90 -25.87
N ALA B 205 -3.99 -28.77 -25.65
CA ALA B 205 -4.76 -29.68 -24.80
C ALA B 205 -6.13 -29.90 -25.40
N TYR B 206 -6.46 -31.12 -25.79
CA TYR B 206 -7.75 -31.41 -26.41
C TYR B 206 -8.57 -32.32 -25.52
N TYR B 207 -9.87 -32.02 -25.40
CA TYR B 207 -10.81 -32.79 -24.59
C TYR B 207 -11.99 -33.25 -25.43
N VAL B 208 -11.90 -34.46 -25.99
CA VAL B 208 -12.96 -34.97 -26.84
C VAL B 208 -13.78 -36.08 -26.17
N GLU B 209 -15.00 -36.26 -26.66
CA GLU B 209 -15.94 -37.33 -26.34
C GLU B 209 -16.32 -37.98 -27.65
N TYR B 210 -16.38 -39.31 -27.73
CA TYR B 210 -16.65 -39.98 -29.00
C TYR B 210 -17.35 -41.32 -28.82
N LEU B 211 -18.12 -41.74 -29.83
CA LEU B 211 -18.82 -43.00 -29.79
C LEU B 211 -17.92 -44.12 -30.29
N ILE B 212 -17.99 -45.31 -29.67
CA ILE B 212 -17.14 -46.43 -30.08
C ILE B 212 -17.98 -47.63 -30.52
N LYS B 213 -17.56 -48.31 -31.59
CA LYS B 213 -18.25 -49.49 -32.08
C LYS B 213 -17.35 -50.70 -31.91
N GLU B 214 -17.93 -51.90 -31.84
CA GLU B 214 -17.15 -53.11 -31.71
C GLU B 214 -16.48 -53.49 -33.04
N ALA B 215 -15.13 -53.41 -33.10
CA ALA B 215 -14.33 -53.73 -34.29
C ALA B 215 -14.68 -55.12 -34.83
N PRO B 216 -14.50 -55.37 -36.14
CA PRO B 216 -14.88 -56.68 -36.70
C PRO B 216 -14.19 -57.83 -35.96
N CYS B 217 -15.01 -58.75 -35.42
CA CYS B 217 -14.62 -59.90 -34.61
C CYS B 217 -13.37 -60.61 -35.13
N THR B 218 -12.35 -60.75 -34.23
CA THR B 218 -11.10 -61.52 -34.38
C THR B 218 -10.31 -61.37 -35.70
N LYS B 219 -10.56 -60.30 -36.50
CA LYS B 219 -9.92 -60.06 -37.80
C LYS B 219 -10.16 -61.26 -38.79
N SER B 220 -9.30 -62.32 -38.81
CA SER B 220 -9.48 -63.46 -39.71
C SER B 220 -9.12 -64.78 -39.00
N GLN B 221 -9.42 -64.88 -37.69
CA GLN B 221 -9.13 -66.08 -36.89
C GLN B 221 -10.37 -66.57 -36.11
N ALA B 222 -10.33 -67.88 -35.67
CA ALA B 222 -11.35 -68.59 -34.87
C ALA B 222 -12.74 -68.72 -35.62
N SER B 223 -13.69 -69.51 -35.06
CA SER B 223 -15.03 -69.73 -35.62
C SER B 223 -15.83 -68.41 -35.77
N CYS B 224 -15.53 -67.41 -34.91
CA CYS B 224 -16.14 -66.07 -34.88
C CYS B 224 -17.68 -66.14 -34.94
N SER B 225 -18.29 -66.82 -33.96
CA SER B 225 -19.75 -66.92 -33.89
C SER B 225 -20.34 -65.66 -33.24
N LEU B 226 -21.61 -65.36 -33.55
CA LEU B 226 -22.34 -64.17 -33.06
C LEU B 226 -21.64 -62.87 -33.46
N GLN B 227 -21.51 -62.63 -34.76
CA GLN B 227 -20.84 -61.44 -35.29
C GLN B 227 -21.84 -60.32 -35.65
N HIS B 228 -23.04 -60.31 -35.05
CA HIS B 228 -24.08 -59.32 -35.34
C HIS B 228 -23.87 -57.98 -34.62
N SER B 229 -22.67 -57.74 -34.04
CA SER B 229 -22.35 -56.50 -33.34
C SER B 229 -21.69 -55.51 -34.31
N ASP B 230 -22.50 -54.81 -35.11
CA ASP B 230 -21.95 -53.91 -36.13
C ASP B 230 -22.69 -52.59 -36.26
N SER B 231 -22.00 -51.56 -36.80
CA SER B 231 -22.47 -50.22 -37.17
C SER B 231 -23.26 -49.46 -36.07
N GLU B 232 -23.43 -50.07 -34.89
CA GLU B 232 -24.16 -49.47 -33.79
C GLU B 232 -23.23 -49.20 -32.67
N PRO B 233 -23.28 -47.98 -32.10
CA PRO B 233 -22.36 -47.66 -31.01
C PRO B 233 -22.65 -48.51 -29.79
N VAL B 234 -21.57 -48.98 -29.16
CA VAL B 234 -21.62 -49.81 -27.96
C VAL B 234 -21.35 -48.98 -26.68
N GLY B 235 -20.76 -47.80 -26.81
CA GLY B 235 -20.47 -46.94 -25.67
C GLY B 235 -19.90 -45.60 -26.08
N ILE B 236 -19.52 -44.78 -25.09
CA ILE B 236 -18.93 -43.46 -25.33
C ILE B 236 -17.65 -43.32 -24.49
N CYS B 237 -16.62 -42.66 -25.03
CA CYS B 237 -15.37 -42.50 -24.31
C CYS B 237 -14.93 -41.05 -24.20
N GLN B 238 -14.51 -40.65 -23.00
CA GLN B 238 -13.96 -39.32 -22.77
C GLN B 238 -12.44 -39.46 -22.82
N GLY B 239 -11.80 -38.65 -23.64
CA GLY B 239 -10.35 -38.67 -23.78
C GLY B 239 -9.71 -37.30 -23.73
N SER B 240 -8.37 -37.27 -23.58
CA SER B 240 -7.64 -36.01 -23.57
C SER B 240 -6.19 -36.20 -24.03
N THR B 241 -5.60 -35.12 -24.52
CA THR B 241 -4.20 -35.09 -24.90
C THR B 241 -3.59 -33.80 -24.38
N VAL B 242 -2.40 -33.88 -23.79
CA VAL B 242 -1.69 -32.69 -23.34
C VAL B 242 -0.29 -32.80 -23.92
N GLN B 243 0.11 -31.83 -24.73
CA GLN B 243 1.45 -31.84 -25.31
C GLN B 243 2.25 -30.65 -24.78
N SER B 244 2.88 -30.85 -23.62
CA SER B 244 3.67 -29.82 -22.93
C SER B 244 5.13 -30.24 -22.78
N SER B 245 6.03 -29.27 -22.56
CA SER B 245 7.44 -29.59 -22.36
C SER B 245 7.83 -29.62 -20.85
N LEU B 246 6.94 -30.08 -19.94
CA LEU B 246 7.24 -30.13 -18.50
C LEU B 246 7.13 -31.60 -17.89
N ARG B 247 7.18 -31.75 -16.54
CA ARG B 247 7.26 -32.96 -15.66
C ARG B 247 7.26 -34.30 -16.35
N HIS B 248 8.43 -34.92 -16.41
CA HIS B 248 8.59 -36.18 -17.09
C HIS B 248 9.70 -37.00 -16.44
N VAL B 249 9.80 -38.28 -16.79
CA VAL B 249 10.82 -39.20 -16.27
C VAL B 249 12.24 -38.78 -16.75
N PRO B 250 13.35 -39.54 -16.49
CA PRO B 250 14.66 -39.06 -16.97
C PRO B 250 14.81 -39.31 -18.46
N LEU B 251 15.98 -38.97 -19.03
CA LEU B 251 16.26 -39.24 -20.45
C LEU B 251 16.06 -40.76 -20.79
N ILE B 252 16.05 -41.63 -19.75
CA ILE B 252 15.86 -43.07 -19.82
C ILE B 252 14.58 -43.43 -20.62
N GLN B 253 13.60 -42.48 -20.80
CA GLN B 253 12.42 -42.72 -21.65
C GLN B 253 11.36 -41.59 -21.60
N PRO B 254 11.70 -40.32 -21.93
CA PRO B 254 10.69 -39.25 -21.88
C PRO B 254 9.52 -39.50 -22.82
N VAL B 255 8.30 -39.23 -22.35
CA VAL B 255 7.10 -39.42 -23.17
C VAL B 255 6.82 -38.17 -24.03
N GLU B 256 6.14 -38.33 -25.18
CA GLU B 256 5.80 -37.20 -26.06
C GLU B 256 4.49 -36.49 -25.57
N LYS B 257 3.31 -37.09 -25.78
CA LYS B 257 2.04 -36.54 -25.31
C LYS B 257 1.55 -37.25 -24.04
N SER B 258 0.66 -36.60 -23.28
CA SER B 258 0.05 -37.14 -22.06
C SER B 258 -1.41 -37.49 -22.37
N VAL B 259 -1.70 -38.79 -22.53
CA VAL B 259 -3.04 -39.23 -22.91
C VAL B 259 -3.82 -39.84 -21.75
N THR B 260 -5.13 -39.56 -21.70
CA THR B 260 -6.09 -40.13 -20.77
C THR B 260 -7.31 -40.63 -21.57
N VAL B 261 -7.95 -41.70 -21.12
CA VAL B 261 -9.13 -42.25 -21.79
C VAL B 261 -10.00 -42.95 -20.74
N THR B 262 -11.31 -42.81 -20.85
CA THR B 262 -12.24 -43.45 -19.93
C THR B 262 -13.45 -43.83 -20.74
N CYS B 263 -13.90 -45.10 -20.64
CA CYS B 263 -15.02 -45.54 -21.44
C CYS B 263 -16.20 -45.99 -20.62
N GLU B 264 -17.39 -45.57 -21.05
CA GLU B 264 -18.67 -45.89 -20.43
C GLU B 264 -19.57 -46.54 -21.48
N PHE B 265 -19.94 -47.82 -21.26
CA PHE B 265 -20.74 -48.57 -22.21
C PHE B 265 -22.24 -48.47 -21.94
N PHE B 266 -23.04 -48.62 -23.01
CA PHE B 266 -24.49 -48.57 -22.91
C PHE B 266 -25.03 -49.96 -22.61
N GLU B 267 -26.09 -50.05 -21.80
CA GLU B 267 -26.66 -51.36 -21.47
C GLU B 267 -28.18 -51.26 -21.41
N PRO B 303 -44.00 -38.00 -31.66
CA PRO B 303 -42.62 -38.24 -32.09
C PRO B 303 -42.15 -37.23 -33.15
N ARG B 304 -43.08 -36.70 -33.96
CA ARG B 304 -42.79 -35.76 -35.03
C ARG B 304 -42.24 -34.45 -34.50
N GLY B 305 -40.94 -34.24 -34.72
CA GLY B 305 -40.25 -33.03 -34.31
C GLY B 305 -38.74 -33.13 -34.37
N SER B 306 -38.04 -32.06 -33.95
CA SER B 306 -36.58 -32.05 -34.01
C SER B 306 -35.94 -31.02 -33.04
N ILE B 307 -34.66 -31.24 -32.70
CA ILE B 307 -33.89 -30.30 -31.89
C ILE B 307 -32.86 -29.66 -32.84
N GLN B 308 -33.01 -28.37 -33.12
CA GLN B 308 -32.11 -27.67 -34.05
C GLN B 308 -31.11 -26.85 -33.26
N HIS B 309 -29.83 -26.96 -33.63
CA HIS B 309 -28.78 -26.25 -32.93
C HIS B 309 -28.37 -24.98 -33.66
N LEU B 310 -28.66 -23.81 -33.07
CA LEU B 310 -28.29 -22.53 -33.64
C LEU B 310 -26.88 -22.11 -33.15
N PRO B 311 -26.17 -21.24 -33.88
CA PRO B 311 -24.81 -20.85 -33.43
C PRO B 311 -24.80 -19.98 -32.16
N GLU B 312 -23.60 -19.57 -31.67
CA GLU B 312 -23.45 -18.74 -30.48
C GLU B 312 -24.32 -17.48 -30.50
N LEU B 313 -24.76 -17.05 -29.31
CA LEU B 313 -25.72 -15.96 -29.11
C LEU B 313 -25.18 -14.55 -29.45
N ASP B 314 -24.34 -13.91 -28.60
CA ASP B 314 -23.92 -12.54 -28.88
C ASP B 314 -22.44 -12.28 -28.63
N ASP B 315 -21.61 -12.77 -29.54
CA ASP B 315 -20.18 -12.47 -29.51
C ASP B 315 -19.91 -11.21 -30.37
N GLU B 316 -20.66 -11.06 -31.50
CA GLU B 316 -20.61 -9.89 -32.39
C GLU B 316 -21.44 -8.73 -31.80
N LYS B 317 -22.52 -9.05 -31.04
CA LYS B 317 -23.40 -8.07 -30.40
C LYS B 317 -22.96 -7.82 -28.94
N PRO B 318 -22.65 -6.55 -28.57
CA PRO B 318 -22.23 -6.29 -27.18
C PRO B 318 -23.40 -6.03 -26.21
N GLU B 319 -24.57 -6.63 -26.48
CA GLU B 319 -25.81 -6.57 -25.70
C GLU B 319 -26.05 -5.22 -25.00
N SER B 325 -35.19 -6.35 -25.02
CA SER B 325 -34.76 -7.46 -25.88
C SER B 325 -35.66 -7.60 -27.08
N PRO B 326 -35.07 -7.66 -28.29
CA PRO B 326 -35.90 -7.74 -29.50
C PRO B 326 -36.06 -9.15 -30.07
N GLU B 327 -34.98 -9.77 -30.57
CA GLU B 327 -35.02 -11.09 -31.18
C GLU B 327 -35.27 -12.17 -30.16
N GLU B 328 -36.07 -13.18 -30.56
CA GLU B 328 -36.34 -14.33 -29.71
C GLU B 328 -35.05 -15.10 -29.56
N ALA B 329 -34.52 -15.19 -28.33
CA ALA B 329 -33.26 -15.88 -28.05
C ALA B 329 -33.27 -17.31 -28.58
N PHE B 330 -34.41 -17.98 -28.41
CA PHE B 330 -34.62 -19.33 -28.91
C PHE B 330 -35.98 -19.37 -29.61
N PRO B 331 -36.01 -18.99 -30.90
CA PRO B 331 -37.29 -19.00 -31.61
C PRO B 331 -37.69 -20.41 -31.98
N VAL B 332 -38.78 -20.87 -31.39
CA VAL B 332 -39.27 -22.21 -31.65
C VAL B 332 -40.62 -22.14 -32.38
N GLN B 333 -40.83 -22.96 -33.42
CA GLN B 333 -42.10 -22.98 -34.13
C GLN B 333 -42.79 -24.32 -33.93
N LEU B 334 -43.82 -24.39 -33.07
CA LEU B 334 -44.55 -25.63 -32.87
C LEU B 334 -46.04 -25.43 -33.08
N ASP B 335 -46.48 -25.52 -34.34
CA ASP B 335 -47.88 -25.36 -34.68
C ASP B 335 -48.39 -26.64 -35.32
N LEU B 336 -49.39 -27.27 -34.71
CA LEU B 336 -49.96 -28.49 -35.26
C LEU B 336 -50.89 -28.17 -36.43
N THR B 337 -51.66 -27.08 -36.31
CA THR B 337 -52.58 -26.63 -37.35
C THR B 337 -52.60 -25.10 -37.36
N THR B 338 -52.46 -24.49 -38.54
CA THR B 338 -52.46 -23.02 -38.69
C THR B 338 -53.85 -22.41 -38.47
N ASN B 339 -54.92 -23.21 -38.63
CA ASN B 339 -56.30 -22.75 -38.49
C ASN B 339 -56.64 -22.46 -37.02
N PRO B 340 -57.36 -21.34 -36.76
CA PRO B 340 -57.71 -20.98 -35.37
C PRO B 340 -58.80 -21.88 -34.75
N GLN B 341 -59.60 -22.57 -35.57
CA GLN B 341 -60.65 -23.46 -35.06
C GLN B 341 -60.02 -24.72 -34.45
N GLY B 342 -59.03 -25.26 -35.13
CA GLY B 342 -58.34 -26.45 -34.65
C GLY B 342 -58.51 -27.67 -35.54
N ASP B 343 -57.95 -28.79 -35.10
CA ASP B 343 -58.03 -30.04 -35.85
C ASP B 343 -58.02 -31.25 -34.89
N THR B 344 -58.41 -32.42 -35.40
CA THR B 344 -58.46 -33.63 -34.59
C THR B 344 -57.27 -34.54 -34.90
N LEU B 345 -56.68 -35.12 -33.85
CA LEU B 345 -55.57 -36.04 -33.98
C LEU B 345 -56.03 -37.44 -33.59
N ASP B 346 -56.09 -38.36 -34.58
CA ASP B 346 -56.57 -39.72 -34.38
C ASP B 346 -55.63 -40.52 -33.46
N VAL B 347 -55.94 -40.55 -32.17
CA VAL B 347 -55.17 -41.30 -31.20
C VAL B 347 -55.85 -42.65 -31.00
N SER B 348 -55.88 -43.49 -32.05
CA SER B 348 -56.55 -44.80 -31.99
C SER B 348 -55.78 -45.83 -31.15
N PHE B 349 -54.48 -45.60 -30.90
CA PHE B 349 -53.67 -46.50 -30.06
C PHE B 349 -53.91 -46.26 -28.54
N LEU B 350 -54.90 -45.39 -28.18
CA LEU B 350 -55.30 -45.01 -26.84
C LEU B 350 -56.05 -46.12 -26.13
N TYR B 351 -55.35 -46.86 -25.25
CA TYR B 351 -55.91 -47.93 -24.42
C TYR B 351 -56.71 -48.98 -25.26
N LEU B 352 -57.59 -49.75 -24.61
CA LEU B 352 -58.44 -50.79 -25.21
C LEU B 352 -59.39 -50.25 -26.30
N GLU B 353 -59.73 -48.95 -26.22
CA GLU B 353 -60.68 -48.26 -27.11
C GLU B 353 -60.32 -48.36 -28.60
N PRO B 354 -61.19 -49.03 -29.40
CA PRO B 354 -60.94 -49.10 -30.85
C PRO B 354 -61.31 -47.78 -31.55
N GLY B 355 -62.42 -47.18 -31.11
CA GLY B 355 -62.91 -45.89 -31.61
C GLY B 355 -62.90 -44.81 -30.55
N ASP B 356 -63.50 -43.63 -30.86
CA ASP B 356 -63.53 -42.44 -29.97
C ASP B 356 -62.11 -42.04 -29.59
N LYS B 357 -61.33 -41.66 -30.59
CA LYS B 357 -59.92 -41.37 -30.44
C LYS B 357 -59.50 -39.96 -30.83
N LYS B 358 -60.44 -39.07 -31.16
CA LYS B 358 -60.12 -37.72 -31.60
C LYS B 358 -59.49 -36.87 -30.48
N LEU B 359 -58.36 -36.22 -30.77
CA LEU B 359 -57.70 -35.31 -29.83
C LEU B 359 -57.78 -33.88 -30.35
N VAL B 360 -58.35 -32.96 -29.56
CA VAL B 360 -58.52 -31.58 -30.00
C VAL B 360 -57.19 -30.84 -30.00
N VAL B 361 -56.90 -30.11 -31.10
CA VAL B 361 -55.66 -29.36 -31.26
C VAL B 361 -55.94 -27.86 -31.56
N LEU B 362 -54.92 -27.01 -31.42
CA LEU B 362 -55.01 -25.56 -31.68
C LEU B 362 -53.62 -24.99 -32.05
N PRO B 363 -53.53 -23.84 -32.74
CA PRO B 363 -52.20 -23.29 -33.08
C PRO B 363 -51.37 -22.88 -31.85
N PHE B 364 -50.04 -22.76 -32.00
CA PHE B 364 -49.09 -22.43 -30.93
C PHE B 364 -49.53 -21.25 -30.09
N PRO B 365 -49.53 -21.40 -28.77
CA PRO B 365 -49.93 -20.29 -27.91
C PRO B 365 -48.98 -19.11 -28.03
N GLY B 366 -49.54 -17.92 -28.16
CA GLY B 366 -48.74 -16.71 -28.31
C GLY B 366 -48.31 -16.10 -27.00
N LYS B 367 -47.55 -15.02 -27.07
CA LYS B 367 -47.09 -14.30 -25.89
C LYS B 367 -48.21 -13.36 -25.36
N GLU B 368 -47.98 -12.69 -24.22
CA GLU B 368 -48.90 -11.76 -23.56
C GLU B 368 -50.05 -12.46 -22.82
N GLN B 369 -50.12 -13.80 -22.84
CA GLN B 369 -51.16 -14.52 -22.08
C GLN B 369 -50.54 -15.29 -20.89
N ARG B 370 -49.36 -14.84 -20.40
CA ARG B 370 -48.64 -15.45 -19.28
C ARG B 370 -49.40 -15.28 -17.97
N SER B 371 -49.17 -16.19 -17.03
CA SER B 371 -49.87 -16.19 -15.75
C SER B 371 -49.31 -15.21 -14.73
N ALA B 372 -48.25 -14.43 -15.07
CA ALA B 372 -47.51 -13.48 -14.19
C ALA B 372 -46.66 -14.25 -13.17
N GLU B 373 -47.23 -15.35 -12.65
CA GLU B 373 -46.58 -16.30 -11.75
C GLU B 373 -46.10 -17.50 -12.58
N CYS B 374 -45.56 -17.23 -13.79
CA CYS B 374 -45.06 -18.30 -14.65
C CYS B 374 -43.71 -17.98 -15.32
N PRO B 375 -42.81 -17.10 -14.82
CA PRO B 375 -41.51 -16.96 -15.47
C PRO B 375 -40.69 -18.26 -15.32
N GLY B 376 -40.81 -18.91 -14.17
CA GLY B 376 -40.15 -20.17 -13.89
C GLY B 376 -39.01 -20.07 -12.89
N PRO B 377 -39.15 -20.70 -11.72
CA PRO B 377 -38.06 -20.65 -10.73
C PRO B 377 -36.90 -21.55 -11.17
N GLU B 378 -35.75 -20.96 -11.50
CA GLU B 378 -34.59 -21.71 -11.98
C GLU B 378 -34.05 -22.70 -10.97
N LYS B 379 -34.19 -24.00 -11.27
CA LYS B 379 -33.66 -25.04 -10.39
C LYS B 379 -32.14 -25.18 -10.51
N GLU B 380 -31.54 -24.66 -11.59
CA GLU B 380 -30.11 -24.72 -11.80
C GLU B 380 -29.60 -23.36 -12.22
N ASN B 381 -29.06 -22.61 -11.26
CA ASN B 381 -28.51 -21.28 -11.54
C ASN B 381 -27.01 -21.37 -11.65
N ASN B 382 -26.39 -20.58 -12.54
CA ASN B 382 -24.93 -20.57 -12.66
C ASN B 382 -24.26 -19.98 -11.40
N PRO B 383 -24.74 -18.87 -10.79
CA PRO B 383 -24.07 -18.36 -9.59
C PRO B 383 -24.41 -19.18 -8.35
N ASN C 1 6.75 5.06 17.35
CA ASN C 1 6.48 6.32 16.69
C ASN C 1 5.00 6.53 16.52
N SER C 2 4.25 5.54 16.00
CA SER C 2 2.81 5.69 15.78
C SER C 2 2.02 5.28 17.03
N ILE C 3 0.86 5.91 17.28
CA ILE C 3 0.04 5.58 18.44
C ILE C 3 -0.78 4.31 18.11
N ILE C 4 -0.95 3.46 19.10
CA ILE C 4 -1.63 2.21 18.92
C ILE C 4 -3.10 2.36 19.28
N GLY C 5 -3.96 2.04 18.32
CA GLY C 5 -5.39 2.09 18.49
C GLY C 5 -6.08 2.47 17.20
N GLU C 6 -7.13 1.70 16.80
CA GLU C 6 -7.84 2.01 15.57
C GLU C 6 -8.69 3.30 15.70
N LYS C 7 -8.97 3.76 16.94
CA LYS C 7 -9.71 5.01 17.18
C LYS C 7 -8.86 6.25 16.90
N TYR C 8 -7.53 6.14 16.92
CA TYR C 8 -6.66 7.31 16.68
C TYR C 8 -6.35 7.53 15.19
N ARG C 9 -7.22 7.01 14.30
CA ARG C 9 -7.10 7.13 12.86
C ARG C 9 -8.10 8.13 12.31
N TRP C 10 -7.64 8.98 11.40
CA TRP C 10 -8.52 9.91 10.73
C TRP C 10 -9.04 9.31 9.42
N PRO C 11 -10.21 9.73 8.91
CA PRO C 11 -10.61 9.27 7.57
C PRO C 11 -9.63 9.85 6.57
N HIS C 12 -9.26 9.11 5.52
CA HIS C 12 -8.26 9.53 4.55
C HIS C 12 -8.41 10.98 4.06
N THR C 13 -9.64 11.47 3.96
CA THR C 13 -9.88 12.86 3.58
C THR C 13 -10.40 13.62 4.82
N ILE C 14 -9.46 14.32 5.49
CA ILE C 14 -9.62 15.06 6.74
C ILE C 14 -10.31 16.40 6.58
N PRO C 15 -11.41 16.62 7.32
CA PRO C 15 -12.09 17.91 7.26
C PRO C 15 -11.34 18.96 8.07
N TYR C 16 -11.07 20.12 7.47
CA TYR C 16 -10.32 21.17 8.14
C TYR C 16 -11.03 22.52 8.06
N VAL C 17 -10.62 23.47 8.91
CA VAL C 17 -11.08 24.85 8.93
C VAL C 17 -9.85 25.72 9.11
N LEU C 18 -9.71 26.75 8.27
CA LEU C 18 -8.57 27.64 8.38
C LEU C 18 -9.01 29.00 8.95
N GLU C 19 -9.35 29.02 10.27
CA GLU C 19 -9.74 30.21 11.02
C GLU C 19 -8.93 31.47 10.70
N ASP C 20 -9.63 32.58 10.77
CA ASP C 20 -9.17 33.95 10.53
C ASP C 20 -7.95 34.33 11.41
N SER C 21 -7.84 33.80 12.69
CA SER C 21 -6.69 34.07 13.59
C SER C 21 -5.36 33.82 12.88
N LEU C 22 -5.33 32.90 11.93
CA LEU C 22 -4.11 32.63 11.19
C LEU C 22 -3.62 33.81 10.40
N GLU C 23 -2.28 33.94 10.36
CA GLU C 23 -1.56 34.92 9.53
C GLU C 23 -1.89 34.64 8.02
N MET C 24 -1.74 35.64 7.13
CA MET C 24 -1.95 35.43 5.68
C MET C 24 -0.89 34.47 5.14
N ASN C 25 0.35 34.64 5.55
CA ASN C 25 1.42 33.75 5.17
C ASN C 25 1.17 32.35 5.70
N ALA C 26 0.63 32.24 6.92
CA ALA C 26 0.31 30.94 7.51
C ALA C 26 -0.76 30.20 6.64
N LYS C 27 -1.96 30.83 6.41
CA LYS C 27 -3.02 30.27 5.54
C LYS C 27 -2.45 29.73 4.18
N GLY C 28 -1.63 30.57 3.54
CA GLY C 28 -0.95 30.23 2.30
C GLY C 28 -0.05 29.03 2.46
N VAL C 29 0.83 29.02 3.48
CA VAL C 29 1.80 27.94 3.73
C VAL C 29 1.07 26.61 3.97
N ILE C 30 0.04 26.60 4.83
CA ILE C 30 -0.78 25.43 5.15
C ILE C 30 -1.25 24.72 3.88
N LEU C 31 -1.73 25.50 2.88
CA LEU C 31 -2.28 24.93 1.67
C LEU C 31 -1.20 24.33 0.89
N ASN C 32 0.00 24.91 0.85
CA ASN C 32 1.10 24.27 0.10
C ASN C 32 1.56 22.96 0.78
N ALA C 33 1.43 22.90 2.13
CA ALA C 33 1.74 21.69 2.87
C ALA C 33 0.71 20.60 2.51
N PHE C 34 -0.60 20.95 2.42
CA PHE C 34 -1.64 19.99 1.97
C PHE C 34 -1.28 19.36 0.62
N GLU C 35 -0.62 20.12 -0.25
CA GLU C 35 -0.20 19.64 -1.56
C GLU C 35 0.93 18.61 -1.48
N ARG C 36 1.84 18.74 -0.51
CA ARG C 36 2.89 17.73 -0.32
C ARG C 36 2.28 16.40 0.13
N TYR C 37 1.20 16.46 0.93
CA TYR C 37 0.47 15.30 1.38
C TYR C 37 -0.20 14.66 0.16
N ARG C 38 -0.93 15.46 -0.63
CA ARG C 38 -1.61 14.97 -1.83
C ARG C 38 -0.64 14.34 -2.81
N LEU C 39 0.57 14.88 -2.93
CA LEU C 39 1.53 14.33 -3.86
C LEU C 39 2.18 13.03 -3.34
N LYS C 40 2.51 12.95 -2.04
CA LYS C 40 3.26 11.80 -1.54
C LYS C 40 2.47 10.75 -0.70
N THR C 41 1.24 11.05 -0.29
CA THR C 41 0.46 10.14 0.55
C THR C 41 -0.97 9.94 0.01
N CYS C 42 -1.74 9.01 0.62
CA CYS C 42 -3.16 8.84 0.30
C CYS C 42 -4.04 9.73 1.26
N ILE C 43 -3.42 10.64 2.04
CA ILE C 43 -4.13 11.55 2.93
C ILE C 43 -4.55 12.79 2.14
N ASP C 44 -5.81 13.19 2.25
CA ASP C 44 -6.36 14.37 1.59
C ASP C 44 -7.04 15.27 2.61
N PHE C 45 -7.30 16.52 2.23
CA PHE C 45 -7.89 17.51 3.13
C PHE C 45 -9.02 18.20 2.41
N LYS C 46 -10.19 18.22 3.02
CA LYS C 46 -11.36 18.85 2.41
C LYS C 46 -11.97 19.86 3.38
N PRO C 47 -12.39 21.07 2.94
CA PRO C 47 -12.98 22.03 3.88
C PRO C 47 -14.20 21.48 4.60
N TRP C 48 -14.19 21.55 5.94
CA TRP C 48 -15.23 21.04 6.83
C TRP C 48 -16.63 21.45 6.37
N ALA C 49 -17.53 20.47 6.29
CA ALA C 49 -18.90 20.69 5.87
C ALA C 49 -19.89 19.96 6.78
N GLY C 50 -19.58 19.88 8.08
CA GLY C 50 -20.49 19.25 9.04
C GLY C 50 -20.07 17.91 9.63
N GLU C 51 -18.90 17.38 9.20
CA GLU C 51 -18.37 16.12 9.73
C GLU C 51 -18.16 16.23 11.24
N THR C 52 -18.57 15.20 12.04
CA THR C 52 -18.45 15.22 13.50
C THR C 52 -17.03 15.68 13.99
N ASN C 53 -15.94 14.97 13.63
CA ASN C 53 -14.60 15.41 14.05
C ASN C 53 -13.89 16.09 12.90
N TYR C 54 -13.20 17.18 13.18
CA TYR C 54 -12.45 17.90 12.15
C TYR C 54 -11.29 18.69 12.76
N ILE C 55 -10.20 18.85 12.01
CA ILE C 55 -9.08 19.65 12.47
C ILE C 55 -9.44 21.12 12.29
N SER C 56 -8.97 21.98 13.21
CA SER C 56 -9.24 23.42 13.25
C SER C 56 -7.89 24.17 13.39
N VAL C 57 -7.37 24.68 12.27
CA VAL C 57 -6.09 25.42 12.32
C VAL C 57 -6.37 26.83 12.90
N PHE C 58 -5.31 27.46 13.49
CA PHE C 58 -5.51 28.76 14.16
C PHE C 58 -4.20 29.27 14.77
N LYS C 59 -4.01 30.59 14.74
CA LYS C 59 -2.89 31.18 15.43
C LYS C 59 -3.13 31.04 16.97
N GLY C 60 -2.43 30.03 17.51
CA GLY C 60 -2.36 29.74 18.92
C GLY C 60 -1.07 30.22 19.53
N SER C 61 -0.73 29.66 20.68
CA SER C 61 0.51 29.94 21.39
C SER C 61 1.41 28.95 20.73
N GLY C 62 2.13 29.40 19.67
CA GLY C 62 2.92 28.48 18.90
C GLY C 62 2.18 27.56 17.95
N CYS C 63 2.73 26.39 17.86
CA CYS C 63 2.49 25.42 16.79
C CYS C 63 2.52 24.07 17.41
N TRP C 64 1.42 23.39 17.34
CA TRP C 64 1.25 22.15 18.06
C TRP C 64 0.00 21.42 17.61
N SER C 65 -0.21 20.23 18.15
CA SER C 65 -1.34 19.41 17.80
C SER C 65 -1.47 18.23 18.73
N SER C 66 -2.68 17.67 18.85
CA SER C 66 -2.83 16.43 19.59
C SER C 66 -2.35 15.25 18.69
N VAL C 67 -1.99 14.11 19.31
CA VAL C 67 -1.53 12.97 18.53
C VAL C 67 -2.72 12.10 18.19
N GLY C 68 -3.01 11.96 16.90
CA GLY C 68 -4.11 11.13 16.41
C GLY C 68 -5.48 11.77 16.47
N ASN C 69 -6.49 11.10 15.94
CA ASN C 69 -7.86 11.56 15.98
C ASN C 69 -8.39 11.41 17.38
N ARG C 70 -8.53 12.52 18.13
CA ARG C 70 -9.00 12.41 19.50
C ARG C 70 -10.53 12.25 19.61
N ARG C 71 -11.27 12.28 18.49
CA ARG C 71 -12.73 12.09 18.42
C ARG C 71 -13.45 12.97 19.46
N VAL C 72 -12.97 14.21 19.55
CA VAL C 72 -13.44 15.28 20.42
C VAL C 72 -14.61 16.05 19.76
N GLY C 73 -14.43 16.33 18.46
CA GLY C 73 -15.33 17.09 17.62
C GLY C 73 -14.43 18.08 16.95
N LYS C 74 -14.53 19.35 17.37
CA LYS C 74 -13.58 20.35 16.88
C LYS C 74 -12.25 20.05 17.55
N GLN C 75 -11.27 19.59 16.78
CA GLN C 75 -9.96 19.30 17.32
C GLN C 75 -9.08 20.43 16.93
N GLU C 76 -8.43 21.10 17.89
CA GLU C 76 -7.61 22.28 17.52
C GLU C 76 -6.12 21.97 17.09
N LEU C 77 -5.59 22.81 16.22
CA LEU C 77 -4.23 22.69 15.73
C LEU C 77 -3.63 24.09 15.54
N SER C 78 -2.72 24.45 16.42
CA SER C 78 -2.10 25.72 16.39
C SER C 78 -1.03 25.84 15.28
N ILE C 79 -1.18 26.95 14.56
CA ILE C 79 -0.26 27.58 13.71
C ILE C 79 -0.39 29.05 14.11
N GLY C 80 0.19 29.36 15.25
CA GLY C 80 0.49 30.72 15.64
C GLY C 80 1.79 31.27 14.94
N ALA C 81 2.30 32.39 15.51
CA ALA C 81 3.52 33.03 15.05
C ALA C 81 4.78 32.08 14.90
N ASN C 82 5.40 32.08 13.71
CA ASN C 82 6.65 31.32 13.44
C ASN C 82 6.42 29.76 13.38
N CYS C 83 5.47 29.43 12.57
CA CYS C 83 4.82 28.12 12.34
C CYS C 83 4.52 28.00 10.85
N ASP C 84 4.36 29.12 10.15
CA ASP C 84 4.20 29.24 8.74
C ASP C 84 5.61 28.82 7.96
N ARG C 85 6.19 27.77 8.49
CA ARG C 85 7.17 27.05 7.82
C ARG C 85 6.36 25.84 7.23
N ILE C 86 6.73 25.32 5.98
CA ILE C 86 5.91 24.26 5.38
C ILE C 86 6.08 22.96 6.19
N ALA C 87 7.34 22.61 6.47
CA ALA C 87 7.63 21.35 7.16
C ALA C 87 7.17 21.38 8.62
N THR C 88 6.97 22.59 9.20
CA THR C 88 6.33 22.74 10.52
C THR C 88 4.90 22.25 10.40
N VAL C 89 4.20 22.66 9.32
CA VAL C 89 2.82 22.26 9.05
C VAL C 89 2.74 20.74 8.79
N GLN C 90 3.65 20.22 7.91
CA GLN C 90 3.71 18.78 7.62
C GLN C 90 3.98 17.95 8.89
N HIS C 91 4.74 18.54 9.87
CA HIS C 91 5.10 17.96 11.16
C HIS C 91 3.88 17.96 12.13
N GLU C 92 3.22 19.09 12.31
CA GLU C 92 2.06 19.16 13.20
C GLU C 92 0.87 18.38 12.64
N PHE C 93 0.88 18.09 11.31
CA PHE C 93 -0.17 17.27 10.73
C PHE C 93 0.17 15.78 10.91
N LEU C 94 1.47 15.43 10.94
CA LEU C 94 1.87 14.06 11.23
C LEU C 94 1.53 13.72 12.69
N HIS C 95 1.49 14.71 13.62
CA HIS C 95 1.06 14.45 14.99
C HIS C 95 -0.42 14.07 14.94
N ALA C 96 -1.23 14.89 14.26
CA ALA C 96 -2.66 14.69 14.08
C ALA C 96 -2.99 13.34 13.48
N LEU C 97 -2.19 12.85 12.54
CA LEU C 97 -2.40 11.55 11.90
C LEU C 97 -2.06 10.35 12.84
N GLY C 98 -1.29 10.60 13.89
CA GLY C 98 -1.00 9.59 14.90
C GLY C 98 0.46 9.36 15.21
N PHE C 99 1.31 10.36 14.96
CA PHE C 99 2.73 10.17 15.22
C PHE C 99 3.31 11.03 16.32
N TRP C 100 4.07 10.38 17.18
CA TRP C 100 4.88 11.04 18.18
C TRP C 100 6.21 11.44 17.53
N HIS C 101 7.16 11.97 18.30
CA HIS C 101 8.45 12.34 17.74
C HIS C 101 9.30 11.10 17.51
N GLU C 102 10.31 11.18 16.63
CA GLU C 102 11.20 10.06 16.38
C GLU C 102 11.96 9.64 17.63
N GLN C 103 12.54 10.59 18.39
CA GLN C 103 13.29 10.26 19.60
C GLN C 103 12.36 9.82 20.75
N SER C 104 11.04 9.69 20.53
CA SER C 104 10.16 9.16 21.57
C SER C 104 9.84 7.67 21.33
N ARG C 105 10.63 6.98 20.47
CA ARG C 105 10.49 5.56 20.20
C ARG C 105 10.99 4.78 21.40
N SER C 106 10.58 3.51 21.50
CA SER C 106 11.02 2.65 22.61
C SER C 106 12.51 2.33 22.52
N ASP C 107 13.03 2.20 21.29
CA ASP C 107 14.43 1.88 20.98
C ASP C 107 15.38 3.10 20.96
N ARG C 108 14.84 4.31 21.04
CA ARG C 108 15.56 5.57 20.90
C ARG C 108 16.91 5.62 21.63
N ASP C 109 17.01 5.03 22.82
CA ASP C 109 18.24 5.11 23.61
C ASP C 109 19.42 4.41 22.96
N ASP C 110 19.19 3.47 22.04
CA ASP C 110 20.29 2.80 21.35
C ASP C 110 20.88 3.67 20.22
N TYR C 111 20.16 4.69 19.76
CA TYR C 111 20.54 5.53 18.64
C TYR C 111 20.97 6.92 19.09
N VAL C 112 20.18 7.57 19.97
CA VAL C 112 20.50 8.88 20.52
C VAL C 112 20.70 8.78 22.03
N ARG C 113 21.32 9.81 22.61
CA ARG C 113 21.56 9.92 24.04
C ARG C 113 20.95 11.22 24.52
N ILE C 114 20.16 11.20 25.60
CA ILE C 114 19.54 12.43 26.11
C ILE C 114 20.38 12.97 27.25
N MET C 115 20.98 14.13 27.05
CA MET C 115 21.82 14.78 28.04
C MET C 115 20.96 15.59 29.00
N TRP C 116 20.26 14.91 29.89
CA TRP C 116 19.30 15.41 30.88
C TRP C 116 19.71 16.66 31.67
N ASP C 117 21.00 16.79 32.05
CA ASP C 117 21.48 17.95 32.81
C ASP C 117 21.54 19.22 31.96
N ARG C 118 21.62 19.09 30.61
CA ARG C 118 21.67 20.25 29.71
C ARG C 118 20.28 20.76 29.32
N ILE C 119 19.19 20.09 29.75
CA ILE C 119 17.84 20.51 29.38
C ILE C 119 17.32 21.54 30.38
N LEU C 120 16.49 22.49 29.92
CA LEU C 120 15.88 23.51 30.77
C LEU C 120 15.10 22.85 31.92
N SER C 121 15.17 23.44 33.11
CA SER C 121 14.53 22.89 34.29
C SER C 121 13.01 22.67 34.10
N GLY C 122 12.57 21.43 34.30
CA GLY C 122 11.16 21.06 34.19
C GLY C 122 10.70 20.65 32.80
N ARG C 123 11.62 20.67 31.82
CA ARG C 123 11.29 20.33 30.43
C ARG C 123 11.62 18.86 30.10
N GLU C 124 11.45 17.98 31.07
CA GLU C 124 11.77 16.56 30.94
C GLU C 124 10.75 15.85 30.06
N HIS C 125 9.47 16.23 30.20
CA HIS C 125 8.38 15.60 29.45
C HIS C 125 8.43 15.85 27.97
N ASN C 126 9.22 16.81 27.50
CA ASN C 126 9.42 17.01 26.07
C ASN C 126 10.34 15.93 25.47
N PHE C 127 10.94 15.06 26.32
CA PHE C 127 11.83 14.00 25.91
C PHE C 127 11.27 12.64 26.36
N ASN C 128 9.95 12.46 26.24
CA ASN C 128 9.29 11.23 26.63
C ASN C 128 9.71 10.06 25.73
N THR C 129 9.50 8.83 26.20
CA THR C 129 9.75 7.59 25.46
C THR C 129 8.52 6.73 25.70
N TYR C 130 7.99 6.12 24.64
CA TYR C 130 6.78 5.33 24.78
C TYR C 130 7.06 3.86 24.47
N SER C 131 6.61 2.97 25.36
CA SER C 131 6.84 1.53 25.18
C SER C 131 6.06 1.00 23.99
N ASP C 132 6.50 -0.15 23.43
CA ASP C 132 5.78 -0.72 22.29
C ASP C 132 4.35 -1.22 22.69
N ASP C 133 3.92 -0.94 23.94
CA ASP C 133 2.62 -1.22 24.52
C ASP C 133 1.57 -0.23 23.95
N ILE C 134 1.99 1.03 23.67
CA ILE C 134 1.17 2.11 23.10
C ILE C 134 1.83 2.72 21.85
N SER C 135 3.14 2.48 21.59
CA SER C 135 3.84 3.03 20.43
C SER C 135 4.33 1.93 19.44
N ASP C 136 3.83 1.92 18.20
CA ASP C 136 4.23 0.95 17.15
C ASP C 136 5.21 1.61 16.16
N SER C 137 6.45 1.11 16.10
CA SER C 137 7.45 1.68 15.19
C SER C 137 7.27 1.20 13.72
N LEU C 138 6.26 0.34 13.46
CA LEU C 138 5.86 -0.17 12.16
C LEU C 138 6.99 -0.84 11.40
N ASN C 139 7.93 -1.47 12.12
CA ASN C 139 9.05 -2.23 11.51
C ASN C 139 9.96 -1.37 10.64
N VAL C 140 10.07 -0.08 10.95
CA VAL C 140 10.96 0.81 10.22
C VAL C 140 12.14 1.12 11.15
N PRO C 141 13.41 1.05 10.69
CA PRO C 141 14.54 1.34 11.60
C PRO C 141 14.54 2.81 12.10
N TYR C 142 15.43 3.15 13.04
CA TYR C 142 15.50 4.48 13.61
C TYR C 142 15.96 5.44 12.57
N ASP C 143 15.18 6.49 12.38
CA ASP C 143 15.39 7.49 11.35
C ASP C 143 15.88 8.86 11.92
N TYR C 144 17.16 9.16 11.71
CA TYR C 144 17.70 10.45 12.13
C TYR C 144 17.16 11.60 11.27
N THR C 145 16.91 11.32 9.96
CA THR C 145 16.46 12.34 9.00
C THR C 145 14.96 12.65 9.07
N SER C 146 14.30 12.20 10.11
CA SER C 146 12.87 12.35 10.26
C SER C 146 12.45 13.79 10.39
N VAL C 147 11.34 14.12 9.76
CA VAL C 147 10.72 15.44 9.94
C VAL C 147 10.01 15.52 11.33
N MET C 148 9.97 14.42 12.10
CA MET C 148 9.41 14.38 13.44
C MET C 148 10.52 14.24 14.51
N HIS C 149 11.80 14.48 14.17
CA HIS C 149 12.88 14.36 15.14
C HIS C 149 13.36 15.76 15.59
N TYR C 150 13.51 15.96 16.90
CA TYR C 150 14.05 17.20 17.45
C TYR C 150 15.49 17.42 16.99
N SER C 151 15.91 18.67 16.99
CA SER C 151 17.29 19.03 16.67
C SER C 151 18.20 18.75 17.89
N LYS C 152 19.53 18.80 17.71
CA LYS C 152 20.44 18.59 18.84
C LYS C 152 20.26 19.63 19.96
N THR C 153 19.68 20.79 19.67
CA THR C 153 19.55 21.87 20.65
C THR C 153 18.19 22.01 21.31
N ALA C 154 17.22 21.16 21.00
CA ALA C 154 15.88 21.27 21.58
C ALA C 154 15.90 21.33 23.12
N PHE C 155 15.30 22.38 23.69
CA PHE C 155 15.19 22.71 25.10
C PHE C 155 16.55 22.91 25.83
N GLN C 156 17.64 23.24 25.11
CA GLN C 156 18.96 23.43 25.73
C GLN C 156 19.00 24.65 26.66
N ASN C 157 19.80 24.54 27.73
CA ASN C 157 20.08 25.56 28.73
C ASN C 157 21.55 25.85 28.59
N GLY C 158 21.90 26.57 27.54
CA GLY C 158 23.30 26.87 27.26
C GLY C 158 23.63 26.69 25.81
N THR C 159 24.89 26.44 25.48
CA THR C 159 25.30 26.21 24.10
C THR C 159 25.60 24.74 23.80
N GLU C 160 25.14 23.82 24.65
CA GLU C 160 25.49 22.42 24.52
C GLU C 160 24.27 21.57 24.13
N PRO C 161 24.47 20.59 23.22
CA PRO C 161 23.34 19.82 22.68
C PRO C 161 22.67 18.89 23.66
N THR C 162 21.34 18.95 23.75
CA THR C 162 20.61 18.08 24.66
C THR C 162 20.39 16.69 24.09
N ILE C 163 20.46 16.51 22.73
CA ILE C 163 20.29 15.21 22.06
C ILE C 163 21.56 14.85 21.30
N VAL C 164 22.45 14.08 21.90
CA VAL C 164 23.69 13.70 21.23
C VAL C 164 23.49 12.38 20.54
N THR C 165 23.45 12.32 19.18
CA THR C 165 23.28 11.04 18.49
C THR C 165 24.54 10.22 18.70
N ARG C 166 24.39 8.94 19.07
CA ARG C 166 25.50 8.07 19.38
C ARG C 166 26.48 7.97 18.21
N ILE C 167 25.99 8.00 16.95
CA ILE C 167 26.90 8.08 15.81
C ILE C 167 27.11 9.57 15.49
N SER C 168 28.38 10.04 15.60
CA SER C 168 28.82 11.44 15.42
C SER C 168 28.39 12.09 14.10
N ASP C 169 28.41 11.34 12.98
CA ASP C 169 28.07 11.89 11.66
C ASP C 169 26.62 12.44 11.63
N PHE C 170 25.70 11.90 12.45
CA PHE C 170 24.31 12.31 12.40
C PHE C 170 23.92 13.30 13.48
N GLU C 171 24.89 13.92 14.18
CA GLU C 171 24.50 14.85 15.27
C GLU C 171 23.85 16.12 14.77
N ASP C 172 24.18 16.55 13.55
CA ASP C 172 23.55 17.74 12.96
C ASP C 172 22.38 17.36 12.02
N VAL C 173 22.40 16.13 11.47
CA VAL C 173 21.37 15.59 10.59
C VAL C 173 20.00 15.63 11.26
N ILE C 174 19.94 15.26 12.55
CA ILE C 174 18.69 15.27 13.29
C ILE C 174 18.10 16.68 13.39
N GLY C 175 16.80 16.77 13.21
CA GLY C 175 16.10 18.03 13.31
C GLY C 175 15.65 18.64 12.00
N GLN C 176 16.06 18.04 10.84
CA GLN C 176 15.68 18.57 9.52
C GLN C 176 14.19 18.91 9.40
N ARG C 177 13.90 20.05 8.77
CA ARG C 177 12.54 20.48 8.57
C ARG C 177 12.39 20.99 7.13
N MET C 178 12.83 20.15 6.15
CA MET C 178 12.76 20.38 4.70
C MET C 178 11.51 19.71 4.07
N ASP C 179 11.31 18.42 4.31
CA ASP C 179 10.14 17.67 3.82
C ASP C 179 10.03 16.34 4.61
N PHE C 180 9.07 15.46 4.24
CA PHE C 180 9.00 14.18 4.90
C PHE C 180 10.24 13.34 4.48
N SER C 181 10.75 12.55 5.41
CA SER C 181 11.83 11.63 5.10
C SER C 181 11.20 10.43 4.39
N ASP C 182 12.03 9.56 3.79
CA ASP C 182 11.48 8.38 3.11
C ASP C 182 10.82 7.44 4.15
N SER C 183 11.35 7.38 5.40
CA SER C 183 10.78 6.57 6.47
C SER C 183 9.48 7.21 6.99
N ASP C 184 9.37 8.54 6.98
CA ASP C 184 8.16 9.24 7.42
C ASP C 184 6.98 8.84 6.57
N LEU C 185 7.19 8.69 5.26
CA LEU C 185 6.12 8.28 4.36
C LEU C 185 5.88 6.79 4.48
N LEU C 186 6.95 6.01 4.60
CA LEU C 186 6.90 4.57 4.76
C LEU C 186 5.96 4.17 5.91
N LYS C 187 6.02 4.88 7.06
CA LYS C 187 5.17 4.58 8.22
C LYS C 187 3.75 5.13 8.04
N LEU C 188 3.61 6.33 7.47
CA LEU C 188 2.30 6.96 7.27
C LEU C 188 1.44 6.16 6.31
N ASN C 189 2.00 5.82 5.14
CA ASN C 189 1.30 5.06 4.12
C ASN C 189 1.05 3.61 4.58
N GLN C 190 1.84 3.07 5.50
CA GLN C 190 1.59 1.77 6.07
C GLN C 190 0.40 1.90 7.02
N LEU C 191 0.42 2.93 7.88
CA LEU C 191 -0.63 3.21 8.84
C LEU C 191 -1.98 3.40 8.16
N TYR C 192 -2.01 4.16 7.06
CA TYR C 192 -3.26 4.45 6.40
C TYR C 192 -3.50 3.64 5.13
N ASN C 193 -2.76 2.54 4.92
CA ASN C 193 -2.95 1.63 3.79
C ASN C 193 -2.90 2.33 2.46
N CYS C 194 -2.01 3.32 2.34
CA CYS C 194 -1.88 4.10 1.13
C CYS C 194 -1.24 3.29 0.02
N SER C 195 -2.03 3.08 -1.04
CA SER C 195 -1.57 2.40 -2.23
C SER C 195 -1.36 3.42 -3.38
N SER C 196 -2.12 4.53 -3.40
CA SER C 196 -1.97 5.53 -4.44
C SER C 196 -2.20 6.96 -3.91
N SER C 197 -1.66 7.96 -4.63
CA SER C 197 -1.78 9.37 -4.23
C SER C 197 -2.68 10.16 -5.20
N LEU C 198 -3.02 11.40 -4.85
CA LEU C 198 -3.89 12.23 -5.68
C LEU C 198 -3.13 12.86 -6.84
N SER C 199 -1.92 13.35 -6.60
CA SER C 199 -1.18 14.10 -7.61
C SER C 199 -0.18 13.31 -8.42
N PHE C 200 0.36 12.21 -7.92
CA PHE C 200 1.41 11.53 -8.67
C PHE C 200 0.86 10.88 -9.98
N MET C 201 1.53 11.13 -11.11
CA MET C 201 1.13 10.55 -12.39
C MET C 201 2.21 9.69 -12.98
N ASP C 202 3.43 10.21 -13.13
CA ASP C 202 4.51 9.43 -13.74
C ASP C 202 5.91 9.94 -13.41
N SER C 203 6.89 9.01 -13.35
CA SER C 203 8.31 9.33 -13.19
C SER C 203 9.09 8.40 -14.10
N CYS C 204 9.92 8.95 -15.01
CA CYS C 204 10.67 8.16 -15.97
C CYS C 204 12.13 8.56 -16.00
N SER C 205 12.99 7.65 -15.61
CA SER C 205 14.42 7.86 -15.65
C SER C 205 15.11 6.95 -16.70
N PHE C 206 14.34 6.07 -17.40
CA PHE C 206 14.78 5.16 -18.47
C PHE C 206 15.78 4.13 -18.02
N GLU C 207 15.84 3.84 -16.71
CA GLU C 207 16.78 2.82 -16.24
C GLU C 207 16.27 1.40 -16.48
N LEU C 208 15.21 1.23 -17.29
CA LEU C 208 14.66 -0.08 -17.64
C LEU C 208 14.38 -0.11 -19.15
N GLU C 209 14.53 -1.28 -19.77
CA GLU C 209 14.37 -1.52 -21.22
C GLU C 209 12.96 -1.20 -21.73
N ASN C 210 11.93 -1.39 -20.90
CA ASN C 210 10.55 -1.11 -21.30
C ASN C 210 10.23 0.39 -21.36
N VAL C 211 11.19 1.26 -20.93
CA VAL C 211 11.21 2.72 -20.87
C VAL C 211 9.86 3.30 -20.46
N CYS C 212 9.34 2.85 -19.32
CA CYS C 212 8.10 3.35 -18.72
C CYS C 212 6.89 3.21 -19.65
N GLY C 213 6.93 2.27 -20.57
CA GLY C 213 5.86 2.06 -21.53
C GLY C 213 5.78 3.10 -22.63
N MET C 214 6.89 3.81 -22.89
CA MET C 214 6.91 4.83 -23.92
C MET C 214 7.08 4.18 -25.29
N ILE C 215 6.09 4.42 -26.14
CA ILE C 215 6.08 3.92 -27.49
C ILE C 215 6.63 5.01 -28.43
N GLN C 216 6.93 4.66 -29.68
CA GLN C 216 7.48 5.64 -30.63
C GLN C 216 6.71 5.74 -31.95
N SER C 217 5.59 4.99 -32.10
CA SER C 217 4.75 4.94 -33.32
C SER C 217 5.65 4.58 -34.54
N SER C 218 5.36 5.11 -35.75
CA SER C 218 6.21 4.89 -36.90
C SER C 218 7.14 6.11 -37.06
N GLY C 219 7.94 6.40 -35.98
CA GLY C 219 8.93 7.48 -35.82
C GLY C 219 9.54 7.94 -37.13
N ASP C 220 9.14 9.10 -37.61
CA ASP C 220 9.45 9.59 -38.95
C ASP C 220 10.93 9.86 -39.24
N ASN C 221 11.52 9.06 -40.19
CA ASN C 221 12.93 9.09 -40.63
C ASN C 221 13.88 8.55 -39.52
N ALA C 222 13.70 9.04 -38.29
CA ALA C 222 14.50 8.69 -37.14
C ALA C 222 13.60 8.44 -35.89
N ASP C 223 14.18 7.88 -34.82
CA ASP C 223 13.53 7.61 -33.55
C ASP C 223 14.52 7.93 -32.38
N TRP C 224 14.03 7.90 -31.15
CA TRP C 224 14.80 8.14 -29.92
C TRP C 224 15.43 6.81 -29.49
N GLN C 225 16.70 6.83 -29.05
CA GLN C 225 17.38 5.60 -28.65
C GLN C 225 17.82 5.63 -27.20
N ARG C 226 17.58 4.52 -26.49
CA ARG C 226 17.98 4.38 -25.10
C ARG C 226 19.47 4.14 -25.06
N VAL C 227 20.24 5.18 -24.71
CA VAL C 227 21.70 5.12 -24.65
C VAL C 227 22.18 5.51 -23.25
N SER C 228 23.44 5.18 -22.91
CA SER C 228 24.00 5.57 -21.62
C SER C 228 25.06 6.68 -21.74
N GLN C 229 25.38 7.11 -22.98
CA GLN C 229 26.35 8.16 -23.32
C GLN C 229 26.29 8.48 -24.81
N VAL C 230 26.59 9.73 -25.15
CA VAL C 230 26.69 10.19 -26.54
C VAL C 230 28.09 10.77 -26.69
N PRO C 231 28.85 10.35 -27.72
CA PRO C 231 30.24 10.81 -27.86
C PRO C 231 30.42 12.33 -27.72
N ARG C 232 29.62 13.16 -28.43
CA ARG C 232 29.75 14.61 -28.29
C ARG C 232 29.22 15.10 -26.95
N GLY C 233 28.17 14.46 -26.45
CA GLY C 233 27.60 14.83 -25.16
C GLY C 233 26.17 14.37 -24.97
N PRO C 234 25.78 13.95 -23.75
CA PRO C 234 26.56 13.91 -22.50
C PRO C 234 27.37 12.63 -22.29
N GLU C 235 28.33 12.67 -21.37
CA GLU C 235 29.15 11.51 -21.03
C GLU C 235 28.34 10.46 -20.22
N SER C 236 27.28 10.90 -19.52
CA SER C 236 26.44 10.05 -18.69
C SER C 236 24.99 10.56 -18.68
N ASP C 237 24.08 9.81 -18.08
CA ASP C 237 22.69 10.23 -17.95
C ASP C 237 22.55 11.28 -16.82
N HIS C 238 21.32 11.71 -16.53
CA HIS C 238 21.10 12.71 -15.49
C HIS C 238 20.80 12.05 -14.17
N SER C 239 20.11 10.91 -14.16
CA SER C 239 19.76 10.21 -12.93
C SER C 239 20.99 9.81 -12.10
N ASN C 240 22.06 9.35 -12.75
CA ASN C 240 23.30 8.97 -12.05
C ASN C 240 24.48 9.58 -12.77
N MET C 241 25.24 10.46 -12.12
CA MET C 241 26.38 11.09 -12.79
C MET C 241 27.70 10.65 -12.11
N GLY C 242 28.08 11.28 -11.00
CA GLY C 242 29.28 10.91 -10.25
C GLY C 242 29.19 9.60 -9.48
N GLN C 243 28.05 8.88 -9.65
CA GLN C 243 27.76 7.58 -9.06
C GLN C 243 28.15 6.50 -10.09
N CYS C 244 27.45 6.43 -11.25
CA CYS C 244 27.76 5.43 -12.27
C CYS C 244 27.34 5.93 -13.66
N GLN C 245 28.24 5.69 -14.63
CA GLN C 245 28.19 6.12 -16.03
C GLN C 245 27.16 5.30 -16.88
N GLY C 246 27.51 4.04 -17.20
CA GLY C 246 26.69 3.12 -17.98
C GLY C 246 25.48 2.63 -17.21
N SER C 247 25.60 2.55 -15.87
CA SER C 247 24.48 2.22 -15.00
C SER C 247 23.68 3.51 -14.90
N GLY C 248 22.86 3.75 -15.92
CA GLY C 248 22.07 4.95 -16.11
C GLY C 248 21.89 5.26 -17.58
N PHE C 249 20.64 5.20 -18.04
CA PHE C 249 20.28 5.40 -19.44
C PHE C 249 19.38 6.63 -19.65
N PHE C 250 19.17 7.02 -20.91
CA PHE C 250 18.37 8.18 -21.32
C PHE C 250 18.01 8.07 -22.81
N MET C 251 16.97 8.80 -23.25
CA MET C 251 16.59 8.78 -24.66
C MET C 251 17.37 9.81 -25.44
N HIS C 252 17.84 9.44 -26.65
CA HIS C 252 18.61 10.37 -27.45
C HIS C 252 18.13 10.44 -28.91
N PHE C 253 18.10 11.67 -29.43
CA PHE C 253 17.70 11.99 -30.78
C PHE C 253 18.92 12.46 -31.58
N ASP C 254 19.56 11.56 -32.36
CA ASP C 254 20.74 11.94 -33.12
C ASP C 254 20.36 12.75 -34.33
N SER C 255 20.60 14.06 -34.23
CA SER C 255 20.34 15.01 -35.29
C SER C 255 21.53 15.12 -36.25
N SER C 256 22.76 14.78 -35.83
CA SER C 256 23.95 14.87 -36.66
C SER C 256 23.85 14.08 -37.97
N SER C 257 23.18 12.92 -37.94
CA SER C 257 23.12 12.05 -39.12
C SER C 257 21.78 12.07 -39.89
N VAL C 258 20.85 12.99 -39.58
CA VAL C 258 19.61 13.10 -40.34
C VAL C 258 19.56 14.45 -41.09
N ASN C 259 18.59 14.64 -42.01
CA ASN C 259 18.45 15.86 -42.81
C ASN C 259 17.75 17.01 -42.01
N VAL C 260 17.74 18.22 -42.61
CA VAL C 260 17.05 19.39 -42.06
C VAL C 260 15.56 19.12 -42.13
N GLY C 261 14.87 19.36 -41.01
CA GLY C 261 13.44 19.16 -40.92
C GLY C 261 13.05 17.82 -40.31
N ALA C 262 13.97 16.85 -40.25
CA ALA C 262 13.67 15.52 -39.74
C ALA C 262 13.19 15.56 -38.32
N THR C 263 12.10 14.83 -38.00
CA THR C 263 11.56 14.80 -36.64
C THR C 263 11.53 13.37 -36.08
N ALA C 264 11.74 13.23 -34.76
CA ALA C 264 11.65 11.96 -34.03
C ALA C 264 10.72 12.17 -32.84
N VAL C 265 9.75 11.28 -32.68
CA VAL C 265 8.71 11.36 -31.67
C VAL C 265 8.82 10.24 -30.64
N LEU C 266 8.51 10.57 -29.38
CA LEU C 266 8.47 9.63 -28.27
C LEU C 266 7.17 9.88 -27.50
N GLU C 267 6.23 8.99 -27.63
CA GLU C 267 4.91 9.11 -27.04
C GLU C 267 4.76 8.28 -25.78
N SER C 268 4.40 8.92 -24.67
CA SER C 268 4.16 8.24 -23.41
C SER C 268 2.98 7.24 -23.49
N ARG C 269 2.77 6.50 -22.40
CA ARG C 269 1.62 5.62 -22.28
C ARG C 269 0.40 6.47 -21.88
N THR C 270 -0.81 5.87 -21.84
CA THR C 270 -2.01 6.59 -21.47
C THR C 270 -2.00 6.98 -19.97
N LEU C 271 -2.24 8.25 -19.72
CA LEU C 271 -2.29 8.84 -18.39
C LEU C 271 -3.70 9.33 -18.12
N TYR C 272 -4.16 9.20 -16.89
CA TYR C 272 -5.51 9.59 -16.53
C TYR C 272 -5.49 10.70 -15.51
N PRO C 273 -5.71 11.96 -15.93
CA PRO C 273 -5.70 13.05 -14.95
C PRO C 273 -6.93 13.02 -14.07
N LYS C 274 -6.76 13.34 -12.79
CA LYS C 274 -7.84 13.42 -11.81
C LYS C 274 -7.90 14.81 -11.17
N ARG C 275 -7.37 15.86 -11.82
CA ARG C 275 -7.38 17.21 -11.26
C ARG C 275 -7.63 18.29 -12.31
N GLY C 276 -7.03 18.12 -13.48
CA GLY C 276 -7.17 19.11 -14.54
C GLY C 276 -6.03 20.11 -14.64
N PHE C 277 -4.98 19.94 -13.83
CA PHE C 277 -3.78 20.79 -13.95
C PHE C 277 -2.55 19.90 -13.67
N GLN C 278 -1.50 20.06 -14.48
CA GLN C 278 -0.32 19.23 -14.37
C GLN C 278 0.98 20.00 -14.56
N CYS C 279 2.08 19.47 -14.04
CA CYS C 279 3.39 20.03 -14.30
C CYS C 279 4.30 18.96 -14.88
N LEU C 280 4.58 19.07 -16.17
CA LEU C 280 5.49 18.14 -16.82
C LEU C 280 6.88 18.71 -16.75
N GLN C 281 7.84 18.02 -16.13
CA GLN C 281 9.21 18.52 -16.03
C GLN C 281 10.21 17.51 -16.55
N PHE C 282 11.43 17.96 -16.89
CA PHE C 282 12.44 17.06 -17.45
C PHE C 282 13.79 17.76 -17.67
N TYR C 283 14.86 16.96 -17.78
CA TYR C 283 16.17 17.51 -18.03
C TYR C 283 16.60 17.27 -19.48
N LEU C 284 16.93 18.37 -20.19
CA LEU C 284 17.31 18.33 -21.59
C LEU C 284 18.77 18.65 -21.81
N TYR C 285 19.50 17.80 -22.54
CA TYR C 285 20.88 18.10 -22.91
C TYR C 285 20.93 18.38 -24.41
N ASN C 286 21.58 19.48 -24.81
CA ASN C 286 21.73 19.78 -26.23
C ASN C 286 23.17 19.56 -26.63
N SER C 287 23.38 18.64 -27.56
CA SER C 287 24.71 18.34 -28.05
C SER C 287 24.92 18.78 -29.52
N GLY C 288 23.81 19.07 -30.24
CA GLY C 288 23.84 19.57 -31.60
C GLY C 288 23.87 21.08 -31.61
N SER C 289 23.29 21.71 -32.64
CA SER C 289 23.29 23.17 -32.74
C SER C 289 22.08 23.82 -31.99
N GLU C 290 22.10 25.15 -31.84
CA GLU C 290 20.99 25.89 -31.23
C GLU C 290 19.69 25.86 -32.10
N SER C 291 19.80 25.44 -33.40
CA SER C 291 18.70 25.38 -34.36
C SER C 291 17.75 24.22 -34.12
N ASP C 292 18.25 23.12 -33.56
CA ASP C 292 17.38 21.99 -33.24
C ASP C 292 16.36 22.43 -32.15
N GLN C 293 15.17 21.80 -32.14
CA GLN C 293 14.14 22.15 -31.17
C GLN C 293 13.38 20.93 -30.66
N LEU C 294 12.73 21.05 -29.48
CA LEU C 294 11.94 19.95 -28.93
C LEU C 294 10.53 20.43 -28.69
N ASN C 295 9.60 20.11 -29.60
CA ASN C 295 8.22 20.52 -29.42
C ASN C 295 7.49 19.51 -28.53
N ILE C 296 6.51 19.94 -27.75
CA ILE C 296 5.73 19.07 -26.89
C ILE C 296 4.26 19.13 -27.26
N TYR C 297 3.63 17.97 -27.41
CA TYR C 297 2.21 17.87 -27.74
C TYR C 297 1.47 17.09 -26.67
N ILE C 298 0.15 17.19 -26.67
CA ILE C 298 -0.69 16.44 -25.77
C ILE C 298 -1.73 15.72 -26.63
N ARG C 299 -1.71 14.38 -26.66
CA ARG C 299 -2.69 13.65 -27.45
C ARG C 299 -3.83 13.27 -26.53
N GLU C 300 -4.92 14.04 -26.55
CA GLU C 300 -6.06 13.83 -25.66
C GLU C 300 -7.10 12.95 -26.34
N TYR C 301 -7.64 11.95 -25.63
CA TYR C 301 -8.59 11.03 -26.25
C TYR C 301 -10.05 11.30 -25.87
N SER C 302 -10.81 11.92 -26.79
CA SER C 302 -12.23 12.16 -26.60
C SER C 302 -13.04 10.98 -27.15
N ALA C 303 -14.26 10.76 -26.64
CA ALA C 303 -15.11 9.64 -27.08
C ALA C 303 -15.59 9.78 -28.54
N ASP C 304 -15.61 11.00 -29.09
CA ASP C 304 -16.06 11.24 -30.47
C ASP C 304 -14.98 10.78 -31.48
N ASN C 305 -13.70 11.07 -31.19
CA ASN C 305 -12.58 10.62 -32.01
C ASN C 305 -11.64 9.78 -31.15
N VAL C 306 -11.65 8.47 -31.39
CA VAL C 306 -10.84 7.51 -30.63
C VAL C 306 -9.32 7.57 -30.99
N ASP C 307 -8.93 8.39 -32.01
CA ASP C 307 -7.52 8.55 -32.42
C ASP C 307 -6.81 9.76 -31.79
N GLY C 308 -7.47 10.42 -30.85
CA GLY C 308 -6.89 11.56 -30.16
C GLY C 308 -6.93 12.88 -30.90
N ASN C 309 -6.77 13.96 -30.12
CA ASN C 309 -6.71 15.34 -30.55
C ASN C 309 -5.31 15.84 -30.19
N LEU C 310 -4.39 15.71 -31.14
CA LEU C 310 -3.02 16.15 -30.93
C LEU C 310 -2.99 17.66 -30.87
N THR C 311 -2.42 18.23 -29.79
CA THR C 311 -2.39 19.68 -29.65
C THR C 311 -1.01 20.12 -29.16
N LEU C 312 -0.32 20.99 -29.93
CA LEU C 312 1.01 21.48 -29.59
C LEU C 312 0.92 22.37 -28.35
N VAL C 313 1.45 21.90 -27.19
CA VAL C 313 1.36 22.66 -25.96
C VAL C 313 2.55 23.60 -25.73
N GLU C 314 3.78 23.20 -26.09
CA GLU C 314 4.96 24.07 -25.92
C GLU C 314 6.01 23.74 -26.95
N GLU C 315 6.77 24.71 -27.43
CA GLU C 315 7.84 24.49 -28.40
C GLU C 315 9.16 25.01 -27.79
N ILE C 316 10.11 24.13 -27.50
CA ILE C 316 11.37 24.53 -26.84
C ILE C 316 12.48 24.80 -27.88
N LYS C 317 12.83 26.05 -28.08
CA LYS C 317 13.88 26.44 -29.04
C LYS C 317 15.13 26.91 -28.29
N GLU C 318 16.24 27.17 -29.03
CA GLU C 318 17.50 27.70 -28.47
C GLU C 318 17.90 27.07 -27.11
N ILE C 319 18.11 25.75 -27.12
CA ILE C 319 18.52 25.06 -25.91
C ILE C 319 20.01 25.25 -25.71
N PRO C 320 20.47 25.74 -24.54
CA PRO C 320 21.90 25.93 -24.33
C PRO C 320 22.65 24.61 -24.48
N THR C 321 23.85 24.64 -25.06
CA THR C 321 24.57 23.41 -25.39
C THR C 321 25.67 23.01 -24.42
N GLY C 322 25.68 21.72 -24.06
CA GLY C 322 26.72 21.19 -23.18
C GLY C 322 26.41 21.23 -21.71
N SER C 323 25.13 21.15 -21.35
CA SER C 323 24.64 21.19 -19.98
C SER C 323 23.20 20.66 -19.92
N TRP C 324 22.86 19.93 -18.86
CA TRP C 324 21.48 19.46 -18.68
C TRP C 324 20.67 20.62 -18.16
N GLN C 325 19.50 20.84 -18.73
CA GLN C 325 18.65 21.96 -18.31
C GLN C 325 17.29 21.48 -17.83
N LEU C 326 16.80 22.03 -16.73
CA LEU C 326 15.49 21.67 -16.22
C LEU C 326 14.43 22.52 -16.91
N TYR C 327 13.37 21.86 -17.40
CA TYR C 327 12.27 22.55 -18.07
C TYR C 327 10.94 22.19 -17.43
N HIS C 328 10.05 23.16 -17.27
CA HIS C 328 8.71 22.92 -16.73
C HIS C 328 7.62 23.33 -17.77
N VAL C 329 6.72 22.41 -18.10
CA VAL C 329 5.62 22.69 -19.02
C VAL C 329 4.32 22.63 -18.25
N THR C 330 3.49 23.65 -18.38
CA THR C 330 2.20 23.68 -17.71
C THR C 330 1.13 23.09 -18.59
N LEU C 331 0.47 22.06 -18.08
CA LEU C 331 -0.64 21.42 -18.76
C LEU C 331 -1.97 21.73 -18.04
N LYS C 332 -3.09 21.38 -18.66
CA LYS C 332 -4.43 21.55 -18.14
C LYS C 332 -5.30 20.54 -18.85
N VAL C 333 -4.97 19.25 -18.70
CA VAL C 333 -5.70 18.18 -19.40
C VAL C 333 -6.74 17.57 -18.46
N THR C 334 -7.94 17.35 -18.99
CA THR C 334 -9.10 16.82 -18.28
C THR C 334 -9.45 15.38 -18.67
N LYS C 335 -9.06 14.93 -19.86
CA LYS C 335 -9.38 13.57 -20.34
C LYS C 335 -8.12 12.67 -20.39
N LYS C 336 -8.29 11.34 -20.63
CA LYS C 336 -7.14 10.44 -20.73
C LYS C 336 -6.25 10.89 -21.88
N PHE C 337 -4.95 11.10 -21.58
CA PHE C 337 -4.05 11.69 -22.56
C PHE C 337 -2.66 11.02 -22.61
N ARG C 338 -1.87 11.36 -23.64
CA ARG C 338 -0.48 10.95 -23.83
C ARG C 338 0.38 12.19 -24.02
N VAL C 339 1.63 12.17 -23.56
CA VAL C 339 2.55 13.29 -23.78
C VAL C 339 3.44 12.91 -24.98
N VAL C 340 3.52 13.78 -25.99
CA VAL C 340 4.28 13.49 -27.19
C VAL C 340 5.52 14.38 -27.27
N PHE C 341 6.71 13.78 -27.22
CA PHE C 341 7.99 14.50 -27.26
C PHE C 341 8.56 14.47 -28.66
N GLU C 342 8.66 15.61 -29.34
CA GLU C 342 9.16 15.63 -30.71
C GLU C 342 10.44 16.42 -30.89
N GLY C 343 11.54 15.72 -31.11
CA GLY C 343 12.80 16.37 -31.43
C GLY C 343 12.79 16.74 -32.90
N ARG C 344 13.37 17.88 -33.29
CA ARG C 344 13.35 18.29 -34.71
C ARG C 344 14.66 18.94 -35.14
N LYS C 345 15.38 18.32 -36.08
CA LYS C 345 16.64 18.88 -36.55
C LYS C 345 16.43 20.16 -37.31
N GLY C 346 17.00 21.24 -36.80
CA GLY C 346 16.95 22.54 -37.46
C GLY C 346 17.93 22.63 -38.62
N SER C 347 18.07 23.80 -39.23
CA SER C 347 18.99 23.96 -40.34
C SER C 347 20.34 24.46 -39.86
N GLY C 348 21.03 23.63 -39.11
CA GLY C 348 22.34 23.97 -38.57
C GLY C 348 23.23 22.75 -38.43
N ALA C 349 24.52 22.91 -38.76
CA ALA C 349 25.48 21.81 -38.66
C ALA C 349 25.58 21.30 -37.21
N SER C 350 24.98 20.13 -36.95
CA SER C 350 24.93 19.48 -35.64
C SER C 350 25.90 18.30 -35.58
N LEU C 351 26.61 18.18 -34.47
CA LEU C 351 27.52 17.04 -34.27
C LEU C 351 27.07 16.13 -33.12
N GLY C 352 25.81 16.26 -32.68
CA GLY C 352 25.26 15.44 -31.61
C GLY C 352 23.76 15.26 -31.74
N GLY C 353 23.02 15.76 -30.76
CA GLY C 353 21.58 15.67 -30.76
C GLY C 353 20.93 16.04 -29.43
N LEU C 354 19.62 15.76 -29.32
CA LEU C 354 18.87 16.06 -28.10
C LEU C 354 18.79 14.87 -27.18
N SER C 355 19.16 15.06 -25.92
CA SER C 355 19.13 13.99 -24.94
C SER C 355 18.10 14.33 -23.86
N ILE C 356 17.23 13.38 -23.49
CA ILE C 356 16.21 13.63 -22.45
C ILE C 356 16.25 12.56 -21.38
N ASP C 357 16.14 12.97 -20.11
CA ASP C 357 16.16 12.08 -18.95
C ASP C 357 15.35 12.70 -17.80
N ASP C 358 15.10 11.91 -16.73
CA ASP C 358 14.43 12.34 -15.50
C ASP C 358 13.16 13.16 -15.76
N ILE C 359 12.16 12.50 -16.33
CA ILE C 359 10.88 13.08 -16.64
C ILE C 359 9.95 12.85 -15.50
N ASN C 360 9.29 13.89 -15.00
CA ASN C 360 8.31 13.73 -13.92
C ASN C 360 7.01 14.46 -14.32
N LEU C 361 5.86 13.87 -13.98
CA LEU C 361 4.55 14.43 -14.28
C LEU C 361 3.69 14.28 -13.05
N SER C 362 3.23 15.39 -12.54
CA SER C 362 2.41 15.44 -11.33
C SER C 362 1.20 16.32 -11.56
N GLU C 363 0.21 16.33 -10.66
CA GLU C 363 -0.95 17.20 -10.82
C GLU C 363 -0.81 18.35 -9.85
N THR C 364 0.28 19.10 -10.08
CA THR C 364 0.74 20.21 -9.28
C THR C 364 0.89 21.46 -10.14
N ARG C 365 1.05 22.63 -9.49
CA ARG C 365 1.20 23.86 -10.23
C ARG C 365 2.68 24.17 -10.44
N CYS C 366 3.09 24.35 -11.71
CA CYS C 366 4.47 24.65 -12.10
C CYS C 366 4.96 25.89 -11.41
N PRO C 367 6.29 26.00 -11.15
CA PRO C 367 6.80 27.26 -10.59
C PRO C 367 6.59 28.41 -11.59
N HIS C 368 6.33 29.62 -11.07
CA HIS C 368 6.12 30.78 -11.92
C HIS C 368 7.43 31.13 -12.64
N HIS C 369 8.57 31.02 -11.91
CA HIS C 369 9.91 31.30 -12.44
C HIS C 369 10.93 30.34 -11.84
N ILE C 370 12.10 30.18 -12.47
CA ILE C 370 13.16 29.32 -11.93
C ILE C 370 14.51 30.07 -12.02
N TRP C 371 15.37 29.90 -11.01
CA TRP C 371 16.71 30.52 -10.98
C TRP C 371 17.75 29.41 -11.06
N HIS C 372 18.46 29.31 -12.17
CA HIS C 372 19.48 28.27 -12.37
C HIS C 372 20.87 28.84 -12.01
N ILE C 373 21.45 28.41 -10.89
CA ILE C 373 22.78 28.89 -10.49
C ILE C 373 23.82 27.86 -10.86
N ARG C 374 24.75 28.23 -11.73
CA ARG C 374 25.82 27.34 -12.17
C ARG C 374 27.06 27.52 -11.33
N ASN C 375 27.99 26.56 -11.36
CA ASN C 375 29.25 26.62 -10.62
C ASN C 375 29.04 27.01 -9.12
N PHE C 376 28.13 26.27 -8.48
CA PHE C 376 27.62 26.53 -7.17
C PHE C 376 28.56 26.24 -6.01
N THR C 377 29.23 25.10 -6.04
CA THR C 377 30.07 24.66 -4.91
C THR C 377 31.02 25.73 -4.35
N GLN C 378 31.64 26.56 -5.20
CA GLN C 378 32.61 27.54 -4.72
C GLN C 378 32.00 28.71 -3.96
N PHE C 379 30.70 29.01 -4.14
CA PHE C 379 30.09 30.15 -3.43
C PHE C 379 29.82 29.87 -1.94
N ILE C 380 29.66 28.58 -1.57
CA ILE C 380 29.33 28.17 -0.21
C ILE C 380 30.45 28.47 0.78
N GLY C 381 30.14 29.27 1.80
CA GLY C 381 31.08 29.65 2.83
C GLY C 381 32.08 30.72 2.45
N SER C 382 31.96 31.27 1.23
CA SER C 382 32.86 32.29 0.69
C SER C 382 32.26 33.66 0.89
N PRO C 383 33.09 34.65 1.28
CA PRO C 383 32.58 36.02 1.45
C PRO C 383 32.03 36.66 0.17
N ASN C 384 32.34 36.08 -1.01
CA ASN C 384 31.79 36.55 -2.29
C ASN C 384 30.64 35.64 -2.77
N GLY C 385 29.88 35.09 -1.83
CA GLY C 385 28.76 34.25 -2.14
C GLY C 385 27.47 35.03 -2.00
N THR C 386 27.46 36.25 -2.55
CA THR C 386 26.30 37.14 -2.52
C THR C 386 25.68 37.13 -3.92
N LEU C 387 24.82 36.13 -4.18
CA LEU C 387 24.22 35.93 -5.48
C LEU C 387 22.91 36.67 -5.62
N TYR C 388 22.71 37.34 -6.76
CA TYR C 388 21.46 38.03 -7.03
C TYR C 388 20.82 37.41 -8.25
N SER C 389 19.52 37.14 -8.15
CA SER C 389 18.76 36.49 -9.18
C SER C 389 18.47 37.41 -10.32
N PRO C 390 18.17 36.87 -11.50
CA PRO C 390 17.70 37.74 -12.60
C PRO C 390 16.39 38.43 -12.21
N PRO C 391 16.09 39.60 -12.78
CA PRO C 391 14.81 40.26 -12.47
C PRO C 391 13.62 39.47 -13.03
N PHE C 392 12.52 39.38 -12.29
CA PHE C 392 11.33 38.64 -12.74
C PHE C 392 10.06 39.46 -12.56
N TYR C 393 8.98 39.12 -13.27
CA TYR C 393 7.71 39.81 -13.06
C TYR C 393 6.70 38.87 -12.43
N SER C 394 6.06 39.31 -11.35
CA SER C 394 4.99 38.58 -10.70
C SER C 394 3.82 38.47 -11.67
N SER C 395 2.83 37.61 -11.38
CA SER C 395 1.64 37.50 -12.25
C SER C 395 0.83 38.83 -12.25
N LYS C 396 1.04 39.70 -11.23
CA LYS C 396 0.39 41.00 -11.10
C LYS C 396 1.27 42.18 -11.57
N GLY C 397 2.35 41.91 -12.29
CA GLY C 397 3.22 42.97 -12.80
C GLY C 397 4.23 43.51 -11.80
N TYR C 398 4.35 42.88 -10.61
CA TYR C 398 5.32 43.34 -9.59
C TYR C 398 6.71 42.79 -9.92
N ALA C 399 7.69 43.67 -10.18
CA ALA C 399 9.05 43.20 -10.47
C ALA C 399 9.77 42.85 -9.17
N PHE C 400 10.54 41.77 -9.20
CA PHE C 400 11.25 41.33 -8.00
C PHE C 400 12.60 40.72 -8.36
N GLN C 401 13.38 40.46 -7.34
CA GLN C 401 14.70 39.89 -7.45
C GLN C 401 14.99 39.15 -6.16
N ILE C 402 15.60 37.95 -6.27
CA ILE C 402 15.93 37.08 -5.13
C ILE C 402 17.41 37.24 -4.75
N TYR C 403 17.72 37.18 -3.44
CA TYR C 403 19.09 37.31 -2.95
C TYR C 403 19.51 36.08 -2.18
N LEU C 404 20.57 35.41 -2.63
CA LEU C 404 21.07 34.23 -1.94
C LEU C 404 22.39 34.58 -1.28
N ASN C 405 22.45 34.52 0.04
CA ASN C 405 23.65 34.84 0.77
C ASN C 405 24.23 33.56 1.35
N LEU C 406 25.46 33.24 0.96
CA LEU C 406 26.13 32.03 1.45
C LEU C 406 27.48 32.35 2.10
N ALA C 407 27.66 33.58 2.62
CA ALA C 407 28.92 34.00 3.23
C ALA C 407 29.14 33.48 4.67
N HIS C 408 28.06 33.03 5.34
CA HIS C 408 28.18 32.58 6.73
C HIS C 408 28.85 31.22 6.80
N VAL C 409 29.67 30.98 7.83
CA VAL C 409 30.35 29.70 8.01
C VAL C 409 29.40 28.51 8.09
N THR C 410 28.11 28.72 8.41
CA THR C 410 27.22 27.60 8.64
C THR C 410 25.90 27.69 7.92
N ASN C 411 25.25 28.85 7.89
CA ASN C 411 23.94 28.94 7.26
C ASN C 411 23.90 29.68 5.93
N ALA C 412 22.89 29.36 5.15
CA ALA C 412 22.60 29.97 3.88
C ALA C 412 21.28 30.73 3.98
N GLY C 413 21.21 31.97 3.49
CA GLY C 413 20.00 32.78 3.60
C GLY C 413 19.39 33.23 2.29
N ILE C 414 18.05 33.31 2.22
CA ILE C 414 17.38 33.75 0.99
C ILE C 414 16.49 34.98 1.29
N TYR C 415 16.46 35.97 0.38
CA TYR C 415 15.67 37.17 0.63
C TYR C 415 14.91 37.56 -0.59
N PHE C 416 13.69 38.03 -0.37
CA PHE C 416 12.83 38.49 -1.45
C PHE C 416 12.91 39.99 -1.50
N HIS C 417 13.22 40.53 -2.68
CA HIS C 417 13.29 41.97 -2.86
C HIS C 417 12.34 42.40 -3.92
N LEU C 418 11.52 43.44 -3.70
CA LEU C 418 10.76 44.02 -4.80
C LEU C 418 11.70 44.97 -5.53
N ILE C 419 11.49 45.25 -6.83
CA ILE C 419 12.34 46.17 -7.60
C ILE C 419 11.46 47.01 -8.56
N SER C 420 12.01 48.13 -9.09
CA SER C 420 11.25 48.95 -10.03
C SER C 420 11.04 48.19 -11.37
N GLY C 421 9.78 48.10 -11.77
CA GLY C 421 9.34 47.44 -12.99
C GLY C 421 8.57 48.35 -13.92
N ALA C 422 8.18 47.82 -15.07
CA ALA C 422 7.48 48.59 -16.09
C ALA C 422 6.07 48.97 -15.69
N ASN C 423 5.42 48.15 -14.84
CA ASN C 423 4.04 48.43 -14.43
C ASN C 423 3.90 49.26 -13.15
N ASP C 424 4.98 49.74 -12.58
CA ASP C 424 4.94 50.46 -11.30
C ASP C 424 3.95 51.63 -11.27
N ASP C 425 3.79 52.36 -12.38
CA ASP C 425 2.86 53.48 -12.37
C ASP C 425 1.38 53.03 -12.30
N GLN C 426 1.10 51.72 -12.46
CA GLN C 426 -0.25 51.12 -12.45
C GLN C 426 -0.50 50.15 -11.27
N LEU C 427 0.52 49.88 -10.45
CA LEU C 427 0.38 48.92 -9.35
C LEU C 427 -0.13 49.57 -8.05
N GLN C 428 -0.60 48.75 -7.11
CA GLN C 428 -1.08 49.20 -5.81
C GLN C 428 0.09 49.22 -4.83
N TRP C 429 0.34 50.39 -4.25
CA TRP C 429 1.40 50.53 -3.27
C TRP C 429 0.82 50.97 -1.95
N PRO C 430 1.28 50.37 -0.83
CA PRO C 430 2.30 49.31 -0.75
C PRO C 430 1.75 48.01 -1.27
N CYS C 431 2.65 47.14 -1.66
CA CYS C 431 2.40 45.83 -2.23
C CYS C 431 1.47 45.00 -1.34
N PRO C 432 0.22 44.77 -1.75
CA PRO C 432 -0.72 44.08 -0.86
C PRO C 432 -0.84 42.58 -1.03
N TRP C 433 -0.38 41.84 -0.03
CA TRP C 433 -0.54 40.40 0.16
C TRP C 433 -0.11 39.51 -1.05
N GLN C 434 1.12 39.69 -1.50
CA GLN C 434 1.71 38.84 -2.53
C GLN C 434 2.62 37.86 -1.81
N GLN C 435 2.30 36.56 -1.85
CA GLN C 435 3.09 35.53 -1.18
C GLN C 435 4.19 35.02 -2.07
N ALA C 436 5.44 35.23 -1.69
CA ALA C 436 6.57 34.76 -2.46
C ALA C 436 7.13 33.49 -1.87
N THR C 437 7.07 32.37 -2.61
CA THR C 437 7.63 31.10 -2.15
C THR C 437 8.91 30.80 -2.90
N MET C 438 9.99 30.54 -2.17
CA MET C 438 11.26 30.20 -2.77
C MET C 438 11.62 28.80 -2.41
N THR C 439 11.86 27.92 -3.39
CA THR C 439 12.20 26.55 -3.08
C THR C 439 13.54 26.12 -3.65
N LEU C 440 14.37 25.54 -2.80
CA LEU C 440 15.65 24.99 -3.19
C LEU C 440 15.43 23.53 -3.60
N LEU C 441 15.35 23.28 -4.91
CA LEU C 441 15.06 21.98 -5.46
C LEU C 441 16.09 20.88 -5.13
N ASP C 442 15.61 19.77 -4.54
CA ASP C 442 16.38 18.57 -4.35
C ASP C 442 16.23 17.83 -5.66
N GLN C 443 17.24 17.89 -6.53
CA GLN C 443 17.22 17.37 -7.90
C GLN C 443 17.17 15.83 -8.06
N ASN C 444 16.43 15.13 -7.20
CA ASN C 444 16.31 13.67 -7.27
C ASN C 444 15.55 13.22 -8.52
N PRO C 445 15.99 12.13 -9.17
CA PRO C 445 15.23 11.62 -10.33
C PRO C 445 13.72 11.46 -10.06
N ASP C 446 13.32 10.85 -8.91
CA ASP C 446 11.91 10.70 -8.55
C ASP C 446 11.39 11.91 -7.81
N ILE C 447 10.28 12.50 -8.29
CA ILE C 447 9.64 13.66 -7.66
C ILE C 447 9.02 13.22 -6.31
N ARG C 448 8.59 11.94 -6.17
CA ARG C 448 8.09 11.45 -4.88
C ARG C 448 9.21 11.34 -3.81
N GLN C 449 10.47 11.57 -4.17
CA GLN C 449 11.60 11.42 -3.28
C GLN C 449 12.40 12.70 -3.10
N ARG C 450 11.79 13.84 -3.35
CA ARG C 450 12.46 15.11 -3.21
C ARG C 450 12.05 15.76 -1.91
N MET C 451 13.05 16.19 -1.13
CA MET C 451 12.86 16.91 0.11
C MET C 451 13.35 18.31 -0.12
N SER C 452 12.76 18.97 -1.12
CA SER C 452 13.11 20.34 -1.48
C SER C 452 12.80 21.27 -0.31
N ASN C 453 13.65 22.29 -0.07
CA ASN C 453 13.55 23.27 1.03
C ASN C 453 12.69 24.48 0.61
N GLN C 454 11.51 24.68 1.24
CA GLN C 454 10.62 25.75 0.79
C GLN C 454 10.30 26.85 1.86
N ARG C 455 10.45 28.12 1.47
CA ARG C 455 10.11 29.24 2.36
C ARG C 455 9.17 30.24 1.68
N SER C 456 8.26 30.85 2.46
CA SER C 456 7.29 31.82 1.96
C SER C 456 7.20 33.06 2.85
N ILE C 457 7.06 34.24 2.20
CA ILE C 457 6.85 35.53 2.84
C ILE C 457 5.68 36.21 2.12
N THR C 458 4.83 36.93 2.86
CA THR C 458 3.68 37.61 2.26
C THR C 458 3.84 39.08 2.50
N THR C 459 3.89 39.88 1.41
CA THR C 459 4.06 41.32 1.52
C THR C 459 2.88 41.92 2.31
N ASP C 460 3.19 42.48 3.49
CA ASP C 460 2.20 43.14 4.32
C ASP C 460 2.21 44.61 3.94
N PRO C 461 1.09 45.11 3.39
CA PRO C 461 1.04 46.53 2.99
C PRO C 461 1.10 47.52 4.17
N PHE C 462 1.01 47.04 5.41
CA PHE C 462 1.03 47.91 6.59
C PHE C 462 2.39 47.88 7.32
N MET C 463 3.37 47.07 6.85
CA MET C 463 4.67 47.01 7.49
C MET C 463 5.48 48.27 7.22
N THR C 464 6.04 48.84 8.29
CA THR C 464 6.84 50.05 8.23
C THR C 464 8.31 49.81 8.64
N THR C 465 9.20 50.72 8.23
CA THR C 465 10.61 50.66 8.59
C THR C 465 10.91 51.75 9.68
N ASP C 466 12.15 51.79 10.21
CA ASP C 466 12.48 52.75 11.27
C ASP C 466 12.28 54.22 10.86
N ASN C 467 12.25 54.50 9.54
CA ASN C 467 12.04 55.88 9.07
C ASN C 467 10.55 56.25 8.88
N GLY C 468 9.65 55.30 9.14
CA GLY C 468 8.21 55.50 9.01
C GLY C 468 7.67 55.23 7.63
N ASN C 469 8.52 54.71 6.73
CA ASN C 469 8.17 54.40 5.36
C ASN C 469 7.60 53.00 5.27
N TYR C 470 6.75 52.72 4.27
CA TYR C 470 6.23 51.37 4.11
C TYR C 470 7.31 50.50 3.53
N PHE C 471 7.50 49.28 4.09
CA PHE C 471 8.54 48.35 3.64
C PHE C 471 8.29 47.90 2.22
N TRP C 472 7.03 47.62 1.89
CA TRP C 472 6.69 47.17 0.54
C TRP C 472 6.12 48.29 -0.33
N ASP C 473 6.52 49.53 -0.08
CA ASP C 473 6.10 50.67 -0.89
C ASP C 473 6.86 50.60 -2.23
N ARG C 474 6.55 51.53 -3.17
CA ARG C 474 7.20 51.58 -4.47
C ARG C 474 8.72 51.63 -4.36
N PRO C 475 9.43 50.71 -5.03
CA PRO C 475 10.91 50.70 -4.92
C PRO C 475 11.58 52.03 -5.28
N SER C 476 10.94 52.84 -6.14
CA SER C 476 11.50 54.14 -6.51
C SER C 476 11.35 55.19 -5.38
N LYS C 477 10.55 54.90 -4.34
CA LYS C 477 10.34 55.79 -3.20
C LYS C 477 11.28 55.41 -2.03
N VAL C 478 11.22 54.15 -1.59
CA VAL C 478 11.93 53.60 -0.44
C VAL C 478 13.12 52.70 -0.79
N GLY C 479 13.49 52.60 -2.06
CA GLY C 479 14.55 51.68 -2.48
C GLY C 479 15.94 52.24 -2.69
N THR C 480 16.94 51.33 -2.65
CA THR C 480 18.37 51.58 -2.83
C THR C 480 18.77 51.31 -4.29
N VAL C 481 19.71 52.10 -4.86
CA VAL C 481 20.07 51.91 -6.28
C VAL C 481 21.02 50.71 -6.42
N ALA C 482 20.62 49.77 -7.30
CA ALA C 482 21.31 48.53 -7.63
C ALA C 482 21.62 48.46 -9.16
N LEU C 483 22.51 47.54 -9.59
CA LEU C 483 22.81 47.41 -11.02
C LEU C 483 22.35 46.10 -11.58
N PHE C 484 21.84 46.15 -12.82
CA PHE C 484 21.49 44.93 -13.54
C PHE C 484 22.79 44.34 -14.13
N SER C 485 22.74 43.10 -14.65
CA SER C 485 23.93 42.48 -15.24
C SER C 485 24.51 43.32 -16.39
N ASN C 486 23.66 44.08 -17.09
CA ASN C 486 24.12 44.94 -18.17
C ASN C 486 24.59 46.34 -17.72
N GLY C 487 24.63 46.61 -16.42
CA GLY C 487 25.07 47.90 -15.90
C GLY C 487 24.04 49.00 -15.85
N THR C 488 22.76 48.66 -16.09
CA THR C 488 21.69 49.67 -16.01
C THR C 488 21.28 49.76 -14.54
N GLN C 489 21.14 50.99 -14.03
CA GLN C 489 20.73 51.18 -12.65
C GLN C 489 19.24 50.86 -12.51
N PHE C 490 18.88 50.34 -11.35
CA PHE C 490 17.50 50.08 -10.99
C PHE C 490 17.33 50.33 -9.48
N ARG C 491 16.09 50.33 -8.99
CA ARG C 491 15.82 50.59 -7.58
C ARG C 491 15.37 49.30 -6.96
N ARG C 492 16.03 48.85 -5.87
CA ARG C 492 15.74 47.60 -5.19
C ARG C 492 15.19 47.87 -3.78
N GLY C 493 13.96 47.43 -3.55
CA GLY C 493 13.31 47.54 -2.26
C GLY C 493 13.90 46.56 -1.27
N GLY C 494 13.67 46.81 0.02
CA GLY C 494 14.19 45.96 1.08
C GLY C 494 13.97 44.47 0.92
N GLY C 495 14.94 43.70 1.40
CA GLY C 495 14.89 42.24 1.36
C GLY C 495 14.12 41.67 2.52
N TYR C 496 13.62 40.46 2.40
CA TYR C 496 12.80 39.88 3.46
C TYR C 496 12.69 38.42 3.23
N GLY C 497 13.23 37.67 4.18
CA GLY C 497 13.25 36.23 4.13
C GLY C 497 13.80 35.66 5.39
N THR C 498 14.89 34.89 5.26
CA THR C 498 15.48 34.23 6.41
C THR C 498 16.98 34.09 6.29
N SER C 499 17.63 34.22 7.42
CA SER C 499 19.08 34.06 7.51
C SER C 499 19.48 32.59 7.52
N ALA C 500 18.56 31.67 7.94
CA ALA C 500 18.78 30.22 8.01
C ALA C 500 17.81 29.45 7.07
N PHE C 501 17.91 29.68 5.77
CA PHE C 501 17.11 29.00 4.78
C PHE C 501 17.52 27.52 4.76
N ILE C 502 18.83 27.25 4.74
CA ILE C 502 19.37 25.89 4.78
C ILE C 502 20.81 25.89 5.34
N THR C 503 21.22 24.88 6.18
CA THR C 503 22.62 24.85 6.62
C THR C 503 23.50 24.44 5.42
N HIS C 504 24.80 24.78 5.45
CA HIS C 504 25.69 24.44 4.32
C HIS C 504 25.84 22.93 4.19
N GLU C 505 25.77 22.21 5.30
CA GLU C 505 25.83 20.76 5.30
C GLU C 505 24.59 20.16 4.68
N ARG C 506 23.40 20.75 4.90
CA ARG C 506 22.16 20.23 4.31
C ARG C 506 22.13 20.51 2.82
N LEU C 507 22.59 21.69 2.42
CA LEU C 507 22.69 22.11 1.02
C LEU C 507 23.60 21.10 0.25
N LYS C 508 24.71 20.70 0.87
CA LYS C 508 25.64 19.72 0.30
C LYS C 508 25.10 18.26 0.43
N SER C 509 23.92 18.05 1.00
CA SER C 509 23.33 16.73 1.14
C SER C 509 22.29 16.52 0.05
N ARG C 510 21.81 15.29 -0.10
CA ARG C 510 20.81 14.86 -1.06
C ARG C 510 21.27 15.26 -2.49
N ASP C 511 20.44 15.93 -3.32
CA ASP C 511 20.81 16.31 -4.69
C ASP C 511 20.54 17.78 -5.00
N PHE C 512 20.36 18.65 -4.01
CA PHE C 512 20.17 20.10 -4.22
C PHE C 512 21.19 20.67 -5.21
N ILE C 513 22.43 20.16 -5.13
CA ILE C 513 23.53 20.51 -6.01
C ILE C 513 23.86 19.33 -6.89
N LYS C 514 23.37 19.32 -8.12
CA LYS C 514 23.66 18.24 -9.06
C LYS C 514 24.35 18.85 -10.27
N GLY C 515 25.46 18.25 -10.71
CA GLY C 515 26.26 18.79 -11.81
C GLY C 515 26.74 20.21 -11.54
N ASP C 516 27.01 20.51 -10.25
CA ASP C 516 27.40 21.83 -9.75
C ASP C 516 26.35 22.89 -10.00
N ASP C 517 25.11 22.51 -10.34
CA ASP C 517 24.05 23.47 -10.57
C ASP C 517 23.02 23.40 -9.45
N VAL C 518 22.38 24.53 -9.20
CA VAL C 518 21.32 24.62 -8.18
C VAL C 518 20.08 25.30 -8.84
N TYR C 519 18.86 24.98 -8.38
CA TYR C 519 17.64 25.56 -8.94
C TYR C 519 16.74 26.11 -7.84
N ILE C 520 16.39 27.39 -7.96
CA ILE C 520 15.47 28.04 -7.02
C ILE C 520 14.14 28.26 -7.72
N LEU C 521 13.12 27.44 -7.41
CA LEU C 521 11.78 27.50 -7.99
C LEU C 521 10.96 28.56 -7.26
N LEU C 522 10.54 29.61 -8.01
CA LEU C 522 9.86 30.82 -7.53
C LEU C 522 8.39 30.93 -7.91
N THR C 523 7.55 31.24 -6.92
CA THR C 523 6.13 31.43 -7.12
C THR C 523 5.66 32.60 -6.24
N VAL C 524 5.26 33.68 -6.89
CA VAL C 524 4.72 34.87 -6.28
C VAL C 524 3.26 34.89 -6.61
N GLU C 525 2.36 34.84 -5.60
CA GLU C 525 0.94 34.84 -5.91
C GLU C 525 0.12 35.69 -4.92
N ASP C 526 -0.91 36.38 -5.45
CA ASP C 526 -1.82 37.20 -4.65
C ASP C 526 -2.69 36.29 -3.81
N ILE C 527 -2.47 36.31 -2.50
CA ILE C 527 -3.27 35.49 -1.59
C ILE C 527 -4.29 36.33 -0.80
N SER C 528 -4.56 37.58 -1.23
CA SER C 528 -5.50 38.48 -0.56
C SER C 528 -6.89 37.83 -0.32
N HIS C 529 -7.29 36.87 -1.17
CA HIS C 529 -8.58 36.19 -1.09
C HIS C 529 -8.71 35.23 0.10
N LEU C 530 -7.62 34.94 0.81
CA LEU C 530 -7.64 33.96 1.88
C LEU C 530 -8.30 34.43 3.18
N ASN C 531 -8.48 35.76 3.38
CA ASN C 531 -9.12 36.19 4.62
C ASN C 531 -10.66 36.42 4.43
N SER C 532 -11.16 37.69 4.41
CA SER C 532 -12.58 38.06 4.31
C SER C 532 -13.44 37.36 5.38
N PRO D 30 -30.82 7.77 64.72
CA PRO D 30 -29.82 8.66 64.13
C PRO D 30 -30.30 10.11 64.02
N LEU D 31 -29.37 11.08 64.02
CA LEU D 31 -29.70 12.50 63.89
C LEU D 31 -30.02 12.82 62.42
N SER D 32 -29.01 12.69 61.53
CA SER D 32 -29.10 12.92 60.09
C SER D 32 -29.94 14.18 59.72
N PRO D 33 -29.59 15.38 60.24
CA PRO D 33 -30.36 16.58 59.85
C PRO D 33 -30.06 17.03 58.42
N LEU D 34 -28.85 16.70 57.92
CA LEU D 34 -28.40 17.00 56.57
C LEU D 34 -28.96 15.96 55.60
N HIS D 35 -29.96 16.36 54.81
CA HIS D 35 -30.59 15.44 53.86
C HIS D 35 -29.88 15.46 52.51
N PRO D 36 -29.51 14.29 51.99
CA PRO D 36 -28.84 14.25 50.68
C PRO D 36 -29.77 14.65 49.55
N LEU D 37 -29.37 15.65 48.75
CA LEU D 37 -30.18 16.15 47.64
C LEU D 37 -29.49 15.90 46.28
N GLY D 38 -30.26 16.05 45.20
CA GLY D 38 -29.76 15.88 43.84
C GLY D 38 -28.77 16.94 43.42
N CYS D 39 -27.94 16.64 42.42
CA CYS D 39 -26.91 17.60 41.98
C CYS D 39 -27.41 18.44 40.82
N ASN D 40 -28.21 17.87 39.92
CA ASN D 40 -28.78 18.63 38.79
C ASN D 40 -30.08 19.37 39.19
N ASP D 41 -30.32 19.56 40.50
CA ASP D 41 -31.52 20.24 40.99
C ASP D 41 -31.44 21.74 40.67
N SER D 42 -32.60 22.38 40.46
CA SER D 42 -32.66 23.81 40.12
C SER D 42 -32.18 24.68 41.29
N GLU D 43 -32.51 24.29 42.52
CA GLU D 43 -32.09 25.02 43.70
C GLU D 43 -30.62 24.76 44.03
N VAL D 44 -30.14 23.54 43.79
CA VAL D 44 -28.75 23.15 44.08
C VAL D 44 -27.79 23.79 43.06
N LEU D 45 -28.16 23.83 41.78
CA LEU D 45 -27.30 24.40 40.75
C LEU D 45 -27.19 25.93 40.89
N ALA D 46 -28.26 26.60 41.33
CA ALA D 46 -28.23 28.06 41.48
C ALA D 46 -27.45 28.49 42.72
N VAL D 47 -27.58 27.73 43.83
CA VAL D 47 -26.88 28.02 45.09
C VAL D 47 -25.37 27.82 44.90
N ALA D 48 -24.96 26.80 44.12
CA ALA D 48 -23.56 26.53 43.85
C ALA D 48 -22.90 27.71 43.13
N GLY D 49 -23.64 28.34 42.21
CA GLY D 49 -23.17 29.49 41.46
C GLY D 49 -22.97 30.71 42.35
N PHE D 50 -23.86 30.89 43.32
CA PHE D 50 -23.75 31.99 44.27
C PHE D 50 -22.59 31.72 45.25
N ALA D 51 -22.35 30.45 45.60
CA ALA D 51 -21.25 30.05 46.48
C ALA D 51 -19.91 30.26 45.79
N LEU D 52 -19.83 29.94 44.49
CA LEU D 52 -18.61 30.14 43.72
C LEU D 52 -18.30 31.64 43.57
N GLN D 53 -19.34 32.50 43.52
CA GLN D 53 -19.18 33.94 43.42
C GLN D 53 -18.53 34.52 44.68
N ASN D 54 -18.91 34.00 45.86
CA ASN D 54 -18.35 34.48 47.12
C ASN D 54 -16.93 33.96 47.34
N ILE D 55 -16.60 32.75 46.84
CA ILE D 55 -15.26 32.18 46.98
C ILE D 55 -14.27 32.98 46.13
N ASN D 56 -14.69 33.35 44.91
CA ASN D 56 -13.87 34.15 44.01
C ASN D 56 -13.71 35.59 44.55
N ARG D 57 -14.75 36.11 45.22
CA ARG D 57 -14.70 37.46 45.82
C ARG D 57 -13.80 37.48 47.07
N ASP D 58 -13.66 36.33 47.77
CA ASP D 58 -12.79 36.28 48.96
C ASP D 58 -11.30 36.19 48.57
N GLN D 59 -10.98 35.67 47.38
CA GLN D 59 -9.60 35.54 46.96
C GLN D 59 -9.01 36.88 46.50
N LYS D 60 -7.81 37.19 46.98
CA LYS D 60 -7.08 38.42 46.59
C LYS D 60 -5.82 38.10 45.74
N ASP D 61 -5.55 36.81 45.45
CA ASP D 61 -4.42 36.37 44.66
C ASP D 61 -4.80 35.15 43.84
N GLY D 62 -4.44 35.14 42.57
CA GLY D 62 -4.73 34.00 41.70
C GLY D 62 -5.81 34.24 40.67
N TYR D 63 -6.28 33.15 40.05
CA TYR D 63 -7.29 33.23 39.01
C TYR D 63 -8.61 32.63 39.49
N MET D 64 -9.73 33.20 39.03
CA MET D 64 -11.08 32.80 39.41
C MET D 64 -11.42 31.37 39.00
N LEU D 65 -12.30 30.72 39.75
CA LEU D 65 -12.70 29.35 39.47
C LEU D 65 -14.03 29.29 38.70
N SER D 66 -14.39 28.11 38.19
CA SER D 66 -15.62 27.90 37.43
C SER D 66 -16.29 26.61 37.85
N LEU D 67 -17.61 26.62 38.00
CA LEU D 67 -18.35 25.44 38.42
C LEU D 67 -18.53 24.47 37.26
N ASN D 68 -17.86 23.30 37.33
CA ASN D 68 -17.99 22.29 36.30
C ASN D 68 -19.16 21.38 36.64
N ARG D 69 -19.21 20.89 37.88
CA ARG D 69 -20.28 20.01 38.36
C ARG D 69 -20.30 19.95 39.88
N VAL D 70 -21.45 19.64 40.45
CA VAL D 70 -21.56 19.47 41.89
C VAL D 70 -21.33 18.01 42.20
N HIS D 71 -20.32 17.68 43.02
CA HIS D 71 -20.03 16.28 43.34
C HIS D 71 -21.07 15.73 44.33
N ASP D 72 -21.43 16.51 45.36
CA ASP D 72 -22.44 16.11 46.35
C ASP D 72 -23.05 17.32 47.05
N VAL D 73 -24.29 17.18 47.56
CA VAL D 73 -24.97 18.28 48.23
C VAL D 73 -25.86 17.75 49.36
N ARG D 74 -25.82 18.44 50.51
CA ARG D 74 -26.63 18.13 51.71
C ARG D 74 -27.49 19.36 52.08
N GLU D 75 -28.66 19.14 52.70
CA GLU D 75 -29.53 20.26 53.07
C GLU D 75 -29.97 20.19 54.53
N HIS D 76 -29.72 21.26 55.28
CA HIS D 76 -30.09 21.33 56.70
C HIS D 76 -30.80 22.64 57.00
N TYR D 77 -31.85 22.59 57.82
CA TYR D 77 -32.61 23.79 58.18
C TYR D 77 -32.45 24.08 59.68
N LEU D 84 -29.01 26.38 55.17
CA LEU D 84 -27.68 25.79 55.33
C LEU D 84 -27.49 24.59 54.41
N PHE D 85 -26.48 24.65 53.54
CA PHE D 85 -26.19 23.57 52.61
C PHE D 85 -24.70 23.22 52.64
N TYR D 86 -24.37 21.93 52.87
CA TYR D 86 -22.97 21.47 52.94
C TYR D 86 -22.53 20.78 51.62
N LEU D 87 -22.42 21.57 50.53
CA LEU D 87 -22.07 21.04 49.22
C LEU D 87 -20.56 20.95 48.97
N THR D 88 -20.16 20.03 48.07
CA THR D 88 -18.79 19.79 47.62
C THR D 88 -18.78 19.90 46.08
N LEU D 89 -18.09 20.90 45.50
CA LEU D 89 -18.13 21.13 44.06
C LEU D 89 -16.80 20.95 43.31
N ASP D 90 -16.86 20.32 42.12
CA ASP D 90 -15.70 20.14 41.25
C ASP D 90 -15.54 21.42 40.42
N VAL D 91 -14.39 22.09 40.53
CA VAL D 91 -14.15 23.37 39.86
C VAL D 91 -12.97 23.34 38.84
N LEU D 92 -12.90 24.36 37.97
CA LEU D 92 -11.86 24.51 36.95
C LEU D 92 -11.44 25.98 36.88
N GLU D 93 -10.15 26.27 36.93
CA GLU D 93 -9.63 27.64 36.89
C GLU D 93 -9.88 28.31 35.52
N THR D 94 -10.20 29.63 35.52
CA THR D 94 -10.47 30.39 34.29
C THR D 94 -9.29 31.37 33.96
N ASP D 95 -9.40 32.16 32.87
CA ASP D 95 -8.36 33.10 32.46
C ASP D 95 -8.52 34.50 33.07
N CYS D 96 -9.42 34.69 34.06
CA CYS D 96 -9.58 36.01 34.69
C CYS D 96 -8.96 36.00 36.06
N HIS D 97 -8.12 36.99 36.36
CA HIS D 97 -7.54 37.12 37.70
C HIS D 97 -8.64 37.54 38.68
N VAL D 98 -8.53 37.13 39.95
CA VAL D 98 -9.54 37.48 40.96
C VAL D 98 -9.68 39.01 41.12
N LEU D 99 -8.61 39.79 40.82
CA LEU D 99 -8.66 41.25 40.93
C LEU D 99 -9.42 41.89 39.76
N SER D 100 -9.57 41.19 38.61
CA SER D 100 -10.30 41.72 37.46
C SER D 100 -11.79 41.87 37.77
N ARG D 101 -12.34 40.97 38.62
CA ARG D 101 -13.73 40.94 39.06
C ARG D 101 -14.67 40.92 37.86
N LYS D 102 -14.34 40.09 36.86
CA LYS D 102 -15.14 39.96 35.64
C LYS D 102 -16.29 38.97 35.86
N ALA D 103 -17.33 39.05 35.01
CA ALA D 103 -18.44 38.12 35.10
C ALA D 103 -18.02 36.74 34.63
N GLN D 104 -18.68 35.69 35.15
CA GLN D 104 -18.39 34.29 34.77
C GLN D 104 -18.61 34.06 33.25
N LYS D 105 -19.50 34.85 32.62
CA LYS D 105 -19.79 34.78 31.18
C LYS D 105 -18.58 35.19 30.36
N ASP D 106 -17.85 36.22 30.81
CA ASP D 106 -16.66 36.70 30.08
C ASP D 106 -15.36 36.00 30.51
N CYS D 107 -15.45 34.87 31.23
CA CYS D 107 -14.26 34.15 31.68
C CYS D 107 -14.24 32.73 31.15
N LYS D 108 -13.49 32.53 30.07
CA LYS D 108 -13.31 31.21 29.44
C LYS D 108 -12.35 30.37 30.27
N PRO D 109 -12.54 29.03 30.27
CA PRO D 109 -11.61 28.18 31.05
C PRO D 109 -10.24 28.07 30.40
N ARG D 110 -9.23 27.67 31.18
CA ARG D 110 -7.88 27.51 30.65
C ARG D 110 -7.80 26.33 29.68
N MET D 111 -6.86 26.40 28.74
CA MET D 111 -6.63 25.34 27.75
C MET D 111 -6.21 24.02 28.47
N PHE D 112 -6.28 22.88 27.77
CA PHE D 112 -5.98 21.58 28.36
C PHE D 112 -4.52 21.44 28.82
N TYR D 113 -3.56 22.07 28.13
CA TYR D 113 -2.15 21.95 28.48
C TYR D 113 -1.74 22.75 29.71
N GLU D 114 -2.59 23.68 30.15
CA GLU D 114 -2.36 24.58 31.28
C GLU D 114 -3.49 24.54 32.32
N SER D 115 -4.37 23.52 32.26
CA SER D 115 -5.50 23.44 33.17
C SER D 115 -5.09 23.29 34.62
N VAL D 116 -5.93 23.84 35.51
CA VAL D 116 -5.81 23.78 36.96
C VAL D 116 -7.20 23.49 37.49
N TYR D 117 -7.42 22.29 38.02
CA TYR D 117 -8.74 21.88 38.49
C TYR D 117 -8.68 21.26 39.89
N GLY D 118 -9.83 21.12 40.54
CA GLY D 118 -9.88 20.51 41.87
C GLY D 118 -11.25 20.49 42.50
N GLN D 119 -11.31 20.37 43.83
CA GLN D 119 -12.57 20.34 44.56
C GLN D 119 -12.65 21.50 45.54
N CYS D 120 -13.87 21.94 45.82
CA CYS D 120 -14.10 23.02 46.75
C CYS D 120 -15.25 22.69 47.67
N LYS D 121 -14.96 22.34 48.93
CA LYS D 121 -16.00 22.06 49.91
C LYS D 121 -16.43 23.40 50.51
N ALA D 122 -17.73 23.69 50.51
CA ALA D 122 -18.23 24.96 51.03
C ALA D 122 -19.58 24.84 51.72
N MET D 123 -19.89 25.78 52.62
CA MET D 123 -21.17 25.81 53.32
C MET D 123 -21.83 27.18 53.15
N PHE D 124 -23.08 27.22 52.68
CA PHE D 124 -23.79 28.49 52.48
C PHE D 124 -25.26 28.39 52.90
N HIS D 125 -25.70 29.27 53.82
CA HIS D 125 -27.08 29.28 54.32
C HIS D 125 -27.92 30.34 53.60
N ILE D 126 -28.97 29.91 52.88
CA ILE D 126 -29.82 30.84 52.13
C ILE D 126 -31.19 31.02 52.77
N ASN D 127 -31.36 32.09 53.56
CA ASN D 127 -32.63 32.44 54.20
C ASN D 127 -33.58 33.04 53.16
N LYS D 128 -34.43 32.21 52.54
CA LYS D 128 -35.37 32.63 51.50
C LYS D 128 -36.45 33.65 51.99
N PRO D 129 -37.16 33.45 53.13
CA PRO D 129 -38.18 34.43 53.52
C PRO D 129 -37.62 35.79 53.95
N ARG D 130 -36.35 35.84 54.41
CA ARG D 130 -35.74 37.11 54.84
C ARG D 130 -34.85 37.75 53.75
N ARG D 131 -34.71 37.11 52.57
CA ARG D 131 -33.90 37.57 51.44
C ARG D 131 -32.45 37.79 51.88
N VAL D 132 -31.81 36.73 52.41
CA VAL D 132 -30.44 36.82 52.88
C VAL D 132 -29.62 35.60 52.44
N LEU D 133 -28.41 35.83 51.90
CA LEU D 133 -27.52 34.76 51.45
C LEU D 133 -26.12 34.94 52.06
N TYR D 134 -25.57 33.90 52.69
CA TYR D 134 -24.25 34.00 53.33
C TYR D 134 -23.47 32.69 53.29
N LEU D 135 -22.13 32.77 53.26
CA LEU D 135 -21.26 31.60 53.25
C LEU D 135 -20.15 31.80 54.30
N PRO D 136 -20.33 31.22 55.50
CA PRO D 136 -19.33 31.44 56.57
C PRO D 136 -17.95 30.79 56.35
N ALA D 137 -17.88 29.59 55.72
CA ALA D 137 -16.58 28.94 55.51
C ALA D 137 -16.51 28.12 54.22
N TYR D 138 -15.32 28.07 53.63
CA TYR D 138 -14.99 27.34 52.40
C TYR D 138 -13.55 26.82 52.45
N ASN D 139 -13.26 25.79 51.68
CA ASN D 139 -11.90 25.27 51.60
C ASN D 139 -11.70 24.61 50.26
N CYS D 140 -10.62 24.95 49.57
CA CYS D 140 -10.38 24.42 48.23
C CYS D 140 -9.04 23.73 48.12
N THR D 141 -8.96 22.76 47.21
CA THR D 141 -7.72 22.05 46.92
C THR D 141 -7.67 21.85 45.41
N LEU D 142 -6.68 22.46 44.75
CA LEU D 142 -6.53 22.35 43.30
C LEU D 142 -5.18 21.72 42.92
N ARG D 143 -5.14 21.08 41.76
CA ARG D 143 -3.92 20.46 41.24
C ARG D 143 -3.75 20.78 39.77
N PRO D 144 -2.54 21.14 39.32
CA PRO D 144 -2.32 21.35 37.89
C PRO D 144 -2.35 20.03 37.14
N VAL D 145 -2.80 20.05 35.87
CA VAL D 145 -2.87 18.84 35.05
C VAL D 145 -1.44 18.26 34.87
N SER D 146 -1.30 16.92 34.94
CA SER D 146 0.00 16.25 34.84
C SER D 146 0.70 16.61 33.54
N LYS D 147 1.89 17.21 33.64
CA LYS D 147 2.68 17.60 32.47
C LYS D 147 3.04 16.37 31.61
N ARG D 148 3.10 15.15 32.21
CA ARG D 148 3.39 13.94 31.44
C ARG D 148 2.20 13.65 30.54
N LYS D 149 0.98 13.73 31.08
CA LYS D 149 -0.25 13.46 30.34
C LYS D 149 -0.47 14.45 29.21
N THR D 150 -0.12 15.73 29.42
CA THR D 150 -0.32 16.73 28.37
C THR D 150 0.73 16.59 27.25
N HIS D 151 1.88 15.94 27.49
CA HIS D 151 2.86 15.76 26.41
C HIS D 151 2.71 14.42 25.68
N THR D 152 2.04 13.45 26.29
CA THR D 152 1.69 12.24 25.56
C THR D 152 0.53 12.61 24.62
N THR D 153 -0.39 13.49 25.07
CA THR D 153 -1.55 13.90 24.27
C THR D 153 -1.26 15.08 23.37
N CYS D 154 -0.16 15.83 23.59
CA CYS D 154 0.20 16.99 22.78
C CYS D 154 1.67 17.28 22.95
N PRO D 155 2.55 16.61 22.19
CA PRO D 155 4.00 16.77 22.39
C PRO D 155 4.56 18.19 22.21
N ASP D 156 4.03 18.95 21.25
CA ASP D 156 4.56 20.28 20.96
C ASP D 156 3.81 21.42 21.75
N CYS D 157 2.89 21.05 22.65
CA CYS D 157 2.12 22.00 23.45
C CYS D 157 3.01 22.73 24.45
N PRO D 158 2.65 23.98 24.81
CA PRO D 158 3.41 24.66 25.85
C PRO D 158 3.01 24.12 27.22
N SER D 159 3.98 23.90 28.11
CA SER D 159 3.69 23.43 29.46
C SER D 159 4.16 24.47 30.46
N PRO D 160 3.45 24.59 31.59
CA PRO D 160 3.80 25.64 32.57
C PRO D 160 5.14 25.42 33.26
N ILE D 161 5.78 26.53 33.63
CA ILE D 161 7.05 26.53 34.36
C ILE D 161 6.86 27.25 35.71
N ASP D 162 7.89 27.17 36.60
CA ASP D 162 7.87 27.82 37.90
C ASP D 162 7.68 29.32 37.75
N LEU D 163 6.86 29.93 38.62
CA LEU D 163 6.63 31.38 38.52
C LEU D 163 7.90 32.17 38.82
N SER D 164 8.78 31.62 39.67
CA SER D 164 10.06 32.20 40.02
C SER D 164 11.19 31.87 39.00
N ASN D 165 10.84 31.39 37.78
CA ASN D 165 11.83 31.05 36.75
C ASN D 165 12.48 32.32 36.24
N PRO D 166 13.82 32.39 36.23
CA PRO D 166 14.50 33.61 35.77
C PRO D 166 14.13 34.01 34.34
N SER D 167 13.90 33.00 33.48
CA SER D 167 13.54 33.22 32.11
C SER D 167 12.11 33.72 31.98
N ALA D 168 11.22 33.30 32.88
CA ALA D 168 9.86 33.79 32.88
C ALA D 168 9.85 35.25 33.31
N LEU D 169 10.66 35.58 34.35
CA LEU D 169 10.85 36.94 34.85
C LEU D 169 11.42 37.85 33.75
N GLU D 170 12.34 37.32 32.95
CA GLU D 170 12.95 38.07 31.87
C GLU D 170 11.92 38.33 30.81
N ALA D 171 11.11 37.33 30.46
CA ALA D 171 10.05 37.51 29.46
C ALA D 171 9.03 38.54 29.94
N ALA D 172 8.75 38.57 31.24
CA ALA D 172 7.82 39.52 31.83
C ALA D 172 8.37 40.94 31.73
N THR D 173 9.65 41.19 32.11
CA THR D 173 10.23 42.52 31.97
C THR D 173 10.36 42.97 30.50
N GLU D 174 10.76 42.06 29.60
CA GLU D 174 10.93 42.37 28.19
C GLU D 174 9.62 42.77 27.54
N SER D 175 8.53 42.14 27.94
CA SER D 175 7.22 42.44 27.39
C SER D 175 6.68 43.72 27.98
N LEU D 176 6.90 43.94 29.29
CA LEU D 176 6.47 45.17 29.95
C LEU D 176 7.22 46.37 29.39
N ALA D 177 8.48 46.20 28.97
CA ALA D 177 9.25 47.28 28.36
C ALA D 177 8.61 47.69 27.04
N LYS D 178 8.08 46.72 26.26
CA LYS D 178 7.42 46.99 25.00
C LYS D 178 6.14 47.81 25.23
N PHE D 179 5.32 47.42 26.20
CA PHE D 179 4.09 48.15 26.51
C PHE D 179 4.41 49.57 27.02
N ASN D 180 5.47 49.70 27.82
CA ASN D 180 5.89 51.00 28.34
C ASN D 180 6.51 51.85 27.23
N SER D 181 7.12 51.24 26.21
CA SER D 181 7.65 52.00 25.07
C SER D 181 6.48 52.59 24.24
N LYS D 182 5.33 51.91 24.20
CA LYS D 182 4.15 52.40 23.51
C LYS D 182 3.45 53.48 24.35
N SER D 183 3.47 53.35 25.69
CA SER D 183 2.86 54.34 26.58
C SER D 183 3.60 55.69 26.58
N PRO D 184 2.88 56.77 26.24
CA PRO D 184 3.54 58.07 26.12
C PRO D 184 3.53 58.96 27.37
N SER D 185 2.96 58.49 28.49
CA SER D 185 2.98 59.30 29.73
C SER D 185 2.73 58.46 31.00
N LYS D 186 2.29 57.21 30.86
CA LYS D 186 2.07 56.36 32.01
C LYS D 186 3.08 55.26 32.00
N LYS D 187 3.80 55.05 33.12
CA LYS D 187 4.76 53.95 33.18
C LYS D 187 4.31 52.93 34.23
N TYR D 188 4.55 51.66 33.96
CA TYR D 188 4.06 50.61 34.83
C TYR D 188 5.19 49.69 35.24
N GLU D 189 5.24 49.40 36.54
CA GLU D 189 6.21 48.50 37.15
C GLU D 189 5.67 47.08 37.17
N LEU D 190 6.55 46.09 37.37
CA LEU D 190 6.09 44.72 37.50
C LEU D 190 5.83 44.44 38.96
N VAL D 191 4.70 43.77 39.25
CA VAL D 191 4.39 43.41 40.63
C VAL D 191 4.86 41.96 40.85
N LYS D 192 4.24 40.98 40.19
CA LYS D 192 4.62 39.59 40.32
C LYS D 192 4.21 38.82 39.09
N VAL D 193 4.82 37.66 38.86
CA VAL D 193 4.45 36.79 37.74
C VAL D 193 3.31 35.91 38.23
N THR D 194 2.15 35.96 37.57
CA THR D 194 0.99 35.20 38.00
C THR D 194 0.88 33.83 37.29
N LYS D 195 1.26 33.75 36.00
CA LYS D 195 1.26 32.49 35.23
C LYS D 195 2.51 32.43 34.36
N ALA D 196 3.12 31.26 34.22
CA ALA D 196 4.33 31.13 33.42
C ALA D 196 4.30 29.82 32.63
N MET D 197 4.76 29.87 31.39
CA MET D 197 4.72 28.74 30.48
C MET D 197 5.93 28.73 29.54
N ASN D 198 6.24 27.57 28.96
CA ASN D 198 7.37 27.46 28.04
C ASN D 198 7.08 26.43 26.97
N GLN D 199 7.61 26.67 25.78
CA GLN D 199 7.56 25.72 24.67
C GLN D 199 8.69 26.04 23.68
N TRP D 200 8.76 25.28 22.59
CA TRP D 200 9.79 25.44 21.59
C TRP D 200 9.16 25.74 20.25
N VAL D 201 9.19 27.00 19.81
CA VAL D 201 8.64 27.35 18.48
C VAL D 201 9.66 27.00 17.42
N SER D 202 10.89 27.43 17.65
CA SER D 202 12.12 27.10 16.93
C SER D 202 13.21 27.79 17.69
N GLY D 203 13.25 27.49 18.97
CA GLY D 203 14.03 28.11 20.00
C GLY D 203 13.12 28.45 21.17
N PRO D 204 13.71 28.97 22.24
CA PRO D 204 12.94 29.29 23.44
C PRO D 204 11.68 30.13 23.22
N ALA D 205 10.59 29.80 23.93
CA ALA D 205 9.34 30.56 23.86
C ALA D 205 8.69 30.63 25.23
N TYR D 206 8.55 31.82 25.79
CA TYR D 206 7.97 31.97 27.13
C TYR D 206 6.65 32.71 27.06
N TYR D 207 5.66 32.25 27.83
CA TYR D 207 4.33 32.83 27.87
C TYR D 207 3.95 33.18 29.31
N VAL D 208 4.20 34.41 29.72
CA VAL D 208 3.93 34.83 31.09
C VAL D 208 2.74 35.79 31.19
N GLU D 209 2.13 35.83 32.38
CA GLU D 209 1.07 36.72 32.81
C GLU D 209 1.57 37.40 34.08
N TYR D 210 1.39 38.71 34.24
CA TYR D 210 1.93 39.40 35.42
C TYR D 210 1.11 40.62 35.81
N LEU D 211 1.15 40.96 37.09
CA LEU D 211 0.43 42.12 37.59
C LEU D 211 1.27 43.40 37.43
N ILE D 212 0.64 44.52 37.07
CA ILE D 212 1.37 45.77 36.86
C ILE D 212 0.87 46.86 37.82
N LYS D 213 1.78 47.68 38.36
CA LYS D 213 1.42 48.78 39.25
C LYS D 213 1.83 50.11 38.64
N GLU D 214 1.09 51.18 38.96
CA GLU D 214 1.42 52.50 38.43
C GLU D 214 2.69 52.96 39.10
N ALA D 215 3.82 52.98 38.36
CA ALA D 215 5.14 53.40 38.85
C ALA D 215 5.06 54.76 39.58
N PRO D 216 5.90 55.04 40.61
CA PRO D 216 5.77 56.34 41.30
C PRO D 216 5.88 57.52 40.34
N CYS D 217 5.00 58.53 40.49
CA CYS D 217 4.95 59.73 39.64
C CYS D 217 6.35 60.37 39.51
N THR D 218 7.06 60.09 38.39
CA THR D 218 8.41 60.60 38.14
C THR D 218 8.41 61.80 37.17
N LYS D 219 7.63 62.85 37.49
CA LYS D 219 7.54 64.03 36.65
C LYS D 219 8.15 65.28 37.35
N SER D 220 8.26 66.40 36.62
CA SER D 220 8.83 67.64 37.16
C SER D 220 7.95 68.33 38.22
N GLN D 221 6.69 67.88 38.40
CA GLN D 221 5.78 68.46 39.40
C GLN D 221 6.08 67.91 40.80
N ALA D 222 6.32 68.82 41.77
CA ALA D 222 6.63 68.47 43.15
C ALA D 222 5.42 67.90 43.91
N SER D 223 4.19 68.25 43.50
CA SER D 223 2.99 67.75 44.16
C SER D 223 2.54 66.38 43.62
N CYS D 224 2.44 66.24 42.27
CA CYS D 224 1.99 65.03 41.56
C CYS D 224 0.51 64.71 41.86
N SER D 225 -0.31 65.76 42.13
CA SER D 225 -1.75 65.72 42.43
C SER D 225 -2.09 64.87 43.68
N LEU D 226 -1.15 64.77 44.65
CA LEU D 226 -1.25 63.97 45.89
C LEU D 226 -1.53 62.49 45.58
N GLN D 227 -0.92 61.96 44.49
CA GLN D 227 -1.12 60.59 44.01
C GLN D 227 -0.65 59.52 45.01
N HIS D 228 -1.61 58.87 45.69
CA HIS D 228 -1.32 57.82 46.64
C HIS D 228 -1.63 56.44 46.02
N SER D 229 -1.27 56.27 44.73
CA SER D 229 -1.46 55.01 43.99
C SER D 229 -0.40 53.99 44.41
N ASP D 230 -0.59 53.40 45.60
CA ASP D 230 0.33 52.46 46.24
C ASP D 230 0.66 51.22 45.39
N SER D 231 1.33 50.23 45.99
CA SER D 231 1.74 48.95 45.39
C SER D 231 0.56 48.08 44.94
N GLU D 232 -0.68 48.59 44.98
CA GLU D 232 -1.85 47.84 44.57
C GLU D 232 -1.85 47.72 43.06
N PRO D 233 -2.07 46.50 42.54
CA PRO D 233 -2.05 46.30 41.09
C PRO D 233 -3.19 47.04 40.40
N VAL D 234 -2.87 47.61 39.24
CA VAL D 234 -3.83 48.37 38.42
C VAL D 234 -4.36 47.52 37.23
N GLY D 235 -3.66 46.44 36.88
CA GLY D 235 -4.07 45.56 35.79
C GLY D 235 -3.19 44.34 35.65
N ILE D 236 -3.44 43.53 34.62
CA ILE D 236 -2.66 42.33 34.35
C ILE D 236 -2.26 42.31 32.86
N CYS D 237 -1.04 41.83 32.55
CA CYS D 237 -0.57 41.81 31.18
C CYS D 237 -0.12 40.43 30.73
N GLN D 238 -0.55 40.03 29.54
CA GLN D 238 -0.11 38.78 28.93
C GLN D 238 1.03 39.12 27.97
N GLY D 239 2.16 38.45 28.12
CA GLY D 239 3.31 38.67 27.26
C GLY D 239 3.94 37.39 26.73
N SER D 240 4.84 37.54 25.74
CA SER D 240 5.54 36.39 25.18
C SER D 240 6.89 36.79 24.58
N THR D 241 7.80 35.83 24.49
CA THR D 241 9.10 35.99 23.84
C THR D 241 9.36 34.77 22.97
N VAL D 242 9.82 34.96 21.75
CA VAL D 242 10.21 33.86 20.87
C VAL D 242 11.59 34.18 20.36
N GLN D 243 12.56 33.32 20.65
CA GLN D 243 13.92 33.53 20.19
C GLN D 243 14.31 32.44 19.20
N SER D 244 13.98 32.65 17.92
CA SER D 244 14.23 31.70 16.84
C SER D 244 15.14 32.28 15.77
N SER D 245 15.81 31.44 14.97
CA SER D 245 16.68 31.93 13.90
C SER D 245 15.98 31.93 12.52
N LEU D 246 14.64 32.16 12.45
CA LEU D 246 13.92 32.15 11.16
C LEU D 246 13.19 33.53 10.85
N ARG D 247 12.33 33.61 9.80
CA ARG D 247 11.58 34.76 9.21
C ARG D 247 11.87 36.14 9.80
N HIS D 248 12.66 36.93 9.08
CA HIS D 248 13.06 38.24 9.54
C HIS D 248 13.28 39.18 8.35
N VAL D 249 13.42 40.47 8.63
CA VAL D 249 13.67 41.49 7.61
C VAL D 249 15.09 41.34 6.99
N PRO D 250 15.59 42.22 6.09
CA PRO D 250 16.94 42.01 5.54
C PRO D 250 18.02 42.38 6.54
N LEU D 251 19.30 42.30 6.13
CA LEU D 251 20.39 42.71 7.01
C LEU D 251 20.23 44.19 7.49
N ILE D 252 19.37 44.97 6.79
CA ILE D 252 19.03 46.36 7.06
C ILE D 252 18.58 46.54 8.54
N GLN D 253 18.19 45.46 9.28
CA GLN D 253 17.88 45.56 10.71
C GLN D 253 17.27 44.26 11.31
N PRO D 254 17.94 43.09 11.23
CA PRO D 254 17.37 41.87 11.83
C PRO D 254 17.14 42.02 13.33
N VAL D 255 15.95 41.65 13.83
CA VAL D 255 15.64 41.80 15.25
C VAL D 255 15.97 40.48 16.01
N GLU D 256 16.48 40.57 17.28
CA GLU D 256 16.89 39.39 18.06
C GLU D 256 15.67 38.50 18.51
N LYS D 257 14.89 38.95 19.50
CA LYS D 257 13.72 38.20 19.97
C LYS D 257 12.41 38.80 19.39
N SER D 258 11.34 38.03 19.45
CA SER D 258 10.01 38.42 18.99
C SER D 258 9.12 38.62 20.21
N VAL D 259 8.84 39.86 20.59
CA VAL D 259 8.05 40.15 21.80
C VAL D 259 6.62 40.60 21.48
N THR D 260 5.67 40.14 22.30
CA THR D 260 4.26 40.52 22.28
C THR D 260 3.82 40.90 23.70
N VAL D 261 2.90 41.84 23.84
CA VAL D 261 2.39 42.27 25.14
C VAL D 261 0.96 42.80 24.97
N THR D 262 0.08 42.50 25.91
CA THR D 262 -1.30 42.94 25.89
C THR D 262 -1.70 43.20 27.31
N CYS D 263 -2.27 44.38 27.60
CA CYS D 263 -2.64 44.71 28.97
C CYS D 263 -4.12 44.95 29.15
N GLU D 264 -4.65 44.39 30.24
CA GLU D 264 -6.05 44.50 30.63
C GLU D 264 -6.12 45.08 32.04
N PHE D 265 -6.73 46.26 32.19
CA PHE D 265 -6.81 46.95 33.47
C PHE D 265 -8.07 46.62 34.28
N PHE D 266 -7.97 46.75 35.61
CA PHE D 266 -9.07 46.48 36.52
C PHE D 266 -9.87 47.76 36.76
N GLU D 267 -11.16 47.60 37.00
CA GLU D 267 -12.08 48.73 37.17
C GLU D 267 -13.11 48.45 38.29
N ARG D 304 -13.70 33.13 56.05
CA ARG D 304 -12.98 32.17 56.87
C ARG D 304 -12.67 30.90 56.09
N GLY D 305 -11.52 30.87 55.45
CA GLY D 305 -11.11 29.73 54.65
C GLY D 305 -9.98 30.02 53.69
N SER D 306 -9.59 29.03 52.87
CA SER D 306 -8.48 29.20 51.94
C SER D 306 -8.50 28.22 50.75
N ILE D 307 -7.82 28.60 49.66
CA ILE D 307 -7.61 27.76 48.49
C ILE D 307 -6.17 27.29 48.50
N GLN D 308 -5.95 25.99 48.76
CA GLN D 308 -4.59 25.42 48.81
C GLN D 308 -4.25 24.76 47.48
N HIS D 309 -3.01 24.93 47.01
CA HIS D 309 -2.59 24.34 45.75
C HIS D 309 -1.59 23.21 45.97
N LEU D 310 -2.01 21.99 45.63
CA LEU D 310 -1.18 20.79 45.75
C LEU D 310 -0.42 20.55 44.43
N PRO D 311 0.71 19.81 44.45
CA PRO D 311 1.46 19.58 43.20
C PRO D 311 0.74 18.64 42.22
N GLU D 312 1.35 18.36 41.05
CA GLU D 312 0.79 17.49 40.01
C GLU D 312 0.39 16.09 40.55
N LEU D 313 -0.40 15.32 39.80
CA LEU D 313 -0.79 13.97 40.21
C LEU D 313 -0.24 12.92 39.23
N ASP D 314 1.07 12.97 38.91
CA ASP D 314 1.66 12.03 37.95
C ASP D 314 1.89 10.62 38.53
N ASP D 315 1.98 10.53 39.88
CA ASP D 315 2.24 9.33 40.69
C ASP D 315 1.73 8.02 40.07
N GLU D 316 2.65 7.26 39.43
CA GLU D 316 2.41 5.96 38.81
C GLU D 316 1.42 6.09 37.60
N LYS D 317 0.51 5.12 37.38
CA LYS D 317 -0.46 5.13 36.28
C LYS D 317 -1.87 4.92 36.80
N SER D 325 -9.68 3.45 42.74
CA SER D 325 -8.95 4.62 43.22
C SER D 325 -8.96 4.69 44.74
N PRO D 326 -7.79 4.85 45.35
CA PRO D 326 -7.72 4.85 46.82
C PRO D 326 -7.66 6.25 47.45
N GLU D 327 -6.56 7.01 47.21
CA GLU D 327 -6.35 8.32 47.80
C GLU D 327 -7.29 9.35 47.24
N GLU D 328 -7.73 10.25 48.12
CA GLU D 328 -8.61 11.36 47.76
C GLU D 328 -7.85 12.27 46.84
N ALA D 329 -8.28 12.38 45.57
CA ALA D 329 -7.63 13.22 44.56
C ALA D 329 -7.49 14.66 45.05
N PHE D 330 -8.53 15.15 45.72
CA PHE D 330 -8.54 16.48 46.32
C PHE D 330 -9.07 16.37 47.74
N PRO D 331 -8.18 16.06 48.70
CA PRO D 331 -8.65 15.93 50.08
C PRO D 331 -8.90 17.29 50.70
N VAL D 332 -10.16 17.61 50.97
CA VAL D 332 -10.50 18.90 51.57
C VAL D 332 -11.04 18.69 52.98
N GLN D 333 -10.73 19.61 53.90
CA GLN D 333 -11.20 19.51 55.27
C GLN D 333 -12.02 20.73 55.66
N LEU D 334 -13.35 20.62 55.71
CA LEU D 334 -14.18 21.74 56.11
C LEU D 334 -15.11 21.35 57.25
N ASP D 335 -14.60 21.45 58.49
CA ASP D 335 -15.39 21.12 59.66
C ASP D 335 -15.53 22.35 60.54
N LEU D 336 -16.77 22.79 60.77
CA LEU D 336 -17.02 23.95 61.62
C LEU D 336 -16.90 23.57 63.10
N THR D 337 -17.38 22.38 63.46
CA THR D 337 -17.32 21.86 64.82
C THR D 337 -17.11 20.35 64.77
N THR D 338 -16.13 19.83 65.53
CA THR D 338 -15.82 18.41 65.55
C THR D 338 -16.90 17.59 66.28
N ASN D 339 -17.71 18.22 67.15
CA ASN D 339 -18.76 17.56 67.91
C ASN D 339 -19.93 17.12 67.01
N PRO D 340 -20.47 15.91 67.24
CA PRO D 340 -21.58 15.42 66.39
C PRO D 340 -22.93 16.10 66.68
N GLN D 341 -23.09 16.72 67.86
CA GLN D 341 -24.33 17.41 68.21
C GLN D 341 -24.45 18.72 67.42
N GLY D 342 -23.35 19.44 67.30
CA GLY D 342 -23.31 20.68 66.54
C GLY D 342 -23.06 21.92 67.37
N ASP D 343 -23.11 23.08 66.74
CA ASP D 343 -22.90 24.36 67.41
C ASP D 343 -23.75 25.47 66.75
N THR D 344 -23.93 26.60 67.45
CA THR D 344 -24.73 27.70 66.93
C THR D 344 -23.84 28.83 66.44
N LEU D 345 -24.19 29.42 65.29
CA LEU D 345 -23.45 30.53 64.71
C LEU D 345 -24.31 31.78 64.77
N ASP D 346 -23.90 32.77 65.59
CA ASP D 346 -24.64 34.02 65.77
C ASP D 346 -24.66 34.86 64.50
N VAL D 347 -25.72 34.71 63.70
CA VAL D 347 -25.90 35.46 62.47
C VAL D 347 -26.71 36.73 62.75
N SER D 348 -26.14 37.63 63.56
CA SER D 348 -26.78 38.89 63.95
C SER D 348 -26.86 39.90 62.79
N PHE D 349 -26.03 39.74 61.74
CA PHE D 349 -26.04 40.64 60.58
C PHE D 349 -27.29 40.46 59.71
N LEU D 350 -28.07 39.39 59.90
CA LEU D 350 -29.29 39.18 59.11
C LEU D 350 -30.47 39.94 59.72
N PRO D 354 -29.59 42.18 67.80
CA PRO D 354 -30.66 42.75 66.98
C PRO D 354 -31.47 41.65 66.29
N GLY D 355 -32.23 40.92 67.08
CA GLY D 355 -33.06 39.84 66.55
C GLY D 355 -32.79 38.48 67.14
N ASP D 356 -31.57 38.27 67.68
CA ASP D 356 -31.12 37.01 68.29
C ASP D 356 -31.24 35.85 67.28
N LYS D 357 -30.52 35.94 66.16
CA LYS D 357 -30.56 34.92 65.12
C LYS D 357 -29.39 33.95 65.23
N LYS D 358 -29.70 32.66 65.45
CA LYS D 358 -28.69 31.62 65.55
C LYS D 358 -28.71 30.71 64.31
N LEU D 359 -27.63 29.94 64.07
CA LEU D 359 -27.56 29.07 62.90
C LEU D 359 -27.03 27.69 63.30
N VAL D 360 -27.80 26.63 63.05
CA VAL D 360 -27.38 25.27 63.41
C VAL D 360 -26.26 24.78 62.50
N VAL D 361 -25.20 24.23 63.10
CA VAL D 361 -24.04 23.70 62.37
C VAL D 361 -23.79 22.22 62.72
N LEU D 362 -22.98 21.52 61.90
CA LEU D 362 -22.65 20.10 62.08
C LEU D 362 -21.30 19.76 61.42
N PRO D 363 -20.61 18.68 61.82
CA PRO D 363 -19.32 18.34 61.18
C PRO D 363 -19.46 17.99 59.69
N PHE D 364 -18.35 18.07 58.94
CA PHE D 364 -18.31 17.80 57.48
C PHE D 364 -18.99 16.49 57.10
N PRO D 365 -19.93 16.56 56.15
CA PRO D 365 -20.62 15.33 55.73
C PRO D 365 -19.67 14.43 54.94
N GLY D 366 -19.63 13.17 55.31
CA GLY D 366 -18.76 12.20 54.65
C GLY D 366 -19.44 11.46 53.52
N LYS D 367 -18.77 10.43 53.01
CA LYS D 367 -19.29 9.59 51.93
C LYS D 367 -20.30 8.54 52.46
N GLU D 368 -20.95 7.76 51.56
CA GLU D 368 -21.92 6.69 51.85
C GLU D 368 -23.35 7.21 52.07
N GLN D 369 -23.52 8.33 52.79
CA GLN D 369 -24.85 8.89 53.02
C GLN D 369 -25.23 9.91 51.93
N ARG D 370 -24.80 9.65 50.69
CA ARG D 370 -25.06 10.53 49.54
C ARG D 370 -26.18 9.98 48.67
N SER D 371 -26.83 10.86 47.89
CA SER D 371 -27.91 10.44 47.00
C SER D 371 -27.35 9.93 45.68
N ALA D 372 -27.98 8.89 45.11
CA ALA D 372 -27.57 8.30 43.83
C ALA D 372 -27.72 9.29 42.67
N GLU D 373 -28.63 10.26 42.78
CA GLU D 373 -28.83 11.27 41.76
C GLU D 373 -27.88 12.46 41.98
N CYS D 374 -26.66 12.22 42.50
CA CYS D 374 -25.70 13.30 42.72
C CYS D 374 -24.26 12.98 42.26
N PRO D 375 -24.02 12.32 41.10
CA PRO D 375 -22.62 12.19 40.62
C PRO D 375 -22.16 13.53 40.03
N GLY D 376 -23.06 14.23 39.33
CA GLY D 376 -22.79 15.53 38.73
C GLY D 376 -22.58 15.49 37.23
N PRO D 377 -23.41 16.21 36.47
CA PRO D 377 -23.20 16.25 35.01
C PRO D 377 -22.03 17.16 34.66
N GLU D 378 -20.91 16.58 34.19
CA GLU D 378 -19.71 17.34 33.87
C GLU D 378 -19.94 18.31 32.71
N LYS D 379 -19.87 19.61 32.99
CA LYS D 379 -20.05 20.63 31.96
C LYS D 379 -18.78 20.78 31.11
#